data_3WRW
#
_entry.id   3WRW
#
_cell.length_a   77.970
_cell.length_b   105.280
_cell.length_c   110.620
_cell.angle_alpha   94.56
_cell.angle_beta   109.27
_cell.angle_gamma   107.99
#
_symmetry.space_group_name_H-M   'P 1'
#
loop_
_entity.id
_entity.type
_entity.pdbx_description
1 polymer 'Tm-1 protein'
2 non-polymer 'L(+)-TARTARIC ACID'
3 water water
#
_entity_poly.entity_id   1
_entity_poly.type   'polypeptide(L)'
_entity_poly.pdbx_seq_one_letter_code
;(MSE)ATAQSNSPRVFCIGTADTKFDELRFLSEHVRSSLNSFSNKSSFKVGVTVVDVSTSWKETNSCADFDFVPSKDVLS
CHTLGEET(MSE)GTFADIRGLAIAI(MSE)SKALETFLSIANDEQNLAGVIGLGGSGGTSLLSSAFRSLPIGIPKVIIS
TVASGQTESYIGTSDLVLFPSVVDICGINNVSKVVLSNAGAAFAG(MSE)VIGRLESSKEHSITNGKFTVGVT(MSE)FG
VTTPCVNAVKERLVKEGYETLVFHATGVGGRA(MSE)EDLVRGGFIQGVLDITTTEVADYVVGGV(MSE)ACDSSRFDAI
LEKKIPLVLSVGALD(MSE)VNFGPKTTIPPEFQQRKIHEHNEQVSL(MSE)RTTVGENKKFAAFIAEKLNKASSSVCVC
LPEKGVSALDAPGKDFYDPEATSCLTRELQ(MSE)LLENNERCQVKVLPYHINDAEFANALVDSFLEISPK
;
_entity_poly.pdbx_strand_id   A,B,C,D,E,F
#
loop_
_chem_comp.id
_chem_comp.type
_chem_comp.name
_chem_comp.formula
TLA non-polymer 'L(+)-TARTARIC ACID' 'C4 H6 O6'
#
# COMPACT_ATOMS: atom_id res chain seq x y z
N SER A 8 -25.54 30.12 45.96
CA SER A 8 -25.16 28.82 46.54
C SER A 8 -25.69 27.65 45.67
N PRO A 9 -24.97 26.50 45.67
CA PRO A 9 -25.15 25.46 44.67
C PRO A 9 -26.49 24.70 44.73
N ARG A 10 -26.95 24.26 43.56
CA ARG A 10 -28.27 23.71 43.43
C ARG A 10 -28.29 22.72 42.31
N VAL A 11 -28.95 21.58 42.51
CA VAL A 11 -29.07 20.50 41.49
C VAL A 11 -30.53 20.39 41.04
N PHE A 12 -30.80 19.71 39.94
CA PHE A 12 -32.14 19.66 39.39
C PHE A 12 -32.55 18.23 39.07
N CYS A 13 -33.67 17.76 39.63
CA CYS A 13 -34.17 16.43 39.28
C CYS A 13 -35.35 16.61 38.40
N ILE A 14 -35.18 16.19 37.15
CA ILE A 14 -36.07 16.60 36.09
C ILE A 14 -36.75 15.39 35.48
N GLY A 15 -38.07 15.48 35.39
CA GLY A 15 -38.85 14.37 34.85
C GLY A 15 -40.24 14.81 34.51
N THR A 16 -41.01 13.85 34.01
CA THR A 16 -42.42 14.04 33.74
C THR A 16 -43.20 13.57 34.97
N ALA A 17 -43.48 14.51 35.89
CA ALA A 17 -44.20 14.17 37.12
C ALA A 17 -45.52 13.51 36.79
N ASP A 18 -46.22 14.00 35.77
CA ASP A 18 -47.54 13.47 35.43
C ASP A 18 -47.60 11.94 35.50
N THR A 19 -46.60 11.25 34.97
CA THR A 19 -46.63 9.81 34.85
C THR A 19 -45.58 9.09 35.73
N LYS A 20 -44.57 9.82 36.17
CA LYS A 20 -43.45 9.19 36.87
C LYS A 20 -43.20 9.82 38.26
N PHE A 21 -44.29 10.21 38.93
CA PHE A 21 -44.19 11.04 40.14
C PHE A 21 -43.46 10.35 41.28
N ASP A 22 -43.83 9.10 41.49
CA ASP A 22 -43.25 8.34 42.56
C ASP A 22 -41.78 8.10 42.40
N GLU A 23 -41.37 7.83 41.16
CA GLU A 23 -39.99 7.56 40.83
C GLU A 23 -39.25 8.89 40.96
N LEU A 24 -39.86 9.96 40.49
CA LEU A 24 -39.14 11.23 40.55
C LEU A 24 -38.86 11.66 41.97
N ARG A 25 -39.87 11.52 42.81
CA ARG A 25 -39.77 11.87 44.22
C ARG A 25 -38.77 10.97 44.94
N PHE A 26 -38.87 9.68 44.71
CA PHE A 26 -37.93 8.79 45.28
C PHE A 26 -36.49 9.19 44.87
N LEU A 27 -36.21 9.25 43.57
CA LEU A 27 -34.92 9.72 43.12
C LEU A 27 -34.48 10.96 43.83
N SER A 28 -35.33 11.98 43.88
CA SER A 28 -34.89 13.27 44.44
C SER A 28 -34.59 13.11 45.91
N GLU A 29 -35.27 12.20 46.58
CA GLU A 29 -35.13 12.00 48.01
C GLU A 29 -33.76 11.44 48.25
N HIS A 30 -33.41 10.46 47.42
CA HIS A 30 -32.11 9.84 47.51
C HIS A 30 -30.97 10.77 47.16
N VAL A 31 -31.18 11.63 46.18
CA VAL A 31 -30.18 12.60 45.85
C VAL A 31 -29.92 13.51 47.03
N ARG A 32 -30.97 13.95 47.70
CA ARG A 32 -30.84 14.87 48.82
C ARG A 32 -30.10 14.24 49.95
N SER A 33 -30.55 13.07 50.35
CA SER A 33 -29.85 12.27 51.34
C SER A 33 -28.35 12.14 51.03
N SER A 34 -28.07 11.58 49.87
CA SER A 34 -26.73 11.31 49.49
C SER A 34 -25.97 12.63 49.45
N LEU A 35 -26.56 13.67 48.88
CA LEU A 35 -25.84 14.93 48.87
C LEU A 35 -25.35 15.16 50.27
N ASN A 36 -26.30 15.38 51.18
CA ASN A 36 -26.04 15.66 52.60
C ASN A 36 -25.04 14.74 53.31
N SER A 37 -25.22 13.46 53.22
CA SER A 37 -24.30 12.58 53.86
C SER A 37 -22.85 12.62 53.31
N PHE A 38 -22.70 12.84 52.00
CA PHE A 38 -21.41 12.77 51.37
C PHE A 38 -20.68 14.05 51.64
N SER A 39 -21.44 15.13 51.81
CA SER A 39 -20.87 16.43 52.02
C SER A 39 -20.06 16.48 53.33
N ASN A 40 -20.31 15.53 54.24
CA ASN A 40 -19.53 15.39 55.49
C ASN A 40 -18.15 14.73 55.26
N LYS A 41 -17.06 15.50 55.36
CA LYS A 41 -17.04 16.79 56.06
C LYS A 41 -17.19 18.01 55.15
N SER A 42 -17.99 18.98 55.59
CA SER A 42 -18.03 20.35 55.04
C SER A 42 -19.32 21.10 55.43
N SER A 43 -19.43 22.31 54.89
CA SER A 43 -20.57 23.20 55.08
C SER A 43 -21.16 23.60 53.70
N PHE A 44 -21.92 24.70 53.67
CA PHE A 44 -22.86 24.98 52.57
C PHE A 44 -23.77 23.75 52.43
N LYS A 45 -24.68 23.73 51.48
CA LYS A 45 -25.57 22.57 51.38
C LYS A 45 -26.40 22.71 50.14
N VAL A 46 -26.45 21.64 49.35
CA VAL A 46 -26.91 21.78 48.00
C VAL A 46 -28.41 21.63 47.91
N GLY A 47 -29.06 22.60 47.29
CA GLY A 47 -30.48 22.52 47.05
C GLY A 47 -30.79 21.50 45.97
N VAL A 48 -31.85 20.72 46.18
CA VAL A 48 -32.42 19.88 45.14
C VAL A 48 -33.76 20.48 44.71
N THR A 49 -33.87 20.78 43.42
CA THR A 49 -35.10 21.36 42.86
C THR A 49 -35.80 20.41 41.93
N VAL A 50 -36.94 19.84 42.30
CA VAL A 50 -37.60 19.00 41.31
C VAL A 50 -38.26 19.85 40.20
N VAL A 51 -38.31 19.33 38.97
CA VAL A 51 -38.88 20.08 37.84
C VAL A 51 -39.60 19.21 36.84
N ASP A 52 -40.81 19.66 36.47
CA ASP A 52 -41.68 18.89 35.61
C ASP A 52 -41.50 19.33 34.17
N VAL A 53 -41.35 18.36 33.27
CA VAL A 53 -41.18 18.66 31.87
C VAL A 53 -42.22 17.81 31.18
N SER A 54 -43.38 17.74 31.82
CA SER A 54 -44.54 17.03 31.26
C SER A 54 -45.18 17.85 30.14
N THR A 55 -45.69 17.17 29.14
CA THR A 55 -46.36 17.89 28.05
C THR A 55 -47.89 17.75 28.11
N SER A 56 -48.39 16.71 28.81
CA SER A 56 -49.82 16.57 29.17
C SER A 56 -50.32 17.83 29.84
N TRP A 57 -51.62 18.05 29.77
CA TRP A 57 -52.22 19.19 30.46
C TRP A 57 -52.23 18.95 31.94
N LYS A 58 -52.30 17.67 32.33
CA LYS A 58 -52.34 17.23 33.75
C LYS A 58 -51.41 18.02 34.68
N GLU A 59 -51.95 18.87 35.54
CA GLU A 59 -51.08 19.79 36.29
C GLU A 59 -50.55 19.11 37.55
N THR A 60 -49.28 19.36 37.84
CA THR A 60 -48.63 18.91 39.07
C THR A 60 -47.98 20.14 39.64
N ASN A 61 -48.18 20.39 40.92
CA ASN A 61 -47.77 21.67 41.48
C ASN A 61 -46.87 21.55 42.68
N SER A 62 -46.71 20.32 43.15
CA SER A 62 -45.75 20.07 44.18
C SER A 62 -45.26 18.63 44.15
N CYS A 63 -44.17 18.42 44.88
CA CYS A 63 -43.56 17.12 45.10
C CYS A 63 -42.83 17.12 46.46
N ALA A 64 -43.30 16.20 47.32
CA ALA A 64 -42.92 16.16 48.74
C ALA A 64 -42.62 17.58 49.24
N ASP A 65 -41.40 17.86 49.69
CA ASP A 65 -41.14 19.15 50.33
C ASP A 65 -40.13 20.00 49.56
N PHE A 66 -39.99 19.72 48.26
CA PHE A 66 -38.88 20.22 47.45
C PHE A 66 -39.35 21.45 46.73
N ASP A 67 -38.44 22.40 46.59
CA ASP A 67 -38.66 23.50 45.65
C ASP A 67 -38.95 22.88 44.29
N PHE A 68 -40.13 23.20 43.75
CA PHE A 68 -40.67 22.51 42.58
C PHE A 68 -41.03 23.49 41.48
N VAL A 69 -40.67 23.16 40.23
CA VAL A 69 -41.06 24.01 39.11
C VAL A 69 -41.83 23.16 38.16
N PRO A 70 -43.09 23.50 37.93
CA PRO A 70 -43.92 22.73 37.00
C PRO A 70 -43.66 23.10 35.53
N SER A 71 -44.23 22.30 34.64
CA SER A 71 -44.28 22.59 33.23
C SER A 71 -44.48 24.06 32.88
N LYS A 72 -45.57 24.69 33.36
CA LYS A 72 -45.83 26.09 32.96
C LYS A 72 -44.54 26.89 32.96
N ASP A 73 -43.87 26.83 34.10
CA ASP A 73 -42.78 27.76 34.40
C ASP A 73 -41.57 27.49 33.53
N VAL A 74 -41.32 26.22 33.23
CA VAL A 74 -40.31 25.85 32.23
C VAL A 74 -40.71 26.51 30.88
N LEU A 75 -41.81 26.03 30.30
CA LEU A 75 -42.34 26.52 29.02
C LEU A 75 -42.34 28.01 28.82
N SER A 76 -42.56 28.79 29.87
CA SER A 76 -42.52 30.26 29.79
C SER A 76 -41.25 30.73 29.09
N CYS A 77 -40.10 30.51 29.72
CA CYS A 77 -38.83 31.14 29.31
C CYS A 77 -38.23 30.61 28.00
N HIS A 78 -38.93 29.72 27.31
CA HIS A 78 -38.56 29.34 25.95
C HIS A 78 -38.58 30.54 25.04
N THR A 79 -37.58 30.61 24.15
CA THR A 79 -37.45 31.71 23.17
C THR A 79 -38.07 31.32 21.81
N ALA A 89 -48.81 20.09 13.16
CA ALA A 89 -47.83 19.19 12.53
C ALA A 89 -47.98 17.74 13.06
N ASP A 90 -46.97 17.24 13.80
CA ASP A 90 -47.08 15.93 14.50
C ASP A 90 -47.07 16.07 16.05
N ILE A 91 -47.41 17.28 16.52
CA ILE A 91 -47.61 17.64 17.93
C ILE A 91 -46.78 16.96 19.00
N ARG A 92 -46.82 15.62 19.11
CA ARG A 92 -45.96 14.96 20.07
C ARG A 92 -44.56 15.51 19.87
N GLY A 93 -44.01 15.24 18.68
CA GLY A 93 -42.65 15.63 18.41
C GLY A 93 -42.52 17.12 18.65
N LEU A 94 -43.49 17.87 18.16
CA LEU A 94 -43.36 19.31 18.24
C LEU A 94 -43.35 19.71 19.74
N ALA A 95 -44.18 19.04 20.55
CA ALA A 95 -44.31 19.32 21.98
C ALA A 95 -43.02 18.96 22.68
N ILE A 96 -42.48 17.78 22.34
CA ILE A 96 -41.13 17.38 22.78
C ILE A 96 -40.04 18.40 22.37
N ALA A 97 -40.00 18.69 21.09
CA ALA A 97 -39.13 19.69 20.59
C ALA A 97 -39.14 20.94 21.48
N ILE A 98 -40.32 21.46 21.76
CA ILE A 98 -40.45 22.73 22.45
C ILE A 98 -40.09 22.56 23.91
N MSE A 99 -40.54 21.45 24.50
CA MSE A 99 -40.33 21.25 25.91
C MSE A 99 -38.84 21.23 26.02
O MSE A 99 -38.26 21.98 26.86
CB MSE A 99 -41.00 19.99 26.46
CG MSE A 99 -40.79 19.79 27.97
SE MSE A 99 -40.95 21.45 29.02
CE MSE A 99 -42.79 21.10 29.63
N SER A 100 -38.19 20.45 25.14
CA SER A 100 -36.75 20.31 25.19
C SER A 100 -36.02 21.64 25.04
N LYS A 101 -36.39 22.40 24.02
CA LYS A 101 -35.84 23.72 23.84
C LYS A 101 -36.08 24.56 25.07
N ALA A 102 -37.28 24.46 25.65
CA ALA A 102 -37.65 25.21 26.84
C ALA A 102 -36.65 24.91 27.96
N LEU A 103 -36.47 23.61 28.21
CA LEU A 103 -35.59 23.13 29.27
C LEU A 103 -34.16 23.64 29.13
N GLU A 104 -33.61 23.49 27.91
CA GLU A 104 -32.29 24.02 27.57
C GLU A 104 -32.13 25.45 28.02
N THR A 105 -33.10 26.29 27.62
CA THR A 105 -33.05 27.71 27.95
C THR A 105 -33.20 27.94 29.46
N PHE A 106 -34.01 27.11 30.13
CA PHE A 106 -34.18 27.23 31.55
C PHE A 106 -32.89 26.93 32.30
N LEU A 107 -32.14 25.92 31.83
CA LEU A 107 -30.88 25.56 32.47
C LEU A 107 -29.79 26.57 32.27
N SER A 108 -29.63 27.06 31.04
CA SER A 108 -28.71 28.17 30.79
C SER A 108 -28.86 29.27 31.85
N ILE A 109 -30.09 29.71 32.08
CA ILE A 109 -30.36 30.79 33.04
C ILE A 109 -29.92 30.28 34.38
N ALA A 110 -30.37 29.08 34.73
CA ALA A 110 -29.92 28.45 35.97
C ALA A 110 -28.40 28.54 36.10
N ASN A 111 -27.67 28.19 35.03
CA ASN A 111 -26.20 28.18 35.04
C ASN A 111 -25.51 29.53 35.09
N ASP A 112 -26.15 30.57 34.53
CA ASP A 112 -25.63 31.94 34.56
C ASP A 112 -25.35 32.47 35.95
N GLU A 113 -26.25 32.19 36.89
CA GLU A 113 -26.02 32.51 38.31
C GLU A 113 -24.86 31.69 38.90
N GLN A 114 -24.16 30.92 38.04
CA GLN A 114 -22.96 30.18 38.39
C GLN A 114 -23.21 29.14 39.49
N ASN A 115 -24.50 28.91 39.76
CA ASN A 115 -24.97 28.12 40.90
C ASN A 115 -25.57 26.77 40.46
N LEU A 116 -25.45 26.42 39.18
CA LEU A 116 -25.90 25.13 38.73
C LEU A 116 -24.84 24.12 39.04
N ALA A 117 -25.05 23.30 40.05
CA ALA A 117 -24.10 22.30 40.48
C ALA A 117 -24.25 20.95 39.78
N GLY A 118 -25.36 20.74 39.06
CA GLY A 118 -25.65 19.39 38.57
C GLY A 118 -27.08 19.18 38.13
N VAL A 119 -27.26 18.21 37.25
CA VAL A 119 -28.54 17.90 36.69
C VAL A 119 -28.63 16.42 36.43
N ILE A 120 -29.78 15.86 36.78
CA ILE A 120 -30.05 14.44 36.76
C ILE A 120 -31.49 14.35 36.26
N GLY A 121 -31.85 13.28 35.56
CA GLY A 121 -33.18 13.16 35.00
C GLY A 121 -33.61 11.72 34.83
N LEU A 122 -34.89 11.51 34.61
CA LEU A 122 -35.32 10.22 34.15
C LEU A 122 -36.23 10.36 32.98
N GLY A 123 -36.18 9.34 32.15
CA GLY A 123 -36.82 9.36 30.88
C GLY A 123 -36.93 7.96 30.33
N GLY A 124 -37.98 7.74 29.56
CA GLY A 124 -38.01 6.65 28.60
C GLY A 124 -37.42 7.15 27.30
N SER A 125 -37.76 6.45 26.22
CA SER A 125 -37.32 6.79 24.85
C SER A 125 -37.43 8.28 24.55
N GLY A 126 -38.62 8.82 24.75
CA GLY A 126 -38.86 10.21 24.42
C GLY A 126 -38.21 11.08 25.43
N GLY A 127 -38.25 10.66 26.69
CA GLY A 127 -37.67 11.46 27.80
C GLY A 127 -36.16 11.58 27.69
N THR A 128 -35.51 10.45 27.39
CA THR A 128 -34.07 10.48 27.08
C THR A 128 -33.82 11.48 25.93
N SER A 129 -34.62 11.40 24.88
CA SER A 129 -34.49 12.43 23.85
C SER A 129 -34.71 13.88 24.37
N LEU A 130 -35.63 14.09 25.29
CA LEU A 130 -35.90 15.44 25.78
C LEU A 130 -34.77 15.93 26.67
N LEU A 131 -34.39 15.13 27.67
CA LEU A 131 -33.35 15.50 28.64
C LEU A 131 -31.97 15.63 27.96
N SER A 132 -31.70 14.71 27.03
CA SER A 132 -30.38 14.64 26.37
C SER A 132 -29.92 15.89 25.66
N SER A 133 -30.73 16.35 24.71
CA SER A 133 -30.49 17.61 24.04
C SER A 133 -30.23 18.71 25.04
N ALA A 134 -31.07 18.83 26.06
CA ALA A 134 -30.95 19.94 26.99
C ALA A 134 -29.72 19.83 27.86
N PHE A 135 -29.33 18.61 28.23
CA PHE A 135 -28.18 18.44 29.13
C PHE A 135 -26.84 18.62 28.45
N ARG A 136 -26.77 18.21 27.18
CA ARG A 136 -25.46 18.27 26.53
C ARG A 136 -25.11 19.69 26.03
N SER A 137 -25.96 20.67 26.27
CA SER A 137 -25.61 22.08 26.01
C SER A 137 -24.91 22.71 27.22
N LEU A 138 -24.90 22.03 28.35
CA LEU A 138 -24.25 22.58 29.53
C LEU A 138 -22.79 22.19 29.45
N PRO A 139 -21.89 23.06 29.94
CA PRO A 139 -20.46 22.77 29.93
C PRO A 139 -20.08 21.38 30.35
N ILE A 140 -19.13 20.80 29.61
CA ILE A 140 -18.43 19.59 30.04
C ILE A 140 -17.94 19.84 31.45
N GLY A 141 -18.09 18.83 32.30
CA GLY A 141 -17.77 18.96 33.70
C GLY A 141 -18.96 19.07 34.65
N ILE A 142 -20.03 19.76 34.25
CA ILE A 142 -21.19 19.85 35.12
C ILE A 142 -21.90 18.52 35.07
N PRO A 143 -22.09 17.88 36.22
CA PRO A 143 -22.61 16.53 36.22
C PRO A 143 -23.96 16.43 35.52
N LYS A 144 -24.08 15.46 34.62
CA LYS A 144 -25.29 15.32 33.82
C LYS A 144 -25.66 13.87 33.73
N VAL A 145 -26.71 13.47 34.43
CA VAL A 145 -27.07 12.08 34.43
C VAL A 145 -28.48 11.94 33.96
N ILE A 146 -28.78 10.77 33.40
CA ILE A 146 -30.12 10.38 33.06
C ILE A 146 -30.24 8.91 33.30
N ILE A 147 -31.28 8.50 34.02
CA ILE A 147 -31.60 7.06 34.12
C ILE A 147 -32.59 6.86 33.01
N SER A 148 -32.36 5.85 32.18
CA SER A 148 -33.00 5.77 30.87
C SER A 148 -33.27 4.35 30.46
N THR A 149 -34.45 4.13 29.91
CA THR A 149 -34.85 2.81 29.43
C THR A 149 -34.12 2.45 28.13
N VAL A 150 -33.38 3.42 27.58
CA VAL A 150 -32.69 3.23 26.33
C VAL A 150 -31.18 3.51 26.40
N ALA A 151 -30.60 3.24 27.55
CA ALA A 151 -29.18 3.34 27.72
C ALA A 151 -28.46 2.22 26.95
N SER A 152 -29.14 1.07 26.77
CA SER A 152 -28.49 -0.19 26.35
C SER A 152 -28.82 -0.44 24.92
N GLY A 153 -28.59 0.57 24.09
CA GLY A 153 -28.89 0.49 22.68
C GLY A 153 -27.91 1.33 21.91
N GLN A 154 -28.37 2.48 21.44
CA GLN A 154 -27.65 3.27 20.48
C GLN A 154 -27.81 4.70 20.90
N THR A 155 -26.71 5.28 21.35
CA THR A 155 -26.74 6.42 22.25
C THR A 155 -26.09 7.68 21.73
N GLU A 156 -25.59 7.62 20.50
CA GLU A 156 -24.85 8.74 19.91
C GLU A 156 -25.76 9.92 19.74
N SER A 157 -26.98 9.63 19.36
CA SER A 157 -28.01 10.64 19.21
C SER A 157 -28.13 11.42 20.50
N TYR A 158 -28.01 10.73 21.64
CA TYR A 158 -28.22 11.37 22.94
C TYR A 158 -26.94 11.98 23.48
N ILE A 159 -25.86 11.19 23.53
CA ILE A 159 -24.65 11.65 24.22
C ILE A 159 -23.87 12.62 23.37
N GLY A 160 -23.90 12.39 22.04
CA GLY A 160 -23.08 13.18 21.11
C GLY A 160 -21.61 13.07 21.54
N THR A 161 -20.91 14.19 21.49
CA THR A 161 -19.54 14.29 22.03
C THR A 161 -19.41 14.83 23.51
N SER A 162 -20.52 14.84 24.27
CA SER A 162 -20.54 15.36 25.63
C SER A 162 -20.19 14.30 26.69
N ASP A 163 -20.17 14.72 27.95
CA ASP A 163 -19.97 13.77 29.05
C ASP A 163 -21.28 13.25 29.65
N LEU A 164 -22.41 13.41 28.96
CA LEU A 164 -23.68 12.90 29.44
C LEU A 164 -23.55 11.48 29.86
N VAL A 165 -24.02 11.12 31.07
CA VAL A 165 -24.00 9.70 31.51
C VAL A 165 -25.39 9.11 31.60
N LEU A 166 -25.61 8.01 30.91
CA LEU A 166 -26.88 7.32 30.88
C LEU A 166 -26.80 6.03 31.69
N PHE A 167 -27.51 5.96 32.80
CA PHE A 167 -27.56 4.76 33.56
C PHE A 167 -28.68 3.91 33.04
N PRO A 168 -28.40 2.66 32.76
CA PRO A 168 -29.49 1.77 32.36
C PRO A 168 -30.49 1.50 33.48
N SER A 169 -31.78 1.81 33.20
CA SER A 169 -32.89 1.60 34.14
C SER A 169 -33.19 0.19 34.44
N VAL A 170 -32.72 -0.75 33.64
CA VAL A 170 -32.81 -2.20 33.95
C VAL A 170 -34.18 -2.83 33.77
N VAL A 171 -35.24 -2.07 34.10
CA VAL A 171 -36.61 -2.44 33.89
C VAL A 171 -37.24 -1.15 33.46
N ASP A 172 -38.54 -1.14 33.28
CA ASP A 172 -39.22 0.07 32.91
C ASP A 172 -39.33 1.03 34.06
N ILE A 173 -39.51 2.30 33.70
CA ILE A 173 -39.95 3.29 34.65
C ILE A 173 -41.46 3.13 34.75
N CYS A 174 -41.89 2.75 35.95
CA CYS A 174 -43.10 2.02 36.12
C CYS A 174 -43.27 1.77 37.61
N GLY A 175 -43.34 2.85 38.36
CA GLY A 175 -43.53 2.78 39.79
C GLY A 175 -42.31 2.29 40.54
N ILE A 176 -42.32 2.55 41.83
CA ILE A 176 -41.30 2.05 42.72
C ILE A 176 -41.43 0.54 42.90
N ASN A 177 -40.30 -0.16 42.87
CA ASN A 177 -40.27 -1.59 43.22
C ASN A 177 -38.86 -1.97 43.58
N ASN A 178 -38.60 -3.25 43.82
CA ASN A 178 -37.26 -3.69 44.25
C ASN A 178 -36.21 -3.16 43.31
N VAL A 179 -36.34 -3.51 42.02
CA VAL A 179 -35.33 -3.24 41.03
C VAL A 179 -35.17 -1.73 40.86
N SER A 180 -36.25 -1.00 40.61
CA SER A 180 -36.05 0.45 40.39
C SER A 180 -35.65 1.21 41.68
N LYS A 181 -36.03 0.73 42.85
CA LYS A 181 -35.46 1.28 44.09
C LYS A 181 -33.91 1.20 44.11
N VAL A 182 -33.32 0.06 43.79
CA VAL A 182 -31.85 -0.01 43.85
C VAL A 182 -31.16 0.79 42.69
N VAL A 183 -31.69 0.67 41.48
CA VAL A 183 -31.14 1.41 40.37
C VAL A 183 -31.21 2.94 40.64
N LEU A 184 -32.41 3.47 40.89
CA LEU A 184 -32.57 4.86 41.23
C LEU A 184 -31.65 5.24 42.39
N SER A 185 -31.42 4.33 43.33
CA SER A 185 -30.61 4.65 44.48
C SER A 185 -29.14 4.79 44.10
N ASN A 186 -28.69 3.87 43.26
CA ASN A 186 -27.31 3.96 42.81
C ASN A 186 -27.16 5.16 41.90
N ALA A 187 -28.17 5.53 41.11
CA ALA A 187 -27.98 6.69 40.24
C ALA A 187 -27.88 7.98 41.03
N GLY A 188 -28.73 8.14 42.06
CA GLY A 188 -28.71 9.32 42.94
C GLY A 188 -27.44 9.47 43.78
N ALA A 189 -26.90 8.33 44.25
CA ALA A 189 -25.61 8.33 44.92
C ALA A 189 -24.47 8.63 43.93
N ALA A 190 -24.55 8.08 42.71
CA ALA A 190 -23.59 8.40 41.66
C ALA A 190 -23.61 9.87 41.50
N PHE A 191 -24.76 10.40 41.20
CA PHE A 191 -24.88 11.80 40.98
C PHE A 191 -24.48 12.65 42.19
N ALA A 192 -24.79 12.23 43.43
CA ALA A 192 -24.44 13.11 44.58
C ALA A 192 -22.92 13.10 44.73
N GLY A 193 -22.31 11.96 44.54
CA GLY A 193 -20.86 11.91 44.44
C GLY A 193 -20.28 12.93 43.45
N MSE A 194 -20.76 12.94 42.21
CA MSE A 194 -20.13 13.81 41.22
C MSE A 194 -20.30 15.23 41.69
O MSE A 194 -19.39 16.03 41.59
CB MSE A 194 -20.71 13.60 39.81
CG MSE A 194 -20.48 12.18 39.29
SE MSE A 194 -21.74 12.01 37.79
CE MSE A 194 -20.57 12.91 36.50
N VAL A 195 -21.45 15.54 42.23
CA VAL A 195 -21.75 16.88 42.68
C VAL A 195 -20.93 17.38 43.85
N ILE A 196 -20.84 16.61 44.93
CA ILE A 196 -20.03 17.07 46.06
C ILE A 196 -18.54 17.12 45.69
N GLY A 197 -18.01 16.05 45.12
CA GLY A 197 -16.60 16.02 44.78
C GLY A 197 -16.14 17.28 44.06
N ARG A 198 -16.95 17.73 43.11
CA ARG A 198 -16.64 18.85 42.28
C ARG A 198 -16.78 20.15 43.03
N LEU A 199 -17.84 20.25 43.83
CA LEU A 199 -17.99 21.38 44.69
C LEU A 199 -16.76 21.52 45.59
N GLU A 200 -16.29 20.45 46.22
CA GLU A 200 -15.02 20.53 46.97
C GLU A 200 -13.73 20.61 46.05
N SER A 201 -13.41 21.83 45.58
CA SER A 201 -12.14 22.11 44.87
C SER A 201 -11.96 23.62 44.57
N LYS A 211 0.13 25.06 30.82
CA LYS A 211 -1.30 24.91 30.55
C LYS A 211 -1.65 24.96 29.04
N PHE A 212 -1.79 26.16 28.49
CA PHE A 212 -2.23 26.36 27.12
C PHE A 212 -2.34 25.04 26.34
N THR A 213 -3.59 24.59 26.17
CA THR A 213 -3.87 23.34 25.51
C THR A 213 -4.16 23.61 24.06
N VAL A 214 -3.58 22.79 23.20
CA VAL A 214 -3.79 22.91 21.77
C VAL A 214 -4.39 21.61 21.34
N GLY A 215 -5.08 21.62 20.21
CA GLY A 215 -5.57 20.38 19.63
C GLY A 215 -5.07 20.24 18.21
N VAL A 216 -5.01 19.00 17.76
CA VAL A 216 -4.42 18.63 16.50
C VAL A 216 -5.25 17.56 15.89
N THR A 217 -5.68 17.72 14.64
CA THR A 217 -6.41 16.66 13.91
C THR A 217 -5.40 15.70 13.28
N MSE A 218 -5.77 14.43 13.17
CA MSE A 218 -4.83 13.38 12.81
C MSE A 218 -5.55 12.22 12.19
O MSE A 218 -6.67 11.88 12.53
CB MSE A 218 -4.12 12.88 14.07
CG MSE A 218 -3.15 11.70 13.91
SE MSE A 218 -4.10 9.98 14.22
CE MSE A 218 -4.31 10.12 16.18
N PHE A 219 -4.85 11.61 11.23
CA PHE A 219 -5.29 10.42 10.53
C PHE A 219 -4.09 9.45 10.61
N GLY A 220 -4.28 8.15 10.45
CA GLY A 220 -3.13 7.25 10.32
C GLY A 220 -2.02 7.86 9.45
N VAL A 221 -2.38 8.17 8.20
CA VAL A 221 -1.37 8.56 7.20
C VAL A 221 -0.80 9.96 7.43
N THR A 222 -1.06 10.53 8.61
CA THR A 222 -0.40 11.78 8.99
C THR A 222 0.25 11.68 10.38
N THR A 223 0.26 10.46 10.99
CA THR A 223 0.77 10.37 12.37
C THR A 223 2.24 10.77 12.43
N PRO A 224 3.00 10.56 11.35
CA PRO A 224 4.31 11.17 11.46
C PRO A 224 4.19 12.64 11.82
N CYS A 225 3.36 13.38 11.07
CA CYS A 225 3.31 14.84 11.22
C CYS A 225 2.80 15.26 12.60
N VAL A 226 1.70 14.66 13.03
CA VAL A 226 1.12 15.09 14.30
C VAL A 226 2.08 14.70 15.44
N ASN A 227 2.47 13.42 15.51
CA ASN A 227 3.46 12.90 16.52
C ASN A 227 4.62 13.87 16.74
N ALA A 228 5.18 14.32 15.62
CA ALA A 228 6.31 15.21 15.64
C ALA A 228 5.91 16.62 16.09
N VAL A 229 4.68 17.03 15.82
CA VAL A 229 4.21 18.35 16.24
C VAL A 229 3.79 18.32 17.73
N LYS A 230 3.18 17.21 18.13
CA LYS A 230 2.93 16.88 19.51
C LYS A 230 4.23 16.99 20.33
N GLU A 231 5.29 16.34 19.86
CA GLU A 231 6.56 16.30 20.60
C GLU A 231 7.19 17.68 20.76
N ARG A 232 7.24 18.41 19.66
CA ARG A 232 7.83 19.74 19.66
C ARG A 232 7.05 20.65 20.61
N LEU A 233 5.72 20.67 20.46
CA LEU A 233 4.83 21.52 21.26
C LEU A 233 4.96 21.32 22.79
N VAL A 234 5.05 20.06 23.20
CA VAL A 234 5.24 19.74 24.61
C VAL A 234 6.53 20.36 25.11
N LYS A 235 7.58 20.24 24.30
CA LYS A 235 8.87 20.80 24.64
C LYS A 235 8.83 22.32 24.70
N GLU A 236 8.00 22.91 23.85
CA GLU A 236 7.76 24.35 23.89
C GLU A 236 6.89 24.78 25.08
N GLY A 237 6.31 23.81 25.80
CA GLY A 237 5.46 24.08 26.98
C GLY A 237 3.95 24.19 26.70
N TYR A 238 3.46 23.34 25.80
CA TYR A 238 2.05 23.28 25.51
C TYR A 238 1.60 21.89 25.79
N GLU A 239 0.32 21.77 26.14
CA GLU A 239 -0.31 20.48 26.24
C GLU A 239 -1.01 20.22 24.91
N THR A 240 -1.26 18.95 24.59
CA THR A 240 -1.80 18.61 23.27
C THR A 240 -2.94 17.62 23.35
N LEU A 241 -4.02 17.87 22.59
CA LEU A 241 -5.08 16.89 22.42
C LEU A 241 -5.21 16.45 20.95
N VAL A 242 -5.15 15.15 20.72
CA VAL A 242 -5.10 14.61 19.40
C VAL A 242 -6.42 13.96 19.09
N PHE A 243 -7.11 14.45 18.05
CA PHE A 243 -8.38 13.89 17.62
C PHE A 243 -8.29 13.25 16.27
N HIS A 244 -8.50 11.94 16.23
CA HIS A 244 -8.79 11.23 15.01
C HIS A 244 -9.76 12.03 14.18
N ALA A 245 -9.33 12.47 13.00
CA ALA A 245 -10.22 13.17 12.07
C ALA A 245 -11.25 12.21 11.48
N THR A 246 -12.32 11.99 12.23
CA THR A 246 -13.31 10.97 11.86
C THR A 246 -14.70 11.58 11.62
N GLY A 247 -14.79 12.92 11.61
CA GLY A 247 -16.07 13.60 11.49
C GLY A 247 -16.48 14.04 12.88
N VAL A 248 -16.86 13.05 13.69
CA VAL A 248 -17.05 13.23 15.14
C VAL A 248 -15.86 13.98 15.70
N GLY A 249 -14.68 13.36 15.64
CA GLY A 249 -13.47 13.95 16.16
C GLY A 249 -13.39 15.47 16.00
N GLY A 250 -13.68 15.95 14.79
CA GLY A 250 -13.58 17.36 14.48
C GLY A 250 -14.49 18.22 15.32
N ARG A 251 -15.68 17.69 15.57
CA ARG A 251 -16.72 18.42 16.29
C ARG A 251 -16.37 18.36 17.75
N ALA A 252 -16.04 17.16 18.21
CA ALA A 252 -15.47 16.94 19.51
C ALA A 252 -14.51 18.08 19.85
N MSE A 253 -13.55 18.33 18.98
CA MSE A 253 -12.51 19.34 19.22
C MSE A 253 -13.08 20.71 19.23
O MSE A 253 -12.67 21.56 20.03
CB MSE A 253 -11.45 19.24 18.09
CG MSE A 253 -10.18 20.08 18.30
SE MSE A 253 -8.97 20.06 16.74
CE MSE A 253 -10.03 21.36 15.69
N GLU A 254 -14.03 20.96 18.35
CA GLU A 254 -14.58 22.31 18.22
C GLU A 254 -15.47 22.68 19.38
N ASP A 255 -16.18 21.68 19.92
CA ASP A 255 -16.99 21.94 21.12
C ASP A 255 -16.12 22.22 22.32
N LEU A 256 -14.94 21.61 22.38
CA LEU A 256 -14.03 21.84 23.50
C LEU A 256 -13.32 23.16 23.39
N VAL A 257 -13.09 23.65 22.17
CA VAL A 257 -12.51 25.00 22.05
C VAL A 257 -13.55 26.01 22.46
N ARG A 258 -14.80 25.79 22.05
CA ARG A 258 -15.91 26.65 22.47
C ARG A 258 -16.09 26.67 23.98
N GLY A 259 -15.89 25.54 24.64
CA GLY A 259 -15.93 25.54 26.08
C GLY A 259 -14.61 25.89 26.77
N GLY A 260 -13.69 26.51 26.04
CA GLY A 260 -12.42 26.95 26.64
C GLY A 260 -11.44 25.90 27.13
N PHE A 261 -11.56 24.65 26.68
CA PHE A 261 -10.57 23.61 27.07
C PHE A 261 -9.35 23.51 26.13
N ILE A 262 -9.41 24.20 24.99
CA ILE A 262 -8.41 24.04 23.95
C ILE A 262 -8.21 25.40 23.30
N GLN A 263 -7.13 26.10 23.67
CA GLN A 263 -6.94 27.53 23.39
C GLN A 263 -6.26 27.85 22.04
N GLY A 264 -5.82 26.80 21.34
CA GLY A 264 -5.26 26.94 19.97
C GLY A 264 -5.35 25.64 19.20
N VAL A 265 -5.37 25.71 17.88
CA VAL A 265 -5.45 24.52 17.06
C VAL A 265 -4.55 24.50 15.83
N LEU A 266 -3.77 23.42 15.73
CA LEU A 266 -3.02 23.02 14.57
C LEU A 266 -3.87 22.00 13.79
N ASP A 267 -4.76 22.48 12.91
CA ASP A 267 -5.67 21.58 12.21
C ASP A 267 -4.95 21.00 10.98
N ILE A 268 -4.00 20.13 11.28
CA ILE A 268 -3.18 19.47 10.28
C ILE A 268 -3.98 18.70 9.26
N THR A 269 -4.92 17.91 9.72
CA THR A 269 -5.58 16.90 8.88
C THR A 269 -7.04 17.30 8.76
N THR A 270 -7.37 17.84 7.60
CA THR A 270 -8.71 18.32 7.27
C THR A 270 -9.36 17.37 6.27
N THR A 271 -8.93 16.09 6.27
CA THR A 271 -9.55 15.10 5.38
C THR A 271 -11.09 15.10 5.43
N GLU A 272 -11.65 15.43 6.59
CA GLU A 272 -13.11 15.46 6.83
C GLU A 272 -13.75 16.35 5.78
N VAL A 273 -13.20 17.57 5.63
CA VAL A 273 -13.70 18.47 4.57
C VAL A 273 -13.87 17.72 3.24
N ALA A 274 -12.93 16.83 2.93
CA ALA A 274 -13.06 15.99 1.75
C ALA A 274 -14.34 15.13 1.80
N ASP A 275 -14.40 14.16 2.71
CA ASP A 275 -15.57 13.26 2.83
C ASP A 275 -16.88 14.05 2.85
N TYR A 276 -16.81 15.31 3.21
CA TYR A 276 -17.99 16.13 3.11
C TYR A 276 -18.44 16.35 1.65
N VAL A 277 -17.61 17.01 0.84
CA VAL A 277 -18.04 17.38 -0.51
C VAL A 277 -18.25 16.17 -1.44
N VAL A 278 -17.48 15.11 -1.30
CA VAL A 278 -17.76 13.93 -2.12
C VAL A 278 -18.79 13.00 -1.51
N GLY A 279 -18.87 12.99 -0.17
CA GLY A 279 -19.90 12.22 0.56
C GLY A 279 -19.36 10.92 1.12
N GLY A 280 -18.58 11.03 2.17
CA GLY A 280 -17.90 9.89 2.74
C GLY A 280 -18.54 9.46 4.03
N VAL A 281 -17.88 8.50 4.66
CA VAL A 281 -18.34 7.94 5.91
C VAL A 281 -17.77 8.69 7.14
N MSE A 282 -16.93 9.70 6.93
CA MSE A 282 -16.30 10.46 8.01
C MSE A 282 -16.42 11.91 7.75
O MSE A 282 -15.46 12.68 7.94
CB MSE A 282 -14.84 10.04 8.17
CG MSE A 282 -14.84 8.54 8.48
SE MSE A 282 -13.13 7.93 9.24
CE MSE A 282 -13.45 5.99 8.99
N ALA A 283 -17.63 12.30 7.32
CA ALA A 283 -17.93 13.64 6.79
C ALA A 283 -17.91 14.63 7.91
N CYS A 284 -17.36 15.81 7.66
CA CYS A 284 -17.55 16.90 8.58
C CYS A 284 -18.96 17.40 8.35
N ASP A 285 -19.25 18.63 8.75
CA ASP A 285 -20.49 19.26 8.37
C ASP A 285 -20.23 20.72 8.06
N SER A 286 -21.29 21.37 7.57
CA SER A 286 -21.19 22.72 7.08
C SER A 286 -20.69 23.73 8.10
N SER A 287 -20.72 23.40 9.39
CA SER A 287 -20.20 24.31 10.42
C SER A 287 -18.68 24.27 10.62
N ARG A 288 -17.98 23.30 10.00
CA ARG A 288 -16.55 23.11 10.28
C ARG A 288 -15.74 24.44 10.25
N PHE A 289 -15.06 24.75 11.35
CA PHE A 289 -14.10 25.88 11.52
C PHE A 289 -14.68 27.09 12.26
N ASP A 290 -16.00 27.23 12.19
CA ASP A 290 -16.70 28.39 12.75
C ASP A 290 -16.39 28.59 14.24
N ALA A 291 -16.46 27.50 15.00
CA ALA A 291 -16.14 27.57 16.42
C ALA A 291 -14.74 28.15 16.64
N ILE A 292 -13.76 27.65 15.87
CA ILE A 292 -12.38 28.05 16.11
C ILE A 292 -12.27 29.54 15.88
N LEU A 293 -12.86 29.97 14.77
CA LEU A 293 -12.79 31.36 14.34
C LEU A 293 -13.56 32.27 15.29
N GLU A 294 -14.74 31.82 15.71
CA GLU A 294 -15.58 32.58 16.63
C GLU A 294 -14.86 32.80 17.97
N LYS A 295 -14.26 31.75 18.49
CA LYS A 295 -13.43 31.90 19.68
C LYS A 295 -12.26 32.87 19.49
N LYS A 296 -11.82 33.05 18.23
CA LYS A 296 -10.68 33.89 17.84
C LYS A 296 -9.46 33.33 18.53
N ILE A 297 -9.06 32.16 18.08
CA ILE A 297 -7.89 31.50 18.65
C ILE A 297 -6.88 31.20 17.55
N PRO A 298 -5.60 31.12 17.93
CA PRO A 298 -4.54 30.86 16.96
C PRO A 298 -4.75 29.57 16.15
N LEU A 299 -4.98 29.67 14.83
CA LEU A 299 -5.32 28.50 14.01
C LEU A 299 -4.33 28.30 12.89
N VAL A 300 -3.35 27.42 13.09
CA VAL A 300 -2.56 26.90 11.97
C VAL A 300 -3.35 25.79 11.34
N LEU A 301 -3.39 25.74 10.02
CA LEU A 301 -4.25 24.80 9.32
C LEU A 301 -3.40 24.19 8.22
N SER A 302 -3.90 23.19 7.52
CA SER A 302 -3.11 22.48 6.52
C SER A 302 -4.01 21.50 5.77
N VAL A 303 -3.43 20.68 4.91
CA VAL A 303 -4.24 19.98 3.91
C VAL A 303 -4.24 18.47 4.13
N GLY A 304 -4.03 18.10 5.39
CA GLY A 304 -3.76 16.72 5.74
C GLY A 304 -4.77 15.70 5.27
N ALA A 305 -4.30 14.80 4.40
CA ALA A 305 -5.13 13.71 3.85
C ALA A 305 -6.31 14.19 2.96
N LEU A 306 -6.24 15.43 2.48
CA LEU A 306 -7.23 15.85 1.49
C LEU A 306 -7.14 14.96 0.25
N ASP A 307 -6.00 14.31 0.01
CA ASP A 307 -5.88 13.30 -1.05
C ASP A 307 -6.83 12.09 -0.95
N MSE A 308 -7.65 11.97 0.10
CA MSE A 308 -8.52 10.78 0.21
C MSE A 308 -9.83 10.96 0.91
O MSE A 308 -9.99 11.87 1.72
CB MSE A 308 -7.82 9.63 0.95
CG MSE A 308 -7.83 9.79 2.45
SE MSE A 308 -6.39 8.70 3.25
CE MSE A 308 -5.06 10.15 3.41
N VAL A 309 -10.73 10.01 0.60
CA VAL A 309 -12.13 9.99 1.01
C VAL A 309 -12.50 8.58 1.50
N ASN A 310 -13.17 8.49 2.66
CA ASN A 310 -13.38 7.22 3.38
C ASN A 310 -14.68 6.48 3.05
N PHE A 311 -14.62 5.16 2.98
CA PHE A 311 -15.76 4.36 2.56
C PHE A 311 -15.91 3.09 3.38
N GLY A 312 -15.37 1.99 2.88
CA GLY A 312 -15.51 0.72 3.54
C GLY A 312 -16.90 0.15 3.45
N PRO A 313 -17.03 -1.12 3.04
CA PRO A 313 -16.05 -1.83 2.23
C PRO A 313 -16.28 -1.47 0.75
N LYS A 314 -15.45 -2.04 -0.13
CA LYS A 314 -15.66 -1.88 -1.57
C LYS A 314 -17.15 -1.93 -1.90
N THR A 315 -17.81 -2.98 -1.40
CA THR A 315 -19.10 -3.43 -1.92
C THR A 315 -20.19 -2.36 -1.82
N THR A 316 -20.06 -1.47 -0.83
CA THR A 316 -21.06 -0.44 -0.55
C THR A 316 -20.70 0.91 -1.19
N ILE A 317 -19.62 0.96 -1.95
CA ILE A 317 -19.20 2.22 -2.55
C ILE A 317 -20.18 2.67 -3.62
N PRO A 318 -20.80 3.86 -3.45
CA PRO A 318 -21.75 4.42 -4.43
C PRO A 318 -21.39 4.04 -5.87
N PRO A 319 -22.33 3.38 -6.60
CA PRO A 319 -21.92 2.77 -7.87
C PRO A 319 -21.42 3.76 -8.94
N GLU A 320 -21.73 5.06 -8.77
CA GLU A 320 -21.35 6.11 -9.74
C GLU A 320 -19.85 6.26 -9.97
N PHE A 321 -19.03 5.89 -8.98
CA PHE A 321 -17.60 5.67 -9.18
C PHE A 321 -17.23 4.25 -8.78
N GLN A 322 -17.11 3.40 -9.80
CA GLN A 322 -16.49 2.08 -9.71
C GLN A 322 -15.16 2.13 -10.47
N GLN A 323 -14.73 3.33 -10.85
CA GLN A 323 -13.52 3.50 -11.66
C GLN A 323 -12.44 4.32 -10.96
N ARG A 324 -12.81 4.99 -9.87
CA ARG A 324 -11.86 5.83 -9.14
C ARG A 324 -10.82 4.96 -8.44
N LYS A 325 -9.71 5.57 -8.02
CA LYS A 325 -8.57 4.81 -7.48
C LYS A 325 -8.92 4.33 -6.05
N ILE A 326 -9.46 3.10 -5.97
CA ILE A 326 -9.87 2.49 -4.69
C ILE A 326 -8.72 1.75 -3.96
N HIS A 327 -8.25 2.32 -2.86
CA HIS A 327 -7.32 1.63 -1.96
C HIS A 327 -8.09 0.79 -0.96
N GLU A 328 -7.60 -0.42 -0.72
CA GLU A 328 -8.10 -1.26 0.37
C GLU A 328 -7.16 -1.08 1.56
N HIS A 329 -7.69 -0.63 2.69
CA HIS A 329 -6.88 -0.42 3.89
C HIS A 329 -6.97 -1.63 4.76
N ASN A 330 -8.20 -2.08 5.00
CA ASN A 330 -8.48 -3.33 5.69
C ASN A 330 -9.96 -3.69 5.55
N GLU A 331 -10.28 -4.62 4.65
CA GLU A 331 -11.64 -5.20 4.45
C GLU A 331 -12.82 -4.27 4.75
N GLN A 332 -13.00 -3.92 6.02
CA GLN A 332 -14.07 -3.02 6.43
C GLN A 332 -13.89 -1.58 5.95
N VAL A 333 -12.65 -1.15 5.67
CA VAL A 333 -12.35 0.28 5.40
C VAL A 333 -11.51 0.54 4.10
N SER A 334 -12.07 1.37 3.22
CA SER A 334 -11.51 1.63 1.89
C SER A 334 -11.35 3.13 1.64
N LEU A 335 -10.28 3.52 0.95
CA LEU A 335 -10.04 4.93 0.66
C LEU A 335 -10.05 5.22 -0.84
N MSE A 336 -10.50 6.42 -1.21
CA MSE A 336 -10.64 6.76 -2.61
C MSE A 336 -9.97 8.06 -2.93
O MSE A 336 -10.20 9.08 -2.28
CB MSE A 336 -12.12 6.83 -2.91
CG MSE A 336 -12.35 6.83 -4.41
SE MSE A 336 -13.96 7.91 -4.74
CE MSE A 336 -15.22 6.40 -4.97
N ARG A 337 -9.14 8.02 -3.98
CA ARG A 337 -8.22 9.10 -4.28
C ARG A 337 -9.02 10.26 -4.82
N THR A 338 -8.91 11.42 -4.18
CA THR A 338 -9.58 12.61 -4.65
C THR A 338 -9.04 13.16 -5.99
N THR A 339 -9.97 13.60 -6.84
CA THR A 339 -9.65 14.21 -8.14
C THR A 339 -9.37 15.70 -8.01
N VAL A 340 -8.87 16.27 -9.08
CA VAL A 340 -8.41 17.65 -9.13
C VAL A 340 -9.61 18.59 -8.97
N GLY A 341 -10.76 18.14 -9.46
CA GLY A 341 -11.98 18.96 -9.43
C GLY A 341 -12.38 19.03 -7.99
N GLU A 342 -12.26 17.90 -7.34
CA GLU A 342 -12.62 17.80 -5.94
C GLU A 342 -11.69 18.65 -5.04
N ASN A 343 -10.38 18.52 -5.19
CA ASN A 343 -9.49 19.42 -4.48
C ASN A 343 -9.80 20.90 -4.71
N LYS A 344 -10.32 21.24 -5.91
CA LYS A 344 -10.52 22.66 -6.22
C LYS A 344 -11.62 23.14 -5.32
N LYS A 345 -12.66 22.30 -5.19
CA LYS A 345 -13.78 22.53 -4.28
C LYS A 345 -13.33 22.65 -2.79
N PHE A 346 -12.66 21.61 -2.29
CA PHE A 346 -12.14 21.60 -0.91
C PHE A 346 -11.52 22.95 -0.55
N ALA A 347 -10.73 23.48 -1.48
CA ALA A 347 -10.17 24.81 -1.32
C ALA A 347 -11.24 25.82 -0.99
N ALA A 348 -12.26 25.86 -1.83
CA ALA A 348 -13.33 26.87 -1.70
C ALA A 348 -13.91 26.82 -0.30
N PHE A 349 -14.39 25.62 0.09
CA PHE A 349 -14.94 25.41 1.43
C PHE A 349 -14.02 26.05 2.48
N ILE A 350 -12.73 25.71 2.44
CA ILE A 350 -11.78 26.12 3.50
C ILE A 350 -11.53 27.62 3.41
N ALA A 351 -11.17 28.06 2.20
CA ALA A 351 -11.04 29.48 1.85
C ALA A 351 -12.24 30.27 2.36
N GLU A 352 -13.43 29.90 1.90
CA GLU A 352 -14.67 30.57 2.29
C GLU A 352 -14.75 30.74 3.79
N LYS A 353 -14.58 29.63 4.50
CA LYS A 353 -14.64 29.63 5.97
C LYS A 353 -13.48 30.40 6.58
N LEU A 354 -12.30 30.27 5.97
CA LEU A 354 -11.11 30.97 6.49
C LEU A 354 -11.28 32.45 6.37
N ASN A 355 -11.85 32.88 5.24
CA ASN A 355 -12.00 34.27 4.93
C ASN A 355 -12.81 35.03 5.97
N LYS A 356 -13.65 34.32 6.72
CA LYS A 356 -14.39 34.91 7.84
C LYS A 356 -13.50 35.19 9.05
N ALA A 357 -12.20 34.92 8.98
CA ALA A 357 -11.37 35.01 10.17
C ALA A 357 -11.51 36.42 10.68
N SER A 358 -11.95 36.60 11.92
CA SER A 358 -11.83 37.89 12.58
C SER A 358 -10.53 37.96 13.42
N SER A 359 -9.56 37.10 13.11
CA SER A 359 -8.26 37.11 13.81
C SER A 359 -7.19 36.31 13.05
N SER A 360 -5.99 36.32 13.63
CA SER A 360 -4.80 35.59 13.12
C SER A 360 -5.04 34.11 12.77
N VAL A 361 -4.39 33.67 11.71
CA VAL A 361 -4.58 32.37 11.11
C VAL A 361 -3.44 32.25 10.11
N CYS A 362 -2.79 31.08 10.08
CA CYS A 362 -1.75 30.80 9.09
C CYS A 362 -2.00 29.44 8.47
N VAL A 363 -2.15 29.38 7.16
CA VAL A 363 -2.11 28.09 6.47
C VAL A 363 -0.65 27.70 6.33
N CYS A 364 -0.42 26.39 6.13
CA CYS A 364 0.88 25.86 5.76
C CYS A 364 0.70 24.69 4.80
N LEU A 365 1.11 24.88 3.56
CA LEU A 365 0.88 23.90 2.51
C LEU A 365 2.13 23.12 2.22
N PRO A 366 2.04 21.80 2.26
CA PRO A 366 3.22 21.05 1.90
C PRO A 366 3.23 20.87 0.39
N GLU A 367 4.20 21.47 -0.31
CA GLU A 367 4.27 21.35 -1.78
C GLU A 367 4.31 19.90 -2.28
N LYS A 368 5.06 19.02 -1.61
CA LYS A 368 5.33 17.67 -2.13
C LYS A 368 4.18 16.68 -1.98
N GLY A 369 3.63 16.58 -0.77
CA GLY A 369 2.52 15.66 -0.50
C GLY A 369 1.75 15.91 0.78
N VAL A 370 0.55 15.31 0.84
CA VAL A 370 -0.45 15.51 1.92
C VAL A 370 -0.76 14.18 2.65
N SER A 371 0.10 13.19 2.48
CA SER A 371 -0.15 11.87 3.01
C SER A 371 1.03 10.94 2.80
N ALA A 372 1.18 9.99 3.70
CA ALA A 372 2.01 8.85 3.43
C ALA A 372 1.52 8.22 2.13
N LEU A 373 0.21 8.17 1.91
CA LEU A 373 -0.27 7.58 0.64
C LEU A 373 0.03 8.46 -0.63
N ASP A 374 0.13 9.78 -0.46
CA ASP A 374 0.47 10.74 -1.51
C ASP A 374 1.96 11.08 -1.35
N ALA A 375 2.79 10.06 -1.61
CA ALA A 375 4.29 10.17 -1.57
C ALA A 375 5.02 9.51 -2.78
N PRO A 376 6.08 10.17 -3.29
CA PRO A 376 6.77 9.63 -4.46
C PRO A 376 7.03 8.14 -4.29
N GLY A 377 6.21 7.30 -4.91
CA GLY A 377 6.39 5.87 -4.87
C GLY A 377 5.10 5.20 -4.45
N LYS A 378 4.23 6.03 -3.87
CA LYS A 378 3.07 5.53 -3.15
C LYS A 378 1.84 5.78 -3.97
N ASP A 379 0.86 4.89 -3.77
CA ASP A 379 -0.38 4.78 -4.53
C ASP A 379 -1.11 6.09 -4.84
N PHE A 380 -1.31 6.94 -3.84
CA PHE A 380 -2.19 8.12 -4.02
C PHE A 380 -1.42 9.34 -4.48
N TYR A 381 -0.25 9.09 -5.09
CA TYR A 381 0.58 10.18 -5.59
C TYR A 381 -0.14 10.87 -6.76
N ASP A 382 0.05 12.20 -6.86
CA ASP A 382 -0.54 13.04 -7.93
C ASP A 382 -0.33 14.52 -7.60
N PRO A 383 0.85 15.08 -7.98
CA PRO A 383 1.21 16.47 -7.61
C PRO A 383 0.47 17.54 -8.42
N GLU A 384 -0.38 17.09 -9.35
CA GLU A 384 -1.33 17.97 -10.01
C GLU A 384 -2.35 18.42 -8.96
N ALA A 385 -2.98 17.43 -8.33
CA ALA A 385 -3.95 17.64 -7.27
C ALA A 385 -3.39 18.56 -6.21
N THR A 386 -2.14 18.30 -5.85
CA THR A 386 -1.55 18.97 -4.72
C THR A 386 -1.15 20.44 -5.11
N SER A 387 -0.84 20.69 -6.39
CA SER A 387 -0.55 22.06 -6.89
C SER A 387 -1.83 22.88 -7.09
N CYS A 388 -2.82 22.25 -7.73
CA CYS A 388 -4.19 22.77 -7.84
C CYS A 388 -4.70 23.30 -6.49
N LEU A 389 -4.66 22.40 -5.52
CA LEU A 389 -5.08 22.66 -4.16
C LEU A 389 -4.31 23.87 -3.61
N THR A 390 -3.01 23.86 -3.85
CA THR A 390 -2.17 24.86 -3.27
C THR A 390 -2.54 26.21 -3.86
N ARG A 391 -2.62 26.25 -5.19
CA ARG A 391 -2.82 27.48 -5.93
C ARG A 391 -4.20 28.03 -5.62
N GLU A 392 -5.20 27.17 -5.80
CA GLU A 392 -6.58 27.48 -5.44
C GLU A 392 -6.71 28.10 -4.03
N LEU A 393 -5.93 27.61 -3.07
CA LEU A 393 -6.00 28.12 -1.70
C LEU A 393 -5.42 29.52 -1.56
N GLN A 394 -4.18 29.72 -1.99
CA GLN A 394 -3.57 31.04 -1.85
C GLN A 394 -4.24 32.07 -2.77
N MSE A 395 -4.92 31.59 -3.82
CA MSE A 395 -5.72 32.46 -4.68
CA MSE A 395 -5.75 32.45 -4.71
C MSE A 395 -6.86 33.02 -3.88
O MSE A 395 -7.01 34.26 -3.78
CB MSE A 395 -6.28 31.65 -5.85
CB MSE A 395 -6.34 31.67 -5.90
CG MSE A 395 -6.64 32.51 -7.04
CG MSE A 395 -7.09 32.52 -6.96
SE MSE A 395 -5.96 31.51 -8.59
SE MSE A 395 -8.82 31.75 -7.56
CE MSE A 395 -7.61 30.51 -9.02
CE MSE A 395 -8.16 30.61 -9.03
N LEU A 396 -7.64 32.14 -3.29
CA LEU A 396 -8.83 32.51 -2.55
C LEU A 396 -8.55 33.22 -1.23
N LEU A 397 -7.30 33.16 -0.77
CA LEU A 397 -6.90 33.80 0.50
C LEU A 397 -5.95 34.98 0.31
N GLU A 398 -5.51 35.19 -0.93
CA GLU A 398 -4.57 36.25 -1.31
C GLU A 398 -4.96 37.53 -0.60
N ASN A 399 -6.23 37.90 -0.79
CA ASN A 399 -6.81 39.14 -0.23
C ASN A 399 -6.91 39.16 1.31
N ASN A 400 -7.15 38.01 1.94
CA ASN A 400 -7.28 37.96 3.40
C ASN A 400 -5.90 38.18 4.02
N GLU A 401 -5.81 39.25 4.81
CA GLU A 401 -4.55 39.73 5.38
C GLU A 401 -4.41 39.32 6.84
N ARG A 402 -5.33 38.48 7.29
CA ARG A 402 -5.21 37.80 8.58
C ARG A 402 -4.52 36.45 8.31
N CYS A 403 -4.90 35.85 7.20
CA CYS A 403 -4.42 34.55 6.79
C CYS A 403 -3.12 34.75 6.04
N GLN A 404 -2.13 33.92 6.35
CA GLN A 404 -0.81 34.00 5.76
C GLN A 404 -0.45 32.66 5.10
N VAL A 405 -0.77 32.50 3.82
CA VAL A 405 -0.58 31.21 3.15
C VAL A 405 0.91 30.92 2.87
N LYS A 406 1.50 30.01 3.65
CA LYS A 406 2.90 29.57 3.45
C LYS A 406 2.96 28.31 2.61
N VAL A 407 3.67 28.40 1.50
CA VAL A 407 3.92 27.24 0.64
C VAL A 407 5.31 26.73 0.99
N LEU A 408 5.42 25.45 1.36
CA LEU A 408 6.66 24.88 1.91
C LEU A 408 7.17 23.71 1.08
N PRO A 409 8.48 23.71 0.73
CA PRO A 409 9.03 22.71 -0.21
C PRO A 409 9.28 21.33 0.42
N TYR A 410 8.32 20.85 1.21
CA TYR A 410 8.46 19.54 1.85
C TYR A 410 7.19 18.74 1.67
N HIS A 411 7.21 17.54 2.23
CA HIS A 411 6.06 16.68 2.30
C HIS A 411 5.49 16.83 3.70
N ILE A 412 4.19 16.49 3.84
CA ILE A 412 3.47 16.76 5.08
C ILE A 412 4.19 16.10 6.24
N ASN A 413 4.56 14.83 6.05
CA ASN A 413 5.27 14.03 7.04
C ASN A 413 6.79 14.33 7.29
N ASP A 414 7.44 15.26 6.59
CA ASP A 414 8.85 15.58 6.90
C ASP A 414 8.96 16.41 8.15
N ALA A 415 9.76 15.95 9.11
CA ALA A 415 9.93 16.67 10.38
C ALA A 415 10.34 18.16 10.27
N GLU A 416 10.73 18.63 9.08
CA GLU A 416 10.90 20.09 8.89
C GLU A 416 9.56 20.83 8.63
N PHE A 417 8.60 20.14 8.03
CA PHE A 417 7.23 20.66 7.90
C PHE A 417 6.61 20.82 9.29
N ALA A 418 6.70 19.73 10.04
CA ALA A 418 6.38 19.72 11.45
C ALA A 418 6.90 20.96 12.17
N ASN A 419 8.16 21.33 11.97
CA ASN A 419 8.68 22.53 12.64
C ASN A 419 8.04 23.74 12.02
N ALA A 420 7.79 23.63 10.72
CA ALA A 420 7.19 24.72 10.00
C ALA A 420 5.87 25.05 10.72
N LEU A 421 5.01 24.03 10.80
CA LEU A 421 3.71 24.13 11.48
C LEU A 421 3.87 24.81 12.85
N VAL A 422 4.75 24.25 13.66
CA VAL A 422 4.91 24.71 15.01
C VAL A 422 5.44 26.13 15.08
N ASP A 423 6.32 26.48 14.15
CA ASP A 423 6.81 27.86 14.05
C ASP A 423 5.64 28.77 13.73
N SER A 424 4.94 28.46 12.64
CA SER A 424 3.77 29.21 12.25
C SER A 424 2.86 29.40 13.46
N PHE A 425 2.74 28.35 14.28
CA PHE A 425 1.90 28.42 15.46
C PHE A 425 2.54 29.33 16.54
N LEU A 426 3.82 29.08 16.85
CA LEU A 426 4.51 29.89 17.87
C LEU A 426 4.40 31.37 17.47
N GLU A 427 4.35 31.63 16.16
CA GLU A 427 4.16 33.00 15.60
C GLU A 427 2.84 33.67 16.03
N ILE A 428 1.71 33.09 15.61
CA ILE A 428 0.40 33.65 15.94
C ILE A 428 0.13 33.69 17.45
N SER A 429 0.64 32.71 18.21
CA SER A 429 0.26 32.56 19.61
C SER A 429 0.93 33.61 20.53
N PRO A 430 0.37 33.84 21.72
CA PRO A 430 0.98 34.75 22.72
C PRO A 430 2.40 34.36 23.13
N ASN B 7 -13.72 -8.80 58.24
CA ASN B 7 -13.33 -8.60 56.82
C ASN B 7 -13.94 -7.29 56.26
N SER B 8 -13.09 -6.45 55.65
CA SER B 8 -13.52 -5.11 55.13
C SER B 8 -13.84 -5.10 53.64
N PRO B 9 -14.50 -4.01 53.17
CA PRO B 9 -14.97 -3.94 51.77
C PRO B 9 -13.96 -3.36 50.77
N ARG B 10 -14.03 -3.84 49.55
CA ARG B 10 -12.96 -3.61 48.58
C ARG B 10 -13.47 -3.27 47.17
N VAL B 11 -12.98 -2.19 46.56
CA VAL B 11 -13.25 -1.96 45.15
C VAL B 11 -12.06 -2.24 44.23
N PHE B 12 -12.37 -2.51 42.96
CA PHE B 12 -11.36 -2.79 41.94
C PHE B 12 -11.30 -1.72 40.85
N CYS B 13 -10.10 -1.16 40.65
CA CYS B 13 -9.85 -0.26 39.53
C CYS B 13 -9.09 -1.05 38.55
N ILE B 14 -9.63 -1.16 37.35
CA ILE B 14 -9.14 -2.15 36.44
C ILE B 14 -8.84 -1.54 35.11
N GLY B 15 -7.64 -1.79 34.62
CA GLY B 15 -7.29 -1.36 33.29
C GLY B 15 -6.14 -2.12 32.68
N THR B 16 -5.73 -1.65 31.50
CA THR B 16 -4.51 -2.11 30.83
C THR B 16 -3.36 -1.19 31.31
N ALA B 17 -2.52 -1.75 32.18
CA ALA B 17 -1.63 -0.95 33.07
C ALA B 17 -0.33 -0.52 32.41
N ASP B 18 0.20 -1.36 31.53
CA ASP B 18 1.41 -1.06 30.74
C ASP B 18 1.37 0.24 29.92
N THR B 19 0.19 0.61 29.46
CA THR B 19 0.04 1.71 28.52
C THR B 19 -0.73 2.90 29.11
N LYS B 20 -1.39 2.70 30.26
CA LYS B 20 -2.31 3.71 30.80
C LYS B 20 -2.13 3.89 32.32
N PHE B 21 -0.92 3.59 32.80
CA PHE B 21 -0.56 3.66 34.21
C PHE B 21 -0.96 5.00 34.77
N ASP B 22 -0.74 6.07 34.01
CA ASP B 22 -0.99 7.41 34.52
C ASP B 22 -2.48 7.77 34.69
N GLU B 23 -3.30 7.24 33.79
CA GLU B 23 -4.74 7.46 33.80
C GLU B 23 -5.33 6.63 34.92
N LEU B 24 -4.74 5.47 35.14
CA LEU B 24 -5.26 4.50 36.03
C LEU B 24 -4.82 4.81 37.47
N ARG B 25 -3.62 5.32 37.61
CA ARG B 25 -3.19 5.81 38.87
C ARG B 25 -4.06 6.98 39.21
N PHE B 26 -4.30 7.87 38.26
CA PHE B 26 -5.10 9.05 38.55
C PHE B 26 -6.48 8.62 39.10
N LEU B 27 -7.12 7.69 38.40
CA LEU B 27 -8.42 7.25 38.79
C LEU B 27 -8.39 6.62 40.15
N SER B 28 -7.50 5.65 40.32
CA SER B 28 -7.38 4.93 41.58
C SER B 28 -7.20 5.92 42.74
N GLU B 29 -6.30 6.88 42.57
CA GLU B 29 -6.09 7.88 43.60
C GLU B 29 -7.40 8.52 43.90
N HIS B 30 -8.02 9.14 42.89
CA HIS B 30 -9.28 9.88 43.08
C HIS B 30 -10.44 9.09 43.69
N VAL B 31 -10.50 7.81 43.41
CA VAL B 31 -11.51 6.99 43.99
C VAL B 31 -11.31 6.83 45.48
N ARG B 32 -10.14 6.34 45.86
CA ARG B 32 -9.79 6.13 47.27
C ARG B 32 -9.95 7.39 48.08
N SER B 33 -9.51 8.49 47.50
CA SER B 33 -9.70 9.74 48.13
C SER B 33 -11.21 9.95 48.33
N SER B 34 -12.01 9.78 47.26
CA SER B 34 -13.45 10.15 47.25
C SER B 34 -14.25 9.22 48.17
N LEU B 35 -13.95 7.93 48.10
CA LEU B 35 -14.43 7.00 49.11
C LEU B 35 -14.27 7.60 50.52
N ASN B 36 -13.04 8.01 50.87
CA ASN B 36 -12.77 8.57 52.18
C ASN B 36 -13.48 9.84 52.46
N SER B 37 -13.58 10.71 51.49
CA SER B 37 -14.23 11.98 51.77
C SER B 37 -15.73 11.81 51.94
N PHE B 38 -16.29 10.73 51.37
CA PHE B 38 -17.75 10.58 51.35
C PHE B 38 -18.20 9.57 52.39
N SER B 39 -17.34 9.16 53.30
CA SER B 39 -17.75 8.18 54.29
C SER B 39 -18.40 8.97 55.45
N ASN B 40 -19.40 8.36 56.07
CA ASN B 40 -19.97 8.92 57.29
C ASN B 40 -19.99 7.85 58.38
N LYS B 41 -20.79 6.81 58.18
CA LYS B 41 -21.06 5.80 59.19
C LYS B 41 -20.00 4.72 59.15
N SER B 42 -19.54 4.39 57.95
CA SER B 42 -18.14 4.03 57.75
C SER B 42 -17.59 2.95 58.70
N SER B 43 -16.70 3.35 59.61
CA SER B 43 -15.84 2.45 60.42
C SER B 43 -14.74 1.78 59.61
N PHE B 44 -15.13 1.00 58.61
CA PHE B 44 -14.22 0.60 57.54
C PHE B 44 -13.86 1.76 56.63
N LYS B 45 -12.60 1.79 56.16
CA LYS B 45 -12.28 2.38 54.83
C LYS B 45 -12.49 1.28 53.84
N VAL B 46 -12.69 1.66 52.58
CA VAL B 46 -12.85 0.70 51.50
C VAL B 46 -11.43 0.54 50.90
N GLY B 47 -10.98 -0.70 50.76
CA GLY B 47 -9.70 -0.93 50.09
C GLY B 47 -9.87 -0.69 48.60
N VAL B 48 -9.00 0.14 48.02
CA VAL B 48 -8.96 0.32 46.56
C VAL B 48 -7.83 -0.44 45.97
N THR B 49 -8.11 -1.60 45.40
CA THR B 49 -7.09 -2.36 44.67
C THR B 49 -7.09 -2.18 43.12
N VAL B 50 -5.96 -1.74 42.57
CA VAL B 50 -5.76 -1.67 41.11
C VAL B 50 -5.59 -3.04 40.50
N VAL B 51 -6.04 -3.22 39.26
CA VAL B 51 -5.90 -4.53 38.60
C VAL B 51 -5.54 -4.39 37.14
N ASP B 52 -4.53 -5.15 36.73
CA ASP B 52 -3.98 -5.10 35.37
C ASP B 52 -4.62 -6.23 34.60
N VAL B 53 -5.03 -5.93 33.38
CA VAL B 53 -5.55 -6.95 32.47
C VAL B 53 -4.97 -6.76 31.04
N SER B 54 -3.73 -6.24 30.98
CA SER B 54 -2.94 -6.16 29.74
C SER B 54 -2.70 -7.53 29.15
N THR B 55 -2.84 -7.66 27.84
CA THR B 55 -2.68 -8.96 27.18
C THR B 55 -1.24 -9.12 26.69
N SER B 56 -0.54 -7.99 26.60
CA SER B 56 0.83 -7.94 26.11
C SER B 56 1.82 -8.65 27.05
N TRP B 57 3.02 -8.94 26.51
CA TRP B 57 4.09 -9.54 27.30
C TRP B 57 4.65 -8.58 28.30
N LYS B 58 4.38 -7.30 28.11
CA LYS B 58 4.88 -6.25 29.00
C LYS B 58 4.39 -6.49 30.42
N GLU B 59 5.24 -6.24 31.40
CA GLU B 59 4.95 -6.63 32.78
C GLU B 59 5.12 -5.45 33.76
N THR B 60 4.02 -5.03 34.39
CA THR B 60 4.07 -4.02 35.45
C THR B 60 3.50 -4.74 36.67
N ASN B 61 4.24 -4.69 37.79
CA ASN B 61 3.97 -5.58 38.93
C ASN B 61 3.64 -4.88 40.26
N SER B 62 3.68 -3.55 40.25
CA SER B 62 3.12 -2.74 41.33
C SER B 62 2.48 -1.53 40.69
N CYS B 63 1.53 -0.91 41.41
CA CYS B 63 0.97 0.40 41.06
C CYS B 63 1.00 1.23 42.32
N ALA B 64 1.69 2.37 42.26
CA ALA B 64 1.83 3.28 43.38
C ALA B 64 2.01 2.46 44.64
N ASP B 65 1.17 2.78 45.61
CA ASP B 65 1.11 2.11 46.91
C ASP B 65 0.02 1.04 46.94
N PHE B 66 -0.88 1.09 45.95
CA PHE B 66 -2.09 0.33 46.00
C PHE B 66 -1.81 -1.12 45.99
N ASP B 67 -2.62 -1.85 46.74
CA ASP B 67 -2.69 -3.28 46.56
C ASP B 67 -2.95 -3.50 45.06
N PHE B 68 -2.10 -4.31 44.42
CA PHE B 68 -2.11 -4.44 42.97
C PHE B 68 -2.29 -5.90 42.55
N VAL B 69 -2.75 -6.14 41.34
CA VAL B 69 -2.80 -7.53 40.90
C VAL B 69 -2.58 -7.62 39.41
N PRO B 70 -1.40 -8.12 39.02
CA PRO B 70 -0.88 -8.08 37.68
C PRO B 70 -1.58 -9.04 36.74
N SER B 71 -1.44 -8.79 35.44
CA SER B 71 -2.06 -9.61 34.41
C SER B 71 -2.05 -11.10 34.69
N LYS B 72 -0.93 -11.59 35.24
CA LYS B 72 -0.80 -13.02 35.54
C LYS B 72 -1.89 -13.48 36.48
N ASP B 73 -1.95 -12.89 37.66
CA ASP B 73 -2.86 -13.35 38.70
C ASP B 73 -4.29 -13.48 38.19
N VAL B 74 -4.66 -12.55 37.33
CA VAL B 74 -5.96 -12.60 36.63
C VAL B 74 -5.96 -13.73 35.58
N LEU B 75 -4.94 -13.77 34.71
CA LEU B 75 -4.88 -14.80 33.67
C LEU B 75 -4.92 -16.23 34.24
N SER B 76 -4.41 -16.42 35.46
CA SER B 76 -4.50 -17.71 36.19
C SER B 76 -5.91 -18.29 36.28
N CYS B 77 -6.90 -17.48 36.64
CA CYS B 77 -8.28 -17.98 36.71
C CYS B 77 -8.73 -18.50 35.30
N HIS B 78 -8.97 -19.82 35.22
CA HIS B 78 -9.20 -20.57 33.96
C HIS B 78 -9.38 -19.72 32.73
N GLY B 93 -8.84 -10.79 18.29
CA GLY B 93 -10.09 -10.87 19.06
C GLY B 93 -10.13 -12.00 20.07
N LEU B 94 -9.20 -12.96 19.97
CA LEU B 94 -9.18 -14.09 20.88
C LEU B 94 -8.34 -13.77 22.08
N ALA B 95 -7.63 -12.63 22.05
CA ALA B 95 -6.92 -12.16 23.23
C ALA B 95 -7.91 -11.57 24.28
N ILE B 96 -8.86 -10.76 23.80
CA ILE B 96 -9.95 -10.24 24.63
C ILE B 96 -10.73 -11.39 25.29
N ALA B 97 -11.24 -12.28 24.46
CA ALA B 97 -12.04 -13.42 24.95
C ALA B 97 -11.35 -14.20 26.06
N ILE B 98 -10.03 -14.33 26.02
CA ILE B 98 -9.32 -15.03 27.08
C ILE B 98 -9.45 -14.19 28.36
N MSE B 99 -8.84 -13.01 28.34
CA MSE B 99 -8.65 -12.22 29.56
C MSE B 99 -10.00 -11.82 30.17
O MSE B 99 -10.12 -11.76 31.40
CB MSE B 99 -7.70 -11.07 29.21
CG MSE B 99 -7.47 -10.07 30.34
SE MSE B 99 -6.55 -10.82 31.92
CE MSE B 99 -4.75 -10.16 31.46
N SER B 100 -11.02 -11.58 29.36
CA SER B 100 -12.33 -11.28 29.92
C SER B 100 -12.89 -12.40 30.81
N LYS B 101 -12.75 -13.66 30.38
CA LYS B 101 -13.19 -14.80 31.19
C LYS B 101 -12.35 -14.80 32.45
N ALA B 102 -11.07 -14.55 32.30
CA ALA B 102 -10.19 -14.48 33.46
C ALA B 102 -10.70 -13.45 34.47
N LEU B 103 -11.11 -12.30 33.97
CA LEU B 103 -11.63 -11.28 34.84
C LEU B 103 -12.95 -11.71 35.49
N GLU B 104 -13.89 -12.10 34.63
CA GLU B 104 -15.20 -12.53 35.07
C GLU B 104 -15.08 -13.48 36.24
N THR B 105 -14.23 -14.48 36.07
CA THR B 105 -14.07 -15.52 37.05
C THR B 105 -13.26 -15.02 38.19
N PHE B 106 -12.26 -14.18 37.91
CA PHE B 106 -11.52 -13.53 38.98
C PHE B 106 -12.46 -12.73 39.87
N LEU B 107 -13.45 -12.09 39.26
CA LEU B 107 -14.44 -11.32 39.99
C LEU B 107 -15.54 -12.19 40.65
N SER B 108 -15.96 -13.27 40.00
CA SER B 108 -16.83 -14.29 40.65
C SER B 108 -16.29 -14.68 42.02
N ILE B 109 -14.98 -14.89 42.08
CA ILE B 109 -14.29 -15.28 43.30
C ILE B 109 -14.34 -14.20 44.35
N ALA B 110 -13.93 -12.99 43.99
CA ALA B 110 -13.81 -11.95 45.03
C ALA B 110 -15.21 -11.65 45.54
N ASN B 111 -16.21 -11.71 44.65
CA ASN B 111 -17.56 -11.50 45.11
C ASN B 111 -17.86 -12.46 46.27
N ASP B 112 -17.34 -13.69 46.17
CA ASP B 112 -17.65 -14.79 47.10
C ASP B 112 -17.15 -14.62 48.52
N GLU B 113 -15.87 -14.29 48.70
CA GLU B 113 -15.40 -13.91 50.05
C GLU B 113 -16.31 -12.84 50.71
N GLN B 114 -17.17 -12.23 49.89
CA GLN B 114 -18.32 -11.41 50.32
C GLN B 114 -17.94 -10.02 50.81
N ASN B 115 -16.99 -9.37 50.11
CA ASN B 115 -16.85 -7.91 50.23
C ASN B 115 -16.35 -7.13 49.01
N LEU B 116 -16.71 -7.63 47.82
CA LEU B 116 -16.61 -6.83 46.61
C LEU B 116 -17.69 -5.75 46.69
N ALA B 117 -17.26 -4.52 46.86
CA ALA B 117 -18.16 -3.41 47.02
C ALA B 117 -18.36 -2.59 45.71
N GLY B 118 -17.71 -3.02 44.60
CA GLY B 118 -17.77 -2.32 43.29
C GLY B 118 -16.65 -2.68 42.28
N VAL B 119 -16.85 -2.34 41.02
CA VAL B 119 -15.80 -2.48 40.02
C VAL B 119 -15.72 -1.25 39.17
N ILE B 120 -14.52 -0.82 38.83
CA ILE B 120 -14.41 0.30 37.96
C ILE B 120 -13.23 0.01 37.02
N GLY B 121 -13.30 0.56 35.82
CA GLY B 121 -12.38 0.22 34.78
C GLY B 121 -12.40 1.29 33.73
N LEU B 122 -11.28 1.55 33.07
CA LEU B 122 -11.34 2.41 31.93
C LEU B 122 -10.87 1.67 30.73
N GLY B 123 -11.28 2.13 29.56
CA GLY B 123 -10.94 1.42 28.33
C GLY B 123 -11.54 1.95 27.05
N GLY B 124 -10.82 1.83 25.94
CA GLY B 124 -11.40 2.19 24.66
C GLY B 124 -12.14 0.98 24.15
N SER B 125 -12.28 0.91 22.83
CA SER B 125 -12.94 -0.21 22.17
C SER B 125 -12.67 -1.60 22.75
N GLY B 126 -11.47 -2.12 22.55
CA GLY B 126 -11.20 -3.49 23.00
C GLY B 126 -11.41 -3.67 24.48
N GLY B 127 -10.91 -2.73 25.28
CA GLY B 127 -11.03 -2.86 26.75
C GLY B 127 -12.49 -2.84 27.28
N THR B 128 -13.29 -1.90 26.76
CA THR B 128 -14.66 -1.77 27.15
C THR B 128 -15.29 -3.13 27.01
N SER B 129 -15.15 -3.68 25.81
CA SER B 129 -15.70 -4.99 25.53
C SER B 129 -15.20 -6.06 26.50
N LEU B 130 -13.95 -5.96 26.91
CA LEU B 130 -13.39 -6.93 27.84
C LEU B 130 -14.09 -6.83 29.21
N LEU B 131 -14.03 -5.63 29.77
CA LEU B 131 -14.62 -5.31 31.06
C LEU B 131 -16.14 -5.61 31.01
N SER B 132 -16.84 -5.00 30.06
CA SER B 132 -18.27 -5.21 29.91
C SER B 132 -18.59 -6.62 30.22
N SER B 133 -17.86 -7.52 29.60
CA SER B 133 -18.10 -8.94 29.75
C SER B 133 -17.88 -9.35 31.21
N ALA B 134 -16.79 -8.95 31.82
CA ALA B 134 -16.61 -9.33 33.19
C ALA B 134 -17.69 -8.72 34.08
N PHE B 135 -17.94 -7.44 33.90
CA PHE B 135 -18.71 -6.71 34.90
C PHE B 135 -20.15 -7.19 34.97
N ARG B 136 -20.78 -7.36 33.82
CA ARG B 136 -22.19 -7.66 33.80
C ARG B 136 -22.49 -9.11 34.14
N SER B 137 -21.58 -9.77 34.85
CA SER B 137 -21.85 -11.09 35.43
C SER B 137 -21.90 -10.89 36.91
N LEU B 138 -21.94 -9.64 37.32
CA LEU B 138 -22.01 -9.39 38.71
C LEU B 138 -23.47 -9.15 39.07
N PRO B 139 -23.84 -9.51 40.30
CA PRO B 139 -25.15 -9.19 40.84
C PRO B 139 -25.58 -7.78 40.52
N ILE B 140 -26.81 -7.64 40.04
CA ILE B 140 -27.39 -6.31 39.83
C ILE B 140 -27.28 -5.62 41.19
N GLY B 141 -26.79 -4.38 41.14
CA GLY B 141 -26.77 -3.55 42.32
C GLY B 141 -25.38 -3.23 42.77
N ILE B 142 -24.43 -4.14 42.57
CA ILE B 142 -23.03 -3.81 42.76
C ILE B 142 -22.65 -2.82 41.67
N PRO B 143 -22.01 -1.73 42.06
CA PRO B 143 -21.72 -0.65 41.14
C PRO B 143 -20.66 -1.01 40.10
N LYS B 144 -21.01 -0.88 38.83
CA LYS B 144 -20.19 -1.27 37.71
C LYS B 144 -19.98 -0.07 36.84
N VAL B 145 -18.75 0.43 36.76
CA VAL B 145 -18.48 1.59 35.93
C VAL B 145 -17.23 1.43 35.06
N ILE B 146 -17.31 1.98 33.86
CA ILE B 146 -16.23 2.00 32.93
C ILE B 146 -16.18 3.34 32.29
N ILE B 147 -15.09 4.06 32.44
CA ILE B 147 -14.85 5.23 31.58
C ILE B 147 -14.41 4.74 30.18
N SER B 148 -15.26 4.93 29.16
CA SER B 148 -15.06 4.34 27.82
C SER B 148 -15.11 5.34 26.67
N THR B 149 -14.17 5.20 25.75
CA THR B 149 -14.15 5.93 24.45
C THR B 149 -15.32 5.54 23.52
N VAL B 150 -15.87 4.34 23.68
CA VAL B 150 -17.01 3.93 22.89
C VAL B 150 -18.29 3.94 23.70
N ALA B 151 -18.44 4.88 24.63
CA ALA B 151 -19.73 5.01 25.32
C ALA B 151 -20.76 5.61 24.38
N SER B 152 -20.34 6.54 23.54
CA SER B 152 -21.27 7.41 22.79
C SER B 152 -21.70 6.86 21.47
N GLY B 153 -21.83 5.54 21.34
CA GLY B 153 -22.17 4.94 20.04
C GLY B 153 -23.22 3.89 20.17
N GLN B 154 -22.82 2.62 20.19
CA GLN B 154 -23.77 1.51 20.27
C GLN B 154 -23.30 0.66 21.43
N THR B 155 -24.14 0.53 22.43
CA THR B 155 -23.75 -0.03 23.71
C THR B 155 -24.43 -1.32 24.05
N GLU B 156 -25.33 -1.80 23.20
CA GLU B 156 -26.10 -3.00 23.56
C GLU B 156 -25.11 -4.10 23.89
N SER B 157 -24.15 -4.34 22.99
CA SER B 157 -23.20 -5.41 23.18
C SER B 157 -22.56 -5.37 24.55
N TYR B 158 -22.36 -4.17 25.07
CA TYR B 158 -21.62 -3.97 26.30
C TYR B 158 -22.49 -4.03 27.56
N ILE B 159 -23.55 -3.23 27.62
CA ILE B 159 -24.41 -3.17 28.79
C ILE B 159 -25.35 -4.38 28.85
N GLY B 160 -26.10 -4.57 27.77
CA GLY B 160 -27.09 -5.62 27.68
C GLY B 160 -28.20 -5.31 28.64
N THR B 161 -28.59 -6.31 29.43
CA THR B 161 -29.70 -6.19 30.38
C THR B 161 -29.20 -5.90 31.78
N SER B 162 -27.98 -5.43 31.89
CA SER B 162 -27.43 -5.21 33.21
C SER B 162 -27.56 -3.74 33.51
N ASP B 163 -27.09 -3.38 34.69
CA ASP B 163 -27.07 -2.02 35.14
C ASP B 163 -25.71 -1.36 34.97
N LEU B 164 -24.86 -1.86 34.07
CA LEU B 164 -23.54 -1.28 33.86
C LEU B 164 -23.63 0.12 33.28
N VAL B 165 -22.91 1.04 33.92
CA VAL B 165 -22.82 2.43 33.43
C VAL B 165 -21.55 2.55 32.57
N LEU B 166 -21.61 3.40 31.57
CA LEU B 166 -20.53 3.74 30.72
C LEU B 166 -20.43 5.26 30.71
N PHE B 167 -19.33 5.80 31.28
CA PHE B 167 -18.97 7.22 31.20
C PHE B 167 -18.18 7.56 29.91
N PRO B 168 -18.78 8.41 29.07
CA PRO B 168 -18.03 8.88 27.93
C PRO B 168 -16.74 9.55 28.36
N SER B 169 -15.62 9.21 27.69
CA SER B 169 -14.33 9.86 27.98
C SER B 169 -14.18 11.19 27.33
N VAL B 170 -14.93 11.45 26.26
CA VAL B 170 -14.94 12.75 25.57
C VAL B 170 -13.74 12.92 24.66
N VAL B 171 -12.55 12.80 25.22
CA VAL B 171 -11.33 12.69 24.45
C VAL B 171 -10.80 11.31 24.64
N ASP B 172 -9.76 10.98 23.90
CA ASP B 172 -9.18 9.67 23.95
C ASP B 172 -8.62 9.42 25.35
N ILE B 173 -8.34 8.15 25.69
CA ILE B 173 -7.57 7.82 26.90
C ILE B 173 -6.04 7.87 26.64
N CYS B 174 -5.50 9.07 26.64
CA CYS B 174 -4.06 9.24 26.51
C CYS B 174 -3.54 10.27 27.50
N GLY B 175 -3.23 9.78 28.69
CA GLY B 175 -2.65 10.59 29.73
C GLY B 175 -3.56 11.71 30.20
N ILE B 176 -3.11 12.26 31.29
CA ILE B 176 -3.91 13.16 32.03
C ILE B 176 -3.80 14.52 31.41
N ASN B 177 -4.92 15.12 31.02
CA ASN B 177 -4.98 16.52 30.59
C ASN B 177 -6.22 17.21 31.09
N ASN B 178 -6.15 18.53 31.18
CA ASN B 178 -7.30 19.38 31.07
C ASN B 178 -8.67 18.71 31.24
N VAL B 179 -8.93 17.77 30.34
CA VAL B 179 -10.22 17.18 30.14
C VAL B 179 -10.30 15.83 30.84
N SER B 180 -9.42 14.91 30.46
CA SER B 180 -9.39 13.63 31.14
C SER B 180 -9.39 13.79 32.67
N LYS B 181 -8.71 14.83 33.17
CA LYS B 181 -8.72 15.14 34.59
C LYS B 181 -10.16 15.29 35.11
N VAL B 182 -10.94 16.19 34.51
CA VAL B 182 -12.31 16.30 34.99
C VAL B 182 -13.09 15.02 34.69
N VAL B 183 -12.95 14.46 33.50
CA VAL B 183 -13.82 13.34 33.17
C VAL B 183 -13.58 12.18 34.10
N LEU B 184 -12.31 11.88 34.37
CA LEU B 184 -11.92 10.79 35.30
C LEU B 184 -12.27 11.14 36.75
N SER B 185 -12.16 12.42 37.10
CA SER B 185 -12.51 12.88 38.44
C SER B 185 -14.01 12.66 38.69
N ASN B 186 -14.81 13.11 37.74
CA ASN B 186 -16.24 12.87 37.84
C ASN B 186 -16.57 11.40 37.95
N ALA B 187 -15.97 10.55 37.13
CA ALA B 187 -16.37 9.13 37.23
C ALA B 187 -15.92 8.47 38.52
N GLY B 188 -14.87 8.97 39.15
CA GLY B 188 -14.42 8.39 40.42
C GLY B 188 -15.37 8.75 41.54
N ALA B 189 -15.62 10.04 41.66
CA ALA B 189 -16.72 10.57 42.43
C ALA B 189 -17.99 9.72 42.21
N ALA B 190 -18.35 9.48 40.96
CA ALA B 190 -19.58 8.75 40.66
C ALA B 190 -19.46 7.48 41.37
N PHE B 191 -18.40 6.77 41.06
CA PHE B 191 -18.24 5.42 41.62
C PHE B 191 -18.06 5.38 43.14
N ALA B 192 -17.40 6.37 43.72
CA ALA B 192 -17.20 6.35 45.18
C ALA B 192 -18.59 6.50 45.93
N GLY B 193 -19.36 7.51 45.52
CA GLY B 193 -20.70 7.73 46.00
C GLY B 193 -21.52 6.47 45.85
N MSE B 194 -21.48 5.81 44.72
CA MSE B 194 -22.29 4.60 44.59
C MSE B 194 -21.87 3.65 45.65
O MSE B 194 -22.69 3.12 46.33
CB MSE B 194 -22.13 3.86 43.27
CG MSE B 194 -22.78 4.70 42.18
SE MSE B 194 -22.28 4.01 40.39
CE MSE B 194 -23.53 2.51 40.43
N VAL B 195 -20.57 3.45 45.80
CA VAL B 195 -20.11 2.40 46.66
C VAL B 195 -20.33 2.66 48.14
N ILE B 196 -20.05 3.86 48.60
CA ILE B 196 -20.35 4.22 49.95
C ILE B 196 -21.85 4.15 50.20
N GLY B 197 -22.58 4.95 49.43
CA GLY B 197 -24.03 5.04 49.55
C GLY B 197 -24.63 3.68 49.77
N ARG B 198 -24.12 2.65 49.13
CA ARG B 198 -24.70 1.32 49.22
C ARG B 198 -24.14 0.56 50.46
N LEU B 199 -22.94 0.94 50.89
CA LEU B 199 -22.42 0.42 52.12
C LEU B 199 -23.11 0.99 53.34
N GLU B 200 -23.62 2.21 53.23
CA GLU B 200 -24.15 2.90 54.38
C GLU B 200 -25.69 2.85 54.48
N SER B 201 -26.29 1.67 54.27
CA SER B 201 -27.76 1.56 54.31
C SER B 201 -28.25 0.34 55.10
N ASN B 209 -35.88 -5.99 49.90
CA ASN B 209 -37.27 -5.74 49.52
C ASN B 209 -38.28 -5.99 50.67
N GLY B 210 -39.56 -5.91 50.33
CA GLY B 210 -40.63 -6.38 51.21
C GLY B 210 -41.52 -7.42 50.54
N LYS B 211 -42.03 -7.07 49.36
CA LYS B 211 -43.06 -7.89 48.70
C LYS B 211 -42.48 -9.10 47.95
N PHE B 212 -43.41 -9.92 47.47
CA PHE B 212 -43.13 -10.99 46.55
C PHE B 212 -43.33 -10.42 45.15
N THR B 213 -42.26 -10.28 44.37
CA THR B 213 -42.42 -9.83 42.97
C THR B 213 -42.49 -11.05 42.08
N VAL B 214 -43.45 -11.02 41.15
CA VAL B 214 -43.57 -12.05 40.15
C VAL B 214 -43.15 -11.30 38.91
N GLY B 215 -42.92 -12.01 37.80
CA GLY B 215 -42.59 -11.39 36.51
C GLY B 215 -43.35 -12.15 35.45
N VAL B 216 -43.78 -11.46 34.39
CA VAL B 216 -44.71 -11.98 33.40
C VAL B 216 -44.27 -11.47 32.06
N THR B 217 -44.55 -12.21 30.99
CA THR B 217 -43.94 -11.89 29.70
C THR B 217 -45.06 -11.61 28.77
N MSE B 218 -44.96 -10.53 28.00
CA MSE B 218 -46.09 -9.97 27.26
C MSE B 218 -45.72 -9.70 25.84
O MSE B 218 -44.54 -9.60 25.49
CB MSE B 218 -46.46 -8.68 27.99
CG MSE B 218 -47.50 -7.74 27.32
SE MSE B 218 -46.68 -6.42 26.10
CE MSE B 218 -45.39 -5.64 27.38
N PHE B 219 -46.73 -9.58 25.00
CA PHE B 219 -46.55 -9.11 23.62
C PHE B 219 -47.79 -8.30 23.30
N GLY B 220 -47.70 -7.36 22.36
CA GLY B 220 -48.91 -6.61 21.94
C GLY B 220 -50.12 -7.52 21.91
N VAL B 221 -50.01 -8.61 21.17
CA VAL B 221 -51.14 -9.47 20.91
C VAL B 221 -51.52 -10.44 22.06
N THR B 222 -51.05 -10.20 23.30
CA THR B 222 -51.35 -11.11 24.45
C THR B 222 -51.64 -10.40 25.80
N THR B 223 -51.94 -9.09 25.71
CA THR B 223 -52.16 -8.22 26.87
C THR B 223 -53.48 -8.43 27.60
N PRO B 224 -54.58 -8.63 26.84
CA PRO B 224 -55.78 -9.14 27.53
C PRO B 224 -55.42 -10.14 28.62
N CYS B 225 -54.72 -11.19 28.23
CA CYS B 225 -54.28 -12.20 29.17
C CYS B 225 -53.40 -11.59 30.21
N VAL B 226 -52.35 -10.86 29.79
CA VAL B 226 -51.38 -10.42 30.80
C VAL B 226 -51.93 -9.34 31.72
N ASN B 227 -52.72 -8.42 31.15
CA ASN B 227 -53.30 -7.28 31.91
C ASN B 227 -54.15 -7.82 33.06
N ALA B 228 -55.07 -8.70 32.65
CA ALA B 228 -55.89 -9.47 33.57
C ALA B 228 -55.05 -10.08 34.71
N VAL B 229 -54.00 -10.84 34.34
CA VAL B 229 -53.22 -11.57 35.34
C VAL B 229 -52.48 -10.59 36.26
N LYS B 230 -51.96 -9.52 35.67
CA LYS B 230 -51.32 -8.45 36.47
C LYS B 230 -52.30 -7.87 37.49
N GLU B 231 -53.53 -7.63 37.02
CA GLU B 231 -54.62 -7.15 37.87
C GLU B 231 -54.80 -8.06 39.07
N ARG B 232 -55.27 -9.28 38.77
CA ARG B 232 -55.48 -10.27 39.79
C ARG B 232 -54.28 -10.32 40.74
N LEU B 233 -53.08 -10.50 40.18
CA LEU B 233 -51.85 -10.61 40.96
C LEU B 233 -51.71 -9.49 41.99
N VAL B 234 -51.91 -8.26 41.52
CA VAL B 234 -51.88 -7.08 42.39
C VAL B 234 -52.85 -7.20 43.56
N LYS B 235 -54.07 -7.67 43.27
CA LYS B 235 -55.12 -7.78 44.29
C LYS B 235 -54.86 -8.93 45.25
N GLU B 236 -54.19 -9.97 44.78
CA GLU B 236 -53.79 -11.08 45.65
C GLU B 236 -52.66 -10.68 46.60
N GLY B 237 -51.99 -9.56 46.33
CA GLY B 237 -50.93 -9.02 47.21
C GLY B 237 -49.51 -9.05 46.63
N TYR B 238 -49.39 -9.54 45.40
CA TYR B 238 -48.09 -9.78 44.79
C TYR B 238 -47.75 -8.59 43.88
N GLU B 239 -46.46 -8.26 43.78
CA GLU B 239 -46.02 -7.16 42.91
C GLU B 239 -45.55 -7.69 41.53
N THR B 240 -45.56 -6.84 40.51
CA THR B 240 -45.41 -7.32 39.14
C THR B 240 -44.32 -6.65 38.30
N LEU B 241 -43.75 -7.42 37.36
CA LEU B 241 -42.79 -6.92 36.41
C LEU B 241 -43.06 -7.52 35.04
N VAL B 242 -43.71 -6.77 34.18
CA VAL B 242 -44.06 -7.25 32.86
C VAL B 242 -42.84 -7.08 31.95
N PHE B 243 -42.61 -8.06 31.06
CA PHE B 243 -41.47 -7.99 30.14
C PHE B 243 -41.97 -8.14 28.75
N HIS B 244 -41.54 -7.24 27.89
CA HIS B 244 -41.93 -7.33 26.50
C HIS B 244 -41.00 -8.32 25.85
N ALA B 245 -41.53 -9.50 25.55
CA ALA B 245 -40.75 -10.66 25.07
C ALA B 245 -40.03 -10.43 23.74
N THR B 246 -38.88 -9.79 23.86
CA THR B 246 -38.07 -9.35 22.76
C THR B 246 -36.75 -10.09 22.73
N GLY B 247 -36.63 -11.09 23.60
CA GLY B 247 -35.43 -11.89 23.67
C GLY B 247 -34.66 -11.33 24.81
N VAL B 248 -34.19 -10.10 24.65
CA VAL B 248 -33.62 -9.33 25.76
C VAL B 248 -34.62 -9.33 26.90
N GLY B 249 -35.88 -9.03 26.56
CA GLY B 249 -36.95 -9.01 27.55
C GLY B 249 -36.94 -10.26 28.40
N GLY B 250 -36.87 -11.39 27.72
CA GLY B 250 -36.92 -12.67 28.39
C GLY B 250 -35.73 -12.76 29.27
N ARG B 251 -34.55 -12.58 28.68
CA ARG B 251 -33.27 -12.69 29.37
C ARG B 251 -33.15 -11.74 30.56
N ALA B 252 -33.62 -10.52 30.41
CA ALA B 252 -33.73 -9.60 31.55
C ALA B 252 -34.41 -10.26 32.74
N MSE B 253 -35.58 -10.86 32.48
CA MSE B 253 -36.37 -11.51 33.53
C MSE B 253 -35.57 -12.53 34.26
O MSE B 253 -35.52 -12.55 35.48
CB MSE B 253 -37.56 -12.23 32.94
CG MSE B 253 -38.50 -12.71 34.04
SE MSE B 253 -40.24 -13.20 33.25
CE MSE B 253 -39.54 -14.27 31.75
N GLU B 254 -34.90 -13.39 33.51
CA GLU B 254 -34.19 -14.51 34.09
C GLU B 254 -32.99 -14.01 34.87
N ASP B 255 -32.35 -12.94 34.36
CA ASP B 255 -31.18 -12.34 35.03
C ASP B 255 -31.57 -11.61 36.34
N LEU B 256 -32.84 -11.20 36.48
CA LEU B 256 -33.33 -10.68 37.77
C LEU B 256 -33.83 -11.77 38.71
N VAL B 257 -34.43 -12.84 38.16
CA VAL B 257 -34.76 -13.98 39.03
C VAL B 257 -33.45 -14.52 39.53
N ARG B 258 -32.54 -14.82 38.61
CA ARG B 258 -31.24 -15.37 39.02
C ARG B 258 -30.59 -14.51 40.09
N GLY B 259 -30.65 -13.19 39.87
CA GLY B 259 -30.16 -12.20 40.82
C GLY B 259 -30.77 -12.43 42.18
N GLY B 260 -32.09 -12.64 42.21
CA GLY B 260 -32.86 -12.90 43.43
C GLY B 260 -33.91 -11.82 43.67
N PHE B 261 -34.50 -11.29 42.60
CA PHE B 261 -35.44 -10.20 42.70
C PHE B 261 -36.87 -10.65 42.38
N ILE B 262 -36.98 -11.61 41.46
CA ILE B 262 -38.27 -12.07 40.96
C ILE B 262 -38.51 -13.47 41.53
N GLN B 263 -39.53 -13.62 42.39
CA GLN B 263 -39.71 -14.86 43.16
C GLN B 263 -40.70 -15.88 42.54
N GLY B 264 -41.24 -15.58 41.36
CA GLY B 264 -42.05 -16.52 40.59
C GLY B 264 -42.27 -15.94 39.20
N VAL B 265 -42.64 -16.75 38.22
CA VAL B 265 -42.84 -16.22 36.88
C VAL B 265 -44.09 -16.82 36.30
N LEU B 266 -44.75 -16.08 35.42
CA LEU B 266 -45.83 -16.58 34.62
C LEU B 266 -45.50 -16.31 33.15
N ASP B 267 -44.82 -17.24 32.50
CA ASP B 267 -44.23 -16.98 31.17
C ASP B 267 -45.29 -17.12 30.11
N ILE B 268 -46.29 -16.25 30.18
CA ILE B 268 -47.43 -16.28 29.27
C ILE B 268 -46.95 -16.31 27.83
N THR B 269 -45.96 -15.48 27.52
CA THR B 269 -45.57 -15.31 26.13
C THR B 269 -44.20 -15.91 25.90
N THR B 270 -44.18 -16.91 25.05
CA THR B 270 -42.98 -17.67 24.81
C THR B 270 -42.61 -17.60 23.34
N THR B 271 -43.18 -16.63 22.62
CA THR B 271 -42.85 -16.36 21.21
C THR B 271 -41.36 -16.32 20.97
N GLU B 272 -40.60 -15.70 21.88
CA GLU B 272 -39.13 -15.64 21.79
CA GLU B 272 -39.14 -15.64 21.73
C GLU B 272 -38.53 -17.00 21.36
N VAL B 273 -39.09 -18.09 21.92
CA VAL B 273 -38.69 -19.44 21.52
C VAL B 273 -38.89 -19.67 20.03
N ALA B 274 -39.95 -19.16 19.47
CA ALA B 274 -40.25 -19.41 18.07
C ALA B 274 -39.22 -18.72 17.19
N ASP B 275 -38.93 -17.46 17.52
CA ASP B 275 -37.93 -16.67 16.80
C ASP B 275 -36.56 -17.36 16.83
N TYR B 276 -36.41 -18.34 17.71
CA TYR B 276 -35.14 -19.04 17.91
C TYR B 276 -35.05 -20.25 17.01
N VAL B 277 -36.05 -21.12 17.07
CA VAL B 277 -36.01 -22.35 16.26
C VAL B 277 -36.20 -22.10 14.77
N VAL B 278 -36.73 -20.96 14.35
CA VAL B 278 -36.84 -20.63 12.93
C VAL B 278 -35.98 -19.43 12.53
N GLY B 279 -35.52 -18.66 13.52
CA GLY B 279 -34.54 -17.63 13.28
C GLY B 279 -35.18 -16.29 12.98
N GLY B 280 -35.97 -15.79 13.92
CA GLY B 280 -36.56 -14.46 13.81
C GLY B 280 -35.62 -13.40 14.33
N VAL B 281 -36.09 -12.15 14.34
CA VAL B 281 -35.26 -11.04 14.77
C VAL B 281 -35.34 -10.73 16.31
N MSE B 282 -36.07 -11.56 17.06
CA MSE B 282 -36.23 -11.41 18.55
C MSE B 282 -36.17 -12.74 19.24
O MSE B 282 -37.07 -13.08 20.03
CB MSE B 282 -37.57 -10.82 18.94
CG MSE B 282 -37.57 -9.36 18.56
SE MSE B 282 -39.32 -8.57 18.90
CE MSE B 282 -39.54 -7.69 17.14
N ALA B 283 -35.11 -13.50 18.97
CA ALA B 283 -34.97 -14.85 19.48
C ALA B 283 -34.44 -14.88 20.89
N CYS B 284 -34.88 -15.87 21.65
CA CYS B 284 -34.21 -16.19 22.87
C CYS B 284 -33.01 -17.04 22.47
N ASP B 285 -32.05 -17.18 23.35
CA ASP B 285 -30.95 -18.08 23.09
C ASP B 285 -31.30 -19.41 23.74
N SER B 286 -30.43 -20.42 23.54
CA SER B 286 -30.73 -21.81 23.90
C SER B 286 -30.85 -22.10 25.39
N SER B 287 -30.64 -21.09 26.23
CA SER B 287 -30.68 -21.23 27.69
C SER B 287 -32.02 -20.85 28.32
N ARG B 288 -33.00 -20.56 27.48
CA ARG B 288 -34.31 -20.14 27.95
C ARG B 288 -34.88 -21.13 28.96
N PHE B 289 -35.21 -20.62 30.15
CA PHE B 289 -35.86 -21.36 31.25
C PHE B 289 -34.91 -21.86 32.32
N ASP B 290 -33.65 -22.10 31.97
CA ASP B 290 -32.72 -22.74 32.92
C ASP B 290 -32.67 -21.97 34.22
N ALA B 291 -32.49 -20.66 34.08
CA ALA B 291 -32.25 -19.81 35.24
C ALA B 291 -33.41 -19.99 36.24
N ILE B 292 -34.65 -19.93 35.74
CA ILE B 292 -35.86 -20.14 36.57
C ILE B 292 -35.84 -21.48 37.27
N LEU B 293 -35.62 -22.53 36.48
CA LEU B 293 -35.63 -23.92 37.01
C LEU B 293 -34.48 -24.12 38.00
N GLU B 294 -33.30 -23.62 37.66
CA GLU B 294 -32.16 -23.66 38.58
C GLU B 294 -32.50 -23.00 39.94
N LYS B 295 -33.26 -21.91 39.92
CA LYS B 295 -33.68 -21.22 41.15
C LYS B 295 -34.93 -21.81 41.79
N LYS B 296 -35.51 -22.85 41.19
CA LYS B 296 -36.59 -23.64 41.80
C LYS B 296 -37.73 -22.77 42.34
N ILE B 297 -38.30 -21.97 41.45
CA ILE B 297 -39.34 -21.00 41.82
C ILE B 297 -40.61 -21.21 40.98
N PRO B 298 -41.79 -20.85 41.54
CA PRO B 298 -43.09 -21.18 40.94
C PRO B 298 -43.14 -20.73 39.52
N LEU B 299 -43.49 -21.61 38.59
CA LEU B 299 -43.39 -21.28 37.16
C LEU B 299 -44.60 -21.75 36.34
N VAL B 300 -45.73 -21.02 36.37
CA VAL B 300 -46.77 -21.32 35.37
C VAL B 300 -46.32 -20.82 34.03
N LEU B 301 -46.69 -21.48 32.94
CA LEU B 301 -46.14 -21.14 31.61
C LEU B 301 -47.21 -21.35 30.53
N SER B 302 -47.00 -20.83 29.31
CA SER B 302 -47.95 -20.97 28.22
C SER B 302 -47.39 -20.63 26.84
N VAL B 303 -48.25 -20.74 25.83
CA VAL B 303 -47.83 -20.59 24.43
C VAL B 303 -48.05 -19.18 23.84
N GLY B 304 -48.24 -18.22 24.74
CA GLY B 304 -48.27 -16.83 24.36
C GLY B 304 -47.46 -16.55 23.12
N ALA B 305 -48.19 -16.39 22.02
CA ALA B 305 -47.69 -15.82 20.78
C ALA B 305 -46.78 -16.77 19.97
N LEU B 306 -46.89 -18.08 20.24
CA LEU B 306 -46.12 -19.07 19.47
C LEU B 306 -46.49 -19.09 18.00
N ASP B 307 -47.62 -18.49 17.66
CA ASP B 307 -48.09 -18.42 16.28
C ASP B 307 -47.25 -17.56 15.34
N MSE B 308 -46.43 -16.66 15.88
CA MSE B 308 -45.61 -15.76 15.02
C MSE B 308 -44.11 -15.73 15.29
O MSE B 308 -43.65 -15.84 16.44
CB MSE B 308 -46.13 -14.33 15.09
CG MSE B 308 -45.78 -13.57 16.36
SE MSE B 308 -47.19 -12.26 16.79
CE MSE B 308 -48.13 -13.37 18.10
N VAL B 309 -43.35 -15.59 14.21
CA VAL B 309 -41.95 -15.24 14.30
C VAL B 309 -41.80 -13.84 13.71
N ASN B 310 -40.87 -13.06 14.24
CA ASN B 310 -40.77 -11.63 13.91
C ASN B 310 -39.65 -11.32 12.91
N PHE B 311 -39.89 -10.29 12.10
CA PHE B 311 -38.84 -9.68 11.26
C PHE B 311 -39.20 -8.19 11.02
N GLY B 312 -38.67 -7.65 9.92
CA GLY B 312 -39.23 -6.46 9.25
C GLY B 312 -38.12 -5.52 8.81
N PRO B 313 -38.28 -4.81 7.67
CA PRO B 313 -39.33 -4.86 6.66
C PRO B 313 -39.14 -6.00 5.65
N LYS B 314 -40.03 -6.06 4.66
CA LYS B 314 -40.21 -7.23 3.78
C LYS B 314 -38.94 -7.83 3.19
N THR B 315 -38.07 -6.98 2.65
CA THR B 315 -36.95 -7.45 1.81
C THR B 315 -35.77 -7.98 2.63
N THR B 316 -35.64 -7.54 3.88
CA THR B 316 -34.65 -8.11 4.78
C THR B 316 -35.11 -9.47 5.30
N ILE B 317 -36.40 -9.77 5.17
CA ILE B 317 -36.89 -11.13 5.42
C ILE B 317 -36.13 -12.03 4.47
N PRO B 318 -35.52 -13.10 5.00
CA PRO B 318 -34.76 -14.01 4.15
C PRO B 318 -35.58 -14.57 2.94
N PRO B 319 -34.90 -14.83 1.79
CA PRO B 319 -35.58 -15.43 0.63
C PRO B 319 -35.90 -16.92 0.72
N GLU B 320 -35.82 -17.51 1.92
CA GLU B 320 -36.20 -18.90 2.13
C GLU B 320 -37.70 -19.04 2.38
N PHE B 321 -38.40 -17.92 2.51
CA PHE B 321 -39.83 -17.96 2.82
C PHE B 321 -40.47 -16.64 2.45
N GLN B 322 -40.23 -16.22 1.21
CA GLN B 322 -40.98 -15.13 0.62
C GLN B 322 -42.31 -15.68 0.09
N GLN B 323 -42.68 -16.88 0.55
CA GLN B 323 -43.96 -17.52 0.22
C GLN B 323 -44.53 -18.18 1.48
N ARG B 324 -44.87 -17.34 2.46
CA ARG B 324 -45.46 -17.79 3.72
C ARG B 324 -46.54 -16.78 4.12
N LYS B 325 -47.23 -17.02 5.24
CA LYS B 325 -48.25 -16.08 5.74
C LYS B 325 -47.63 -14.96 6.59
N ILE B 326 -47.34 -13.82 5.94
CA ILE B 326 -46.78 -12.64 6.59
C ILE B 326 -47.88 -11.60 6.88
N HIS B 327 -47.66 -10.72 7.86
CA HIS B 327 -48.64 -9.71 8.24
C HIS B 327 -47.92 -8.45 8.58
N GLU B 328 -47.60 -7.64 7.56
CA GLU B 328 -46.80 -6.42 7.77
C GLU B 328 -47.48 -5.55 8.83
N HIS B 329 -46.86 -5.46 10.01
CA HIS B 329 -47.41 -4.71 11.13
C HIS B 329 -47.02 -3.27 11.01
N ASN B 330 -45.76 -3.04 10.63
CA ASN B 330 -45.26 -1.71 10.29
C ASN B 330 -44.32 -1.81 9.11
N GLU B 331 -43.93 -0.67 8.55
CA GLU B 331 -42.71 -0.60 7.72
C GLU B 331 -41.60 -1.31 8.49
N GLN B 332 -41.46 -0.90 9.75
CA GLN B 332 -40.43 -1.41 10.65
C GLN B 332 -40.49 -2.92 10.85
N VAL B 333 -41.50 -3.42 11.57
CA VAL B 333 -41.58 -4.88 11.86
C VAL B 333 -42.53 -5.63 10.92
N SER B 334 -42.25 -6.91 10.73
CA SER B 334 -43.13 -7.81 9.97
C SER B 334 -43.20 -9.17 10.66
N LEU B 335 -44.42 -9.68 10.82
CA LEU B 335 -44.66 -10.95 11.51
C LEU B 335 -44.86 -12.05 10.46
N MSE B 336 -44.50 -13.29 10.81
CA MSE B 336 -44.68 -14.48 9.96
C MSE B 336 -45.29 -15.61 10.76
O MSE B 336 -44.81 -15.94 11.85
CB MSE B 336 -43.36 -14.92 9.33
CG MSE B 336 -43.50 -16.05 8.31
SE MSE B 336 -41.75 -16.92 7.99
CE MSE B 336 -41.29 -15.95 6.34
N ARG B 337 -46.33 -16.21 10.18
CA ARG B 337 -47.17 -17.23 10.85
C ARG B 337 -46.44 -18.57 10.91
N THR B 338 -46.36 -19.14 12.10
CA THR B 338 -45.64 -20.40 12.30
C THR B 338 -46.40 -21.55 11.68
N THR B 339 -45.75 -22.31 10.81
CA THR B 339 -46.31 -23.53 10.26
C THR B 339 -46.51 -24.60 11.34
N VAL B 340 -47.26 -25.63 10.97
CA VAL B 340 -47.61 -26.71 11.89
C VAL B 340 -46.34 -27.41 12.35
N GLY B 341 -45.42 -27.58 11.39
CA GLY B 341 -44.19 -28.30 11.61
C GLY B 341 -43.30 -27.54 12.57
N GLU B 342 -43.29 -26.23 12.40
CA GLU B 342 -42.50 -25.38 13.27
C GLU B 342 -43.02 -25.44 14.71
N ASN B 343 -44.33 -25.42 14.89
CA ASN B 343 -44.90 -25.51 16.24
C ASN B 343 -44.53 -26.81 16.91
N LYS B 344 -44.36 -27.86 16.10
CA LYS B 344 -43.96 -29.17 16.59
C LYS B 344 -42.59 -29.04 17.24
N LYS B 345 -41.69 -28.35 16.53
CA LYS B 345 -40.38 -28.04 17.08
C LYS B 345 -40.41 -27.19 18.38
N PHE B 346 -41.38 -26.26 18.51
CA PHE B 346 -41.48 -25.40 19.71
C PHE B 346 -41.81 -26.23 20.92
N ALA B 347 -42.64 -27.25 20.69
CA ALA B 347 -43.04 -28.18 21.72
C ALA B 347 -41.86 -29.04 22.22
N ALA B 348 -40.88 -29.28 21.35
CA ALA B 348 -39.67 -29.95 21.75
C ALA B 348 -38.95 -29.09 22.79
N PHE B 349 -38.39 -27.97 22.33
CA PHE B 349 -37.54 -27.08 23.15
C PHE B 349 -38.08 -26.93 24.56
N ILE B 350 -39.39 -26.67 24.65
CA ILE B 350 -39.99 -26.27 25.91
C ILE B 350 -40.11 -27.45 26.85
N ALA B 351 -40.50 -28.58 26.26
CA ALA B 351 -40.68 -29.83 26.99
C ALA B 351 -39.33 -30.33 27.52
N GLU B 352 -38.34 -30.33 26.63
CA GLU B 352 -36.97 -30.65 27.02
C GLU B 352 -36.65 -29.98 28.35
N LYS B 353 -36.66 -28.66 28.35
CA LYS B 353 -36.29 -27.87 29.52
C LYS B 353 -37.24 -28.15 30.70
N LEU B 354 -38.52 -28.37 30.38
CA LEU B 354 -39.52 -28.53 31.42
C LEU B 354 -39.33 -29.83 32.18
N ASN B 355 -39.04 -30.89 31.43
CA ASN B 355 -38.87 -32.25 31.99
C ASN B 355 -37.71 -32.39 32.98
N LYS B 356 -36.75 -31.46 32.93
CA LYS B 356 -35.66 -31.40 33.92
C LYS B 356 -36.09 -30.66 35.20
N ALA B 357 -37.40 -30.56 35.44
CA ALA B 357 -37.91 -29.64 36.44
C ALA B 357 -37.64 -30.16 37.85
N SER B 358 -36.77 -29.45 38.56
CA SER B 358 -36.40 -29.78 39.95
C SER B 358 -37.48 -29.45 40.98
N SER B 359 -38.48 -28.64 40.61
CA SER B 359 -39.68 -28.37 41.47
C SER B 359 -40.94 -27.97 40.64
N SER B 360 -42.04 -27.66 41.34
CA SER B 360 -43.38 -27.49 40.73
C SER B 360 -43.48 -26.56 39.50
N VAL B 361 -44.38 -26.92 38.60
CA VAL B 361 -44.58 -26.23 37.34
C VAL B 361 -46.03 -26.44 36.92
N CYS B 362 -46.50 -25.67 35.92
CA CYS B 362 -47.79 -25.93 35.35
C CYS B 362 -47.97 -25.28 33.99
N VAL B 363 -48.02 -26.09 32.93
CA VAL B 363 -48.40 -25.56 31.63
C VAL B 363 -49.92 -25.37 31.58
N CYS B 364 -50.37 -24.43 30.75
CA CYS B 364 -51.78 -24.07 30.58
C CYS B 364 -51.97 -23.63 29.13
N LEU B 365 -52.73 -24.39 28.33
CA LEU B 365 -52.83 -24.11 26.89
C LEU B 365 -54.20 -23.54 26.49
N PRO B 366 -54.19 -22.49 25.66
CA PRO B 366 -55.41 -22.06 25.01
C PRO B 366 -55.61 -22.89 23.75
N GLU B 367 -56.75 -23.56 23.64
CA GLU B 367 -56.98 -24.44 22.50
C GLU B 367 -57.34 -23.68 21.23
N LYS B 368 -58.25 -22.72 21.33
CA LYS B 368 -58.76 -22.06 20.13
C LYS B 368 -57.68 -21.24 19.43
N GLY B 369 -56.94 -20.44 20.20
CA GLY B 369 -55.85 -19.63 19.65
C GLY B 369 -54.86 -19.05 20.65
N VAL B 370 -53.65 -18.74 20.16
CA VAL B 370 -52.52 -18.33 21.04
C VAL B 370 -52.20 -16.82 20.99
N SER B 371 -52.91 -16.07 20.15
CA SER B 371 -52.61 -14.67 19.92
C SER B 371 -53.77 -13.92 19.26
N ALA B 372 -54.03 -12.69 19.73
CA ALA B 372 -54.93 -11.75 19.07
C ALA B 372 -55.11 -12.05 17.58
N LEU B 373 -53.99 -12.27 16.88
CA LEU B 373 -54.04 -12.65 15.46
C LEU B 373 -54.40 -14.13 15.20
N ASP B 374 -54.03 -15.05 16.09
CA ASP B 374 -54.51 -16.44 15.99
C ASP B 374 -55.86 -16.48 16.69
N ALA B 375 -56.86 -15.94 16.00
CA ALA B 375 -58.20 -15.77 16.56
C ALA B 375 -59.24 -16.24 15.55
N PRO B 376 -60.31 -16.89 16.02
CA PRO B 376 -61.42 -17.19 15.10
C PRO B 376 -61.77 -15.97 14.23
N GLY B 377 -61.56 -16.07 12.92
CA GLY B 377 -61.84 -14.98 11.97
C GLY B 377 -60.65 -14.14 11.54
N LYS B 378 -59.65 -14.02 12.41
CA LYS B 378 -58.50 -13.11 12.22
C LYS B 378 -57.38 -13.70 11.32
N ASP B 379 -56.32 -12.91 11.07
CA ASP B 379 -55.36 -13.17 9.98
C ASP B 379 -54.45 -14.40 10.17
N PHE B 380 -54.07 -14.69 11.42
CA PHE B 380 -53.15 -15.80 11.70
C PHE B 380 -53.86 -16.97 12.36
N TYR B 381 -55.18 -17.08 12.15
CA TYR B 381 -55.94 -18.15 12.78
C TYR B 381 -55.58 -19.49 12.19
N ASP B 382 -55.37 -20.46 13.08
CA ASP B 382 -55.10 -21.82 12.67
C ASP B 382 -55.15 -22.65 13.94
N PRO B 383 -56.24 -23.42 14.12
CA PRO B 383 -56.33 -24.31 15.29
C PRO B 383 -55.70 -25.67 15.02
N GLU B 384 -55.42 -25.97 13.74
CA GLU B 384 -54.74 -27.19 13.36
C GLU B 384 -53.33 -27.08 13.92
N ALA B 385 -52.74 -25.91 13.69
CA ALA B 385 -51.54 -25.50 14.40
C ALA B 385 -51.75 -25.60 15.92
N THR B 386 -52.56 -24.71 16.50
CA THR B 386 -52.60 -24.59 17.96
C THR B 386 -53.27 -25.76 18.68
N SER B 387 -53.59 -26.81 17.93
CA SER B 387 -54.00 -28.09 18.50
C SER B 387 -52.79 -29.04 18.53
N CYS B 388 -52.08 -29.11 17.40
CA CYS B 388 -50.79 -29.81 17.27
C CYS B 388 -49.87 -29.41 18.42
N LEU B 389 -49.70 -28.10 18.57
CA LEU B 389 -48.91 -27.51 19.65
C LEU B 389 -49.45 -27.88 21.03
N THR B 390 -50.76 -27.96 21.16
CA THR B 390 -51.39 -28.31 22.44
C THR B 390 -51.20 -29.78 22.80
N ARG B 391 -51.39 -30.67 21.83
CA ARG B 391 -51.24 -32.11 22.05
C ARG B 391 -49.78 -32.45 22.30
N GLU B 392 -48.96 -32.03 21.33
CA GLU B 392 -47.51 -32.26 21.34
C GLU B 392 -46.88 -32.05 22.71
N LEU B 393 -47.30 -30.99 23.38
CA LEU B 393 -46.84 -30.66 24.72
C LEU B 393 -47.60 -31.40 25.82
N GLN B 394 -48.82 -31.82 25.51
CA GLN B 394 -49.57 -32.64 26.45
C GLN B 394 -48.88 -34.00 26.53
N MSE B 395 -48.51 -34.53 25.36
CA MSE B 395 -47.80 -35.82 25.26
C MSE B 395 -46.40 -35.70 25.77
O MSE B 395 -46.01 -36.44 26.68
CB MSE B 395 -47.74 -36.36 23.83
CG MSE B 395 -47.15 -37.78 23.75
SE MSE B 395 -45.67 -37.83 22.45
CE MSE B 395 -44.40 -38.97 23.45
N LEU B 396 -45.61 -34.78 25.21
CA LEU B 396 -44.20 -34.65 25.58
C LEU B 396 -43.99 -34.45 27.07
N LEU B 397 -44.96 -33.86 27.77
CA LEU B 397 -44.84 -33.64 29.21
C LEU B 397 -45.60 -34.69 30.00
N GLU B 398 -46.29 -35.58 29.29
CA GLU B 398 -47.20 -36.57 29.88
C GLU B 398 -46.63 -37.28 31.12
N ASN B 399 -45.39 -37.74 30.97
CA ASN B 399 -44.72 -38.51 32.04
C ASN B 399 -44.47 -37.67 33.30
N ASN B 400 -43.93 -36.46 33.12
CA ASN B 400 -43.42 -35.61 34.24
C ASN B 400 -44.41 -35.32 35.36
N GLU B 401 -43.98 -35.63 36.58
CA GLU B 401 -44.80 -35.56 37.78
C GLU B 401 -45.11 -34.12 38.13
N ARG B 402 -44.05 -33.34 38.36
CA ARG B 402 -44.16 -31.97 38.90
C ARG B 402 -44.99 -31.05 37.95
N CYS B 403 -44.40 -30.76 36.79
CA CYS B 403 -45.11 -30.20 35.65
C CYS B 403 -46.48 -30.82 35.44
N GLN B 404 -47.51 -30.19 35.98
CA GLN B 404 -48.90 -30.47 35.56
C GLN B 404 -49.12 -29.97 34.11
N VAL B 405 -50.22 -30.35 33.48
CA VAL B 405 -50.68 -29.73 32.25
C VAL B 405 -52.20 -29.53 32.29
N LYS B 406 -52.67 -28.45 31.68
CA LYS B 406 -54.09 -28.10 31.63
C LYS B 406 -54.40 -27.57 30.26
N VAL B 407 -54.88 -28.43 29.38
CA VAL B 407 -55.48 -27.96 28.14
C VAL B 407 -56.82 -27.37 28.52
N LEU B 408 -57.17 -26.25 27.90
CA LEU B 408 -58.37 -25.51 28.27
C LEU B 408 -59.08 -25.01 27.00
N PRO B 409 -60.45 -25.00 27.03
CA PRO B 409 -61.31 -24.81 25.86
C PRO B 409 -61.51 -23.34 25.48
N TYR B 410 -60.43 -22.57 25.56
CA TYR B 410 -60.50 -21.13 25.40
C TYR B 410 -59.48 -20.63 24.39
N HIS B 411 -59.52 -19.31 24.20
CA HIS B 411 -58.49 -18.54 23.52
C HIS B 411 -57.74 -17.86 24.62
N ILE B 412 -56.48 -17.56 24.32
CA ILE B 412 -55.49 -17.08 25.28
C ILE B 412 -55.87 -15.75 25.96
N ASN B 413 -56.59 -14.91 25.22
CA ASN B 413 -56.99 -13.57 25.67
C ASN B 413 -58.26 -13.58 26.55
N ASP B 414 -59.11 -14.59 26.36
CA ASP B 414 -60.31 -14.76 27.18
C ASP B 414 -59.89 -14.72 28.64
N ALA B 415 -60.42 -13.76 29.38
CA ALA B 415 -60.00 -13.52 30.75
C ALA B 415 -60.29 -14.70 31.69
N GLU B 416 -61.05 -15.68 31.21
CA GLU B 416 -61.23 -16.92 31.98
C GLU B 416 -59.92 -17.76 31.99
N PHE B 417 -59.17 -17.72 30.89
CA PHE B 417 -57.81 -18.28 30.82
C PHE B 417 -56.98 -17.64 31.94
N ALA B 418 -56.77 -16.33 31.84
CA ALA B 418 -56.12 -15.52 32.88
C ALA B 418 -56.41 -16.00 34.31
N ASN B 419 -57.65 -16.41 34.54
CA ASN B 419 -58.03 -16.88 35.86
C ASN B 419 -57.27 -18.17 36.09
N ALA B 420 -57.36 -19.07 35.12
CA ALA B 420 -56.59 -20.30 35.13
C ALA B 420 -55.13 -20.04 35.55
N LEU B 421 -54.40 -19.28 34.71
CA LEU B 421 -52.98 -19.02 34.93
C LEU B 421 -52.77 -18.58 36.36
N VAL B 422 -53.42 -17.51 36.76
CA VAL B 422 -53.23 -17.04 38.13
C VAL B 422 -53.65 -18.07 39.16
N ASP B 423 -54.55 -18.96 38.78
CA ASP B 423 -55.03 -19.96 39.72
C ASP B 423 -54.04 -21.10 39.77
N SER B 424 -53.61 -21.56 38.59
CA SER B 424 -52.53 -22.54 38.50
C SER B 424 -51.34 -22.08 39.33
N PHE B 425 -50.99 -20.79 39.22
CA PHE B 425 -49.85 -20.19 39.94
C PHE B 425 -50.13 -20.16 41.42
N LEU B 426 -51.35 -19.78 41.76
CA LEU B 426 -51.74 -19.65 43.16
C LEU B 426 -51.50 -20.99 43.83
N GLU B 427 -51.80 -22.06 43.09
CA GLU B 427 -51.63 -23.44 43.56
C GLU B 427 -50.17 -23.75 43.90
N ILE B 428 -49.30 -23.64 42.90
CA ILE B 428 -47.85 -23.85 43.08
C ILE B 428 -47.24 -23.00 44.18
N SER B 429 -47.62 -21.73 44.28
CA SER B 429 -46.89 -20.79 45.14
C SER B 429 -47.18 -21.05 46.60
N PRO B 430 -46.42 -20.42 47.52
CA PRO B 430 -46.77 -20.47 48.94
C PRO B 430 -48.15 -19.88 49.23
N ASN C 7 -15.78 -18.89 -29.55
CA ASN C 7 -15.99 -17.49 -30.02
C ASN C 7 -16.79 -17.44 -31.33
N SER C 8 -16.15 -17.87 -32.42
CA SER C 8 -16.63 -17.76 -33.84
C SER C 8 -16.38 -16.36 -34.50
N PRO C 9 -15.58 -16.32 -35.58
CA PRO C 9 -14.92 -15.10 -36.05
C PRO C 9 -15.74 -14.19 -37.00
N ARG C 10 -15.74 -12.90 -36.68
CA ARG C 10 -16.55 -11.90 -37.37
C ARG C 10 -15.63 -10.76 -37.84
N VAL C 11 -15.82 -10.30 -39.09
CA VAL C 11 -15.28 -9.02 -39.54
C VAL C 11 -16.37 -7.95 -39.63
N PHE C 12 -15.93 -6.67 -39.65
CA PHE C 12 -16.78 -5.49 -39.82
C PHE C 12 -16.43 -4.60 -41.03
N CYS C 13 -17.30 -4.56 -42.04
CA CYS C 13 -17.26 -3.51 -43.05
C CYS C 13 -18.04 -2.27 -42.58
N ILE C 14 -17.34 -1.15 -42.44
CA ILE C 14 -17.87 0.03 -41.79
C ILE C 14 -17.89 1.20 -42.77
N GLY C 15 -18.92 2.05 -42.67
CA GLY C 15 -19.15 3.13 -43.63
C GLY C 15 -20.41 3.94 -43.33
N THR C 16 -20.58 5.06 -44.04
CA THR C 16 -21.80 5.88 -43.97
C THR C 16 -22.83 5.30 -44.95
N ALA C 17 -23.76 4.52 -44.43
CA ALA C 17 -24.71 3.79 -45.30
C ALA C 17 -25.68 4.73 -45.99
N ASP C 18 -26.05 5.80 -45.31
CA ASP C 18 -26.85 6.86 -45.90
C ASP C 18 -26.41 7.16 -47.33
N THR C 19 -25.12 7.41 -47.51
CA THR C 19 -24.58 7.91 -48.78
C THR C 19 -23.85 6.88 -49.61
N LYS C 20 -23.35 5.83 -48.96
CA LYS C 20 -22.41 4.96 -49.62
C LYS C 20 -22.94 3.53 -49.75
N PHE C 21 -24.19 3.31 -49.36
CA PHE C 21 -24.85 2.01 -49.44
C PHE C 21 -24.38 1.14 -50.61
N ASP C 22 -24.56 1.60 -51.82
CA ASP C 22 -24.22 0.78 -52.98
C ASP C 22 -22.78 0.23 -52.93
N GLU C 23 -21.85 1.02 -52.40
CA GLU C 23 -20.41 0.70 -52.38
C GLU C 23 -20.15 -0.14 -51.17
N LEU C 24 -20.62 0.34 -50.04
CA LEU C 24 -20.52 -0.41 -48.81
C LEU C 24 -21.12 -1.84 -48.98
N ARG C 25 -22.22 -1.95 -49.70
CA ARG C 25 -22.82 -3.25 -49.96
C ARG C 25 -21.90 -4.04 -50.84
N PHE C 26 -21.51 -3.46 -51.97
CA PHE C 26 -20.63 -4.15 -52.95
C PHE C 26 -19.39 -4.76 -52.28
N LEU C 27 -18.73 -3.98 -51.43
CA LEU C 27 -17.56 -4.46 -50.72
C LEU C 27 -17.91 -5.62 -49.79
N SER C 28 -18.88 -5.44 -48.88
CA SER C 28 -19.23 -6.54 -48.01
C SER C 28 -19.43 -7.80 -48.87
N GLU C 29 -20.34 -7.76 -49.82
CA GLU C 29 -20.47 -8.89 -50.73
C GLU C 29 -19.16 -9.55 -51.05
N HIS C 30 -18.25 -8.74 -51.56
CA HIS C 30 -17.02 -9.25 -52.14
C HIS C 30 -16.05 -9.68 -51.08
N VAL C 31 -15.97 -8.97 -49.97
CA VAL C 31 -15.22 -9.48 -48.88
C VAL C 31 -15.73 -10.91 -48.67
N ARG C 32 -17.03 -11.03 -48.37
CA ARG C 32 -17.65 -12.33 -48.02
C ARG C 32 -17.32 -13.40 -48.99
N SER C 33 -17.51 -13.08 -50.25
CA SER C 33 -17.21 -13.96 -51.33
C SER C 33 -15.79 -14.47 -51.19
N SER C 34 -14.88 -13.51 -51.00
CA SER C 34 -13.44 -13.80 -50.93
C SER C 34 -13.12 -14.57 -49.63
N LEU C 35 -13.53 -14.03 -48.49
CA LEU C 35 -13.28 -14.65 -47.22
C LEU C 35 -13.46 -16.17 -47.37
N ASN C 36 -14.58 -16.57 -47.95
CA ASN C 36 -14.91 -17.98 -48.12
C ASN C 36 -14.00 -18.60 -49.19
N SER C 37 -14.23 -18.27 -50.46
CA SER C 37 -13.34 -18.69 -51.56
C SER C 37 -11.89 -19.04 -51.18
N PHE C 38 -11.26 -18.17 -50.39
CA PHE C 38 -9.83 -18.23 -50.15
C PHE C 38 -9.66 -19.25 -49.03
N SER C 39 -10.40 -19.04 -47.94
CA SER C 39 -10.50 -19.97 -46.81
C SER C 39 -11.01 -21.29 -47.31
N ASN C 40 -10.25 -21.90 -48.21
CA ASN C 40 -10.71 -23.00 -49.06
C ASN C 40 -9.49 -23.58 -49.82
N LYS C 41 -8.95 -24.73 -49.37
CA LYS C 41 -9.52 -25.59 -48.28
C LYS C 41 -9.60 -24.99 -46.85
N SER C 42 -10.82 -24.88 -46.31
CA SER C 42 -11.00 -24.56 -44.88
C SER C 42 -12.43 -24.81 -44.35
N SER C 43 -12.59 -24.62 -43.04
CA SER C 43 -13.72 -25.18 -42.28
C SER C 43 -14.84 -24.16 -42.02
N PHE C 44 -14.83 -23.48 -40.86
CA PHE C 44 -15.96 -22.60 -40.49
C PHE C 44 -15.95 -21.32 -41.32
N LYS C 45 -17.11 -20.65 -41.37
CA LYS C 45 -17.24 -19.40 -42.13
C LYS C 45 -17.06 -18.19 -41.22
N VAL C 46 -16.42 -17.16 -41.78
CA VAL C 46 -16.14 -15.91 -41.08
C VAL C 46 -17.22 -14.94 -41.46
N GLY C 47 -17.77 -14.26 -40.45
CA GLY C 47 -18.99 -13.48 -40.58
C GLY C 47 -18.76 -12.01 -40.91
N VAL C 48 -19.30 -11.60 -42.05
CA VAL C 48 -19.28 -10.22 -42.48
C VAL C 48 -20.43 -9.46 -41.80
N THR C 49 -20.08 -8.58 -40.87
CA THR C 49 -21.05 -7.68 -40.27
C THR C 49 -20.99 -6.27 -40.89
N VAL C 50 -22.01 -5.85 -41.63
CA VAL C 50 -22.04 -4.47 -42.17
C VAL C 50 -22.51 -3.48 -41.14
N VAL C 51 -21.70 -2.47 -40.78
CA VAL C 51 -22.16 -1.39 -39.84
C VAL C 51 -22.15 0.04 -40.41
N ASP C 52 -23.03 0.88 -39.82
CA ASP C 52 -23.31 2.23 -40.29
C ASP C 52 -22.73 3.19 -39.29
N VAL C 53 -22.00 4.18 -39.78
CA VAL C 53 -21.44 5.21 -38.91
C VAL C 53 -21.87 6.52 -39.52
N SER C 54 -23.04 6.47 -40.16
CA SER C 54 -23.72 7.68 -40.63
C SER C 54 -24.04 8.60 -39.44
N THR C 55 -23.99 9.91 -39.66
CA THR C 55 -24.24 10.90 -38.63
C THR C 55 -25.36 11.87 -39.01
N SER C 56 -26.10 11.53 -40.05
CA SER C 56 -27.31 12.25 -40.43
C SER C 56 -28.41 11.99 -39.38
N TRP C 57 -29.66 12.11 -39.82
CA TRP C 57 -30.79 11.51 -39.12
C TRP C 57 -31.29 10.31 -39.86
N LYS C 58 -30.97 10.23 -41.16
CA LYS C 58 -31.37 9.14 -42.08
C LYS C 58 -31.16 7.75 -41.51
N GLU C 59 -31.98 6.82 -41.95
CA GLU C 59 -31.93 5.50 -41.34
C GLU C 59 -31.97 4.37 -42.34
N THR C 60 -30.83 3.69 -42.47
CA THR C 60 -30.74 2.44 -43.20
C THR C 60 -30.72 1.37 -42.13
N ASN C 61 -31.37 0.24 -42.40
CA ASN C 61 -31.56 -0.82 -41.41
C ASN C 61 -31.24 -2.25 -41.86
N SER C 62 -30.99 -2.41 -43.15
CA SER C 62 -30.54 -3.68 -43.71
C SER C 62 -29.57 -3.39 -44.84
N CYS C 63 -28.70 -4.36 -45.11
CA CYS C 63 -27.91 -4.41 -46.34
C CYS C 63 -28.00 -5.81 -46.91
N ALA C 64 -28.19 -5.90 -48.23
CA ALA C 64 -28.49 -7.17 -48.94
C ALA C 64 -29.05 -8.21 -48.00
N ASP C 65 -28.19 -9.10 -47.47
CA ASP C 65 -28.61 -10.13 -46.49
C ASP C 65 -27.62 -10.27 -45.33
N PHE C 66 -27.01 -9.15 -44.95
CA PHE C 66 -25.92 -9.12 -43.99
C PHE C 66 -26.42 -8.78 -42.62
N ASP C 67 -25.89 -9.47 -41.62
CA ASP C 67 -25.99 -8.98 -40.28
C ASP C 67 -25.66 -7.50 -40.38
N PHE C 68 -26.43 -6.67 -39.69
CA PHE C 68 -26.41 -5.23 -39.92
C PHE C 68 -26.61 -4.46 -38.62
N VAL C 69 -25.73 -3.52 -38.31
CA VAL C 69 -25.89 -2.70 -37.10
C VAL C 69 -25.83 -1.19 -37.46
N PRO C 70 -27.00 -0.50 -37.44
CA PRO C 70 -27.06 0.94 -37.81
C PRO C 70 -26.54 1.85 -36.71
N SER C 71 -26.44 3.12 -37.07
CA SER C 71 -25.71 4.13 -36.30
C SER C 71 -26.13 4.27 -34.85
N LYS C 72 -27.42 4.41 -34.58
CA LYS C 72 -27.88 4.49 -33.19
C LYS C 72 -27.26 3.36 -32.35
N ASP C 73 -27.37 2.13 -32.83
CA ASP C 73 -26.75 1.02 -32.15
C ASP C 73 -25.35 1.43 -31.80
N VAL C 74 -24.62 1.92 -32.80
CA VAL C 74 -23.22 2.34 -32.60
C VAL C 74 -23.06 3.47 -31.58
N LEU C 75 -23.91 4.49 -31.69
CA LEU C 75 -23.87 5.63 -30.79
C LEU C 75 -24.22 5.21 -29.37
N SER C 76 -25.31 4.44 -29.23
CA SER C 76 -25.89 4.10 -27.91
C SER C 76 -24.84 3.72 -26.86
N CYS C 77 -23.85 2.90 -27.25
CA CYS C 77 -22.71 2.64 -26.39
C CYS C 77 -21.72 3.79 -26.50
N HIS C 78 -21.91 4.80 -25.66
CA HIS C 78 -21.02 5.96 -25.54
C HIS C 78 -21.22 6.92 -26.68
N ASP C 90 -19.04 24.37 -36.40
CA ASP C 90 -18.52 23.04 -36.71
C ASP C 90 -19.19 21.99 -35.82
N ILE C 91 -20.52 22.03 -35.79
CA ILE C 91 -21.28 20.95 -35.18
C ILE C 91 -20.97 19.70 -35.98
N ARG C 92 -20.85 19.91 -37.28
CA ARG C 92 -20.34 18.92 -38.21
C ARG C 92 -19.06 18.20 -37.68
N GLY C 93 -18.10 18.96 -37.14
CA GLY C 93 -16.87 18.39 -36.58
C GLY C 93 -17.11 17.59 -35.30
N LEU C 94 -17.46 18.31 -34.23
CA LEU C 94 -17.90 17.70 -32.96
C LEU C 94 -18.67 16.39 -33.17
N ALA C 95 -19.51 16.32 -34.20
CA ALA C 95 -20.30 15.13 -34.48
C ALA C 95 -19.52 14.01 -35.18
N ILE C 96 -18.39 14.33 -35.79
CA ILE C 96 -17.45 13.31 -36.29
C ILE C 96 -16.78 12.65 -35.10
N ALA C 97 -16.30 13.48 -34.18
CA ALA C 97 -15.66 13.05 -32.93
C ALA C 97 -16.48 12.04 -32.16
N ILE C 98 -17.78 12.27 -32.08
CA ILE C 98 -18.60 11.50 -31.19
C ILE C 98 -18.83 10.10 -31.77
N MSE C 99 -19.14 10.03 -33.06
CA MSE C 99 -19.38 8.76 -33.73
C MSE C 99 -18.12 7.95 -33.77
O MSE C 99 -18.18 6.72 -33.78
CB MSE C 99 -19.86 9.08 -35.14
CG MSE C 99 -20.18 7.87 -36.00
SE MSE C 99 -21.47 6.64 -35.17
CE MSE C 99 -23.09 7.66 -35.57
N SER C 100 -16.98 8.65 -33.82
CA SER C 100 -15.66 8.02 -33.82
C SER C 100 -15.38 7.39 -32.47
N LYS C 101 -15.34 8.21 -31.42
CA LYS C 101 -15.27 7.69 -30.05
C LYS C 101 -16.25 6.51 -29.81
N ALA C 102 -17.50 6.61 -30.27
CA ALA C 102 -18.41 5.45 -30.16
C ALA C 102 -17.82 4.26 -30.90
N LEU C 103 -17.40 4.48 -32.14
CA LEU C 103 -16.86 3.39 -32.98
C LEU C 103 -15.69 2.70 -32.30
N GLU C 104 -14.74 3.47 -31.78
CA GLU C 104 -13.65 2.89 -31.01
C GLU C 104 -14.24 1.97 -29.94
N THR C 105 -15.08 2.55 -29.09
CA THR C 105 -15.72 1.77 -28.03
C THR C 105 -16.38 0.47 -28.55
N PHE C 106 -17.34 0.60 -29.44
CA PHE C 106 -18.01 -0.56 -30.05
C PHE C 106 -17.08 -1.69 -30.46
N LEU C 107 -15.86 -1.34 -30.87
CA LEU C 107 -14.89 -2.31 -31.39
C LEU C 107 -14.14 -3.01 -30.26
N SER C 108 -13.66 -2.28 -29.25
CA SER C 108 -13.07 -2.96 -28.09
C SER C 108 -14.07 -4.03 -27.64
N ILE C 109 -15.34 -3.66 -27.57
CA ILE C 109 -16.39 -4.57 -27.10
C ILE C 109 -16.81 -5.63 -28.13
N ALA C 110 -16.18 -5.61 -29.31
CA ALA C 110 -16.30 -6.71 -30.27
C ALA C 110 -15.04 -7.59 -30.16
N ASN C 111 -13.98 -7.03 -29.58
CA ASN C 111 -12.75 -7.77 -29.34
C ASN C 111 -12.71 -8.37 -27.92
N ASP C 112 -13.66 -7.99 -27.06
CA ASP C 112 -13.81 -8.65 -25.78
C ASP C 112 -14.32 -10.07 -25.99
N GLU C 113 -15.22 -10.25 -26.96
CA GLU C 113 -15.59 -11.59 -27.43
C GLU C 113 -14.47 -12.32 -28.23
N GLN C 114 -13.35 -11.64 -28.47
CA GLN C 114 -12.14 -12.27 -29.05
C GLN C 114 -12.38 -12.95 -30.39
N ASN C 115 -13.32 -12.42 -31.16
CA ASN C 115 -13.64 -12.98 -32.46
C ASN C 115 -13.53 -11.90 -33.55
N LEU C 116 -12.81 -10.83 -33.22
CA LEU C 116 -12.59 -9.73 -34.13
C LEU C 116 -11.43 -10.06 -35.07
N ALA C 117 -11.80 -10.63 -36.20
CA ALA C 117 -10.85 -11.07 -37.22
C ALA C 117 -10.38 -9.99 -38.18
N GLY C 118 -10.93 -8.78 -38.08
CA GLY C 118 -10.65 -7.70 -39.07
C GLY C 118 -11.71 -6.58 -39.23
N VAL C 119 -11.24 -5.35 -39.39
CA VAL C 119 -12.11 -4.22 -39.74
C VAL C 119 -11.71 -3.54 -41.05
N ILE C 120 -12.65 -3.45 -42.00
CA ILE C 120 -12.40 -2.76 -43.25
C ILE C 120 -13.41 -1.65 -43.36
N GLY C 121 -13.03 -0.58 -44.05
CA GLY C 121 -13.93 0.56 -44.17
C GLY C 121 -13.71 1.39 -45.41
N LEU C 122 -14.64 2.31 -45.65
CA LEU C 122 -14.43 3.31 -46.69
C LEU C 122 -14.79 4.66 -46.16
N GLY C 123 -14.20 5.67 -46.76
CA GLY C 123 -14.40 6.98 -46.26
C GLY C 123 -13.69 8.03 -47.04
N GLY C 124 -14.25 9.23 -46.95
CA GLY C 124 -13.60 10.37 -47.52
C GLY C 124 -12.79 10.94 -46.40
N SER C 125 -12.36 12.17 -46.64
CA SER C 125 -11.74 13.02 -45.64
C SER C 125 -12.34 12.78 -44.27
N GLY C 126 -13.65 12.87 -44.17
CA GLY C 126 -14.30 12.69 -42.88
C GLY C 126 -14.12 11.27 -42.40
N GLY C 127 -14.72 10.37 -43.16
CA GLY C 127 -14.71 8.95 -42.85
C GLY C 127 -13.35 8.50 -42.43
N THR C 128 -12.36 8.80 -43.26
CA THR C 128 -11.00 8.43 -42.93
C THR C 128 -10.61 8.88 -41.53
N SER C 129 -10.89 10.11 -41.15
CA SER C 129 -10.52 10.55 -39.81
C SER C 129 -11.27 9.75 -38.75
N LEU C 130 -12.59 9.69 -38.93
CA LEU C 130 -13.49 8.95 -38.02
C LEU C 130 -13.10 7.47 -37.93
N LEU C 131 -12.84 6.85 -39.06
CA LEU C 131 -12.44 5.44 -39.10
C LEU C 131 -11.02 5.23 -38.54
N SER C 132 -10.06 6.04 -38.97
CA SER C 132 -8.69 5.95 -38.48
C SER C 132 -8.60 5.87 -36.99
N SER C 133 -9.07 6.92 -36.32
CA SER C 133 -9.08 6.93 -34.87
C SER C 133 -9.69 5.66 -34.39
N ALA C 134 -10.79 5.27 -34.98
CA ALA C 134 -11.44 4.07 -34.46
C ALA C 134 -10.56 2.79 -34.65
N PHE C 135 -9.90 2.69 -35.80
CA PHE C 135 -9.14 1.51 -36.19
C PHE C 135 -7.76 1.37 -35.53
N ARG C 136 -7.08 2.48 -35.27
CA ARG C 136 -5.71 2.37 -34.82
C ARG C 136 -5.55 2.18 -33.31
N SER C 137 -6.64 1.97 -32.58
CA SER C 137 -6.58 1.62 -31.16
C SER C 137 -6.62 0.10 -31.00
N LEU C 138 -7.20 -0.57 -31.98
CA LEU C 138 -7.11 -2.01 -32.09
C LEU C 138 -5.68 -2.50 -32.26
N PRO C 139 -5.32 -3.61 -31.58
CA PRO C 139 -4.01 -4.28 -31.63
C PRO C 139 -3.40 -4.40 -33.00
N ILE C 140 -2.11 -4.06 -33.10
CA ILE C 140 -1.37 -4.36 -34.32
C ILE C 140 -1.69 -5.79 -34.75
N GLY C 141 -1.59 -6.07 -36.05
CA GLY C 141 -1.78 -7.42 -36.57
C GLY C 141 -3.21 -7.82 -36.84
N ILE C 142 -4.15 -7.35 -36.03
CA ILE C 142 -5.55 -7.41 -36.49
C ILE C 142 -5.68 -6.55 -37.75
N PRO C 143 -5.95 -7.19 -38.91
CA PRO C 143 -6.10 -6.45 -40.17
C PRO C 143 -7.06 -5.26 -40.06
N LYS C 144 -6.54 -4.06 -40.35
CA LYS C 144 -7.34 -2.83 -40.47
C LYS C 144 -7.17 -2.20 -41.87
N VAL C 145 -8.19 -2.26 -42.72
CA VAL C 145 -8.16 -1.53 -44.00
C VAL C 145 -9.21 -0.40 -44.13
N ILE C 146 -8.77 0.76 -44.63
CA ILE C 146 -9.69 1.83 -45.10
C ILE C 146 -9.49 2.18 -46.56
N ILE C 147 -10.53 2.01 -47.37
CA ILE C 147 -10.47 2.56 -48.73
C ILE C 147 -10.81 4.05 -48.67
N SER C 148 -9.79 4.90 -48.78
CA SER C 148 -9.92 6.32 -48.51
C SER C 148 -9.57 7.21 -49.69
N THR C 149 -10.23 8.35 -49.76
CA THR C 149 -10.15 9.29 -50.88
C THR C 149 -8.96 10.19 -50.71
N VAL C 150 -8.38 10.13 -49.50
CA VAL C 150 -7.25 10.95 -49.02
C VAL C 150 -6.03 10.07 -48.65
N ALA C 151 -5.88 8.90 -49.24
CA ALA C 151 -4.74 8.05 -49.03
C ALA C 151 -3.49 8.63 -49.64
N SER C 152 -3.68 9.64 -50.48
CA SER C 152 -2.68 10.04 -51.44
C SER C 152 -2.32 11.50 -51.26
N GLY C 153 -2.14 11.89 -50.02
CA GLY C 153 -1.41 13.10 -49.71
C GLY C 153 -0.75 12.87 -48.37
N GLN C 154 -1.31 13.48 -47.33
CA GLN C 154 -0.66 13.57 -46.05
C GLN C 154 -1.37 12.66 -45.09
N THR C 155 -0.63 11.70 -44.63
CA THR C 155 -1.18 10.52 -44.05
C THR C 155 -0.90 10.38 -42.56
N GLU C 156 0.13 11.09 -42.09
CA GLU C 156 0.65 10.89 -40.76
C GLU C 156 -0.45 10.79 -39.72
N SER C 157 -1.50 11.61 -39.84
CA SER C 157 -2.52 11.71 -38.77
C SER C 157 -3.60 10.66 -38.84
N TYR C 158 -3.61 9.87 -39.90
CA TYR C 158 -4.57 8.78 -39.96
C TYR C 158 -3.90 7.53 -39.44
N ILE C 159 -2.73 7.26 -39.97
CA ILE C 159 -2.03 6.04 -39.70
C ILE C 159 -1.31 6.11 -38.38
N GLY C 160 -0.55 7.17 -38.14
CA GLY C 160 0.14 7.36 -36.89
C GLY C 160 1.21 6.30 -36.78
N THR C 161 1.26 5.62 -35.64
CA THR C 161 2.22 4.50 -35.41
C THR C 161 1.54 3.12 -35.41
N SER C 162 0.56 2.93 -36.27
CA SER C 162 -0.21 1.67 -36.35
C SER C 162 0.11 0.92 -37.64
N ASP C 163 -0.55 -0.21 -37.85
CA ASP C 163 -0.33 -0.95 -39.09
C ASP C 163 -1.50 -0.81 -40.05
N LEU C 164 -2.07 0.39 -40.05
CA LEU C 164 -3.35 0.67 -40.72
C LEU C 164 -3.06 0.95 -42.17
N VAL C 165 -3.77 0.28 -43.08
CA VAL C 165 -3.57 0.42 -44.53
C VAL C 165 -4.69 1.28 -45.20
N LEU C 166 -4.31 2.39 -45.81
CA LEU C 166 -5.18 3.23 -46.60
C LEU C 166 -5.07 2.82 -48.06
N PHE C 167 -6.15 2.29 -48.62
CA PHE C 167 -6.18 1.98 -50.08
C PHE C 167 -6.75 3.19 -50.85
N PRO C 168 -5.96 3.79 -51.74
CA PRO C 168 -6.47 4.86 -52.61
C PRO C 168 -7.77 4.47 -53.27
N SER C 169 -8.77 5.34 -53.13
CA SER C 169 -10.03 5.19 -53.87
C SER C 169 -9.82 5.46 -55.36
N VAL C 170 -8.81 6.25 -55.70
CA VAL C 170 -8.50 6.59 -57.10
C VAL C 170 -9.47 7.65 -57.66
N VAL C 171 -10.73 7.27 -57.92
CA VAL C 171 -11.84 8.25 -58.11
C VAL C 171 -12.52 8.48 -56.78
N ASP C 172 -13.68 9.13 -56.80
CA ASP C 172 -14.39 9.32 -55.58
C ASP C 172 -15.45 8.28 -55.37
N ILE C 173 -15.67 8.03 -54.10
CA ILE C 173 -16.80 7.27 -53.63
C ILE C 173 -18.09 8.01 -54.08
N CYS C 174 -18.53 7.71 -55.29
CA CYS C 174 -19.82 8.14 -55.77
C CYS C 174 -20.55 6.97 -56.43
N GLY C 175 -20.91 5.99 -55.63
CA GLY C 175 -21.53 4.77 -56.14
C GLY C 175 -20.62 3.87 -56.92
N ILE C 176 -21.13 2.68 -57.23
CA ILE C 176 -20.41 1.70 -58.02
C ILE C 176 -20.06 2.25 -59.38
N ASN C 177 -18.85 2.05 -59.86
CA ASN C 177 -18.55 2.31 -61.29
C ASN C 177 -17.37 1.49 -61.82
N ASN C 178 -17.17 1.51 -63.13
CA ASN C 178 -16.06 0.82 -63.75
C ASN C 178 -14.77 0.74 -62.91
N VAL C 179 -14.49 1.84 -62.22
CA VAL C 179 -13.28 2.02 -61.48
C VAL C 179 -13.44 1.57 -60.04
N SER C 180 -14.39 2.15 -59.34
CA SER C 180 -14.65 1.75 -57.97
C SER C 180 -14.92 0.24 -57.81
N LYS C 181 -15.47 -0.39 -58.84
CA LYS C 181 -15.69 -1.82 -58.80
C LYS C 181 -14.35 -2.53 -58.68
N VAL C 182 -13.40 -2.23 -59.56
CA VAL C 182 -12.05 -2.80 -59.47
C VAL C 182 -11.34 -2.45 -58.14
N VAL C 183 -11.51 -1.23 -57.68
CA VAL C 183 -10.79 -0.77 -56.49
C VAL C 183 -11.28 -1.45 -55.24
N LEU C 184 -12.59 -1.33 -54.94
CA LEU C 184 -13.20 -2.02 -53.79
C LEU C 184 -13.02 -3.54 -53.88
N SER C 185 -12.90 -4.05 -55.11
CA SER C 185 -12.74 -5.48 -55.34
C SER C 185 -11.38 -5.92 -54.85
N ASN C 186 -10.36 -5.17 -55.26
CA ASN C 186 -9.03 -5.48 -54.84
C ASN C 186 -8.91 -5.26 -53.35
N ALA C 187 -9.59 -4.24 -52.84
CA ALA C 187 -9.46 -3.95 -51.42
C ALA C 187 -10.06 -5.09 -50.63
N GLY C 188 -11.18 -5.64 -51.06
CA GLY C 188 -11.87 -6.64 -50.24
C GLY C 188 -11.12 -7.94 -50.28
N ALA C 189 -10.72 -8.36 -51.49
CA ALA C 189 -9.78 -9.47 -51.70
C ALA C 189 -8.62 -9.32 -50.69
N ALA C 190 -7.89 -8.21 -50.81
CA ALA C 190 -6.76 -7.90 -49.98
C ALA C 190 -7.10 -8.17 -48.55
N PHE C 191 -8.20 -7.63 -48.07
CA PHE C 191 -8.52 -7.78 -46.63
C PHE C 191 -9.03 -9.22 -46.31
N ALA C 192 -9.50 -9.93 -47.32
CA ALA C 192 -9.84 -11.35 -47.15
C ALA C 192 -8.57 -12.09 -46.78
N GLY C 193 -7.67 -12.20 -47.76
CA GLY C 193 -6.33 -12.72 -47.55
C GLY C 193 -5.74 -12.44 -46.16
N MSE C 194 -5.71 -11.18 -45.74
CA MSE C 194 -5.06 -10.87 -44.47
C MSE C 194 -5.78 -11.66 -43.45
O MSE C 194 -5.17 -12.38 -42.68
CB MSE C 194 -5.03 -9.38 -44.09
CG MSE C 194 -4.34 -8.47 -45.13
SE MSE C 194 -4.66 -6.56 -44.70
CE MSE C 194 -3.87 -6.56 -42.90
N VAL C 195 -7.11 -11.59 -43.45
CA VAL C 195 -7.92 -12.17 -42.39
C VAL C 195 -7.76 -13.67 -42.24
N ILE C 196 -8.13 -14.41 -43.29
CA ILE C 196 -7.88 -15.84 -43.40
C ILE C 196 -6.44 -16.20 -42.98
N GLY C 197 -5.47 -15.80 -43.80
CA GLY C 197 -4.07 -16.02 -43.50
C GLY C 197 -3.82 -16.06 -42.01
N ARG C 198 -4.29 -15.06 -41.29
CA ARG C 198 -3.96 -14.90 -39.92
C ARG C 198 -4.69 -15.96 -39.15
N LEU C 199 -6.02 -15.95 -39.20
CA LEU C 199 -6.82 -17.08 -38.71
C LEU C 199 -6.13 -18.43 -38.91
N GLU C 200 -5.69 -18.73 -40.11
CA GLU C 200 -5.09 -20.01 -40.43
C GLU C 200 -3.65 -20.16 -39.93
N SER C 201 -3.48 -20.22 -38.60
CA SER C 201 -2.17 -20.46 -37.95
C SER C 201 -2.26 -20.31 -36.41
N LYS C 211 11.35 -15.85 -27.69
CA LYS C 211 12.17 -14.64 -27.69
C LYS C 211 11.73 -13.58 -26.66
N PHE C 212 12.61 -12.61 -26.42
CA PHE C 212 12.38 -11.54 -25.45
C PHE C 212 12.97 -10.32 -26.08
N THR C 213 12.14 -9.29 -26.24
CA THR C 213 12.48 -8.19 -27.12
C THR C 213 12.57 -6.86 -26.35
N VAL C 214 13.68 -6.18 -26.58
CA VAL C 214 14.05 -5.01 -25.81
C VAL C 214 14.06 -3.78 -26.72
N GLY C 215 13.30 -2.75 -26.36
CA GLY C 215 13.33 -1.46 -27.08
C GLY C 215 14.30 -0.43 -26.50
N VAL C 216 15.07 0.21 -27.37
CA VAL C 216 16.09 1.16 -26.99
C VAL C 216 15.83 2.43 -27.75
N THR C 217 16.00 3.60 -27.14
CA THR C 217 15.74 4.84 -27.86
C THR C 217 17.05 5.46 -28.11
N MSE C 218 17.25 6.03 -29.31
CA MSE C 218 18.61 6.38 -29.82
C MSE C 218 18.66 7.74 -30.43
O MSE C 218 17.66 8.26 -30.95
CB MSE C 218 18.99 5.40 -30.92
CG MSE C 218 20.31 5.64 -31.69
SE MSE C 218 20.14 6.83 -33.26
CE MSE C 218 18.74 5.78 -34.23
N PHE C 219 19.83 8.34 -30.37
CA PHE C 219 20.09 9.58 -31.05
C PHE C 219 21.51 9.56 -31.61
N GLY C 220 21.63 10.04 -32.86
CA GLY C 220 22.92 10.34 -33.49
C GLY C 220 24.05 10.43 -32.52
N VAL C 221 23.92 11.28 -31.51
CA VAL C 221 25.00 11.52 -30.54
C VAL C 221 25.06 10.56 -29.33
N THR C 222 24.34 9.43 -29.37
CA THR C 222 24.37 8.43 -28.27
C THR C 222 24.72 7.03 -28.77
N THR C 223 24.94 6.93 -30.07
CA THR C 223 25.13 5.63 -30.73
C THR C 223 26.33 4.85 -30.22
N PRO C 224 27.38 5.52 -29.81
CA PRO C 224 28.30 4.65 -29.11
C PRO C 224 27.55 3.82 -28.08
N CYS C 225 26.90 4.51 -27.12
CA CYS C 225 26.12 3.84 -26.08
C CYS C 225 25.13 2.88 -26.69
N VAL C 226 24.25 3.33 -27.56
CA VAL C 226 23.24 2.35 -27.98
C VAL C 226 23.77 1.20 -28.85
N ASN C 227 24.85 1.45 -29.60
CA ASN C 227 25.57 0.40 -30.35
C ASN C 227 26.06 -0.69 -29.43
N ALA C 228 26.75 -0.26 -28.40
CA ALA C 228 27.25 -1.18 -27.38
C ALA C 228 26.14 -1.95 -26.75
N VAL C 229 25.13 -1.29 -26.15
CA VAL C 229 24.12 -2.08 -25.45
C VAL C 229 23.42 -3.02 -26.43
N LYS C 230 23.29 -2.60 -27.68
CA LYS C 230 22.62 -3.42 -28.70
C LYS C 230 23.40 -4.73 -28.95
N GLU C 231 24.70 -4.63 -29.23
CA GLU C 231 25.55 -5.81 -29.43
C GLU C 231 25.54 -6.73 -28.23
N ARG C 232 25.94 -6.21 -27.06
CA ARG C 232 25.89 -6.98 -25.80
C ARG C 232 24.55 -7.67 -25.63
N LEU C 233 23.44 -6.96 -25.76
CA LEU C 233 22.13 -7.56 -25.57
C LEU C 233 21.91 -8.77 -26.49
N VAL C 234 22.48 -8.73 -27.70
CA VAL C 234 22.30 -9.83 -28.63
C VAL C 234 22.90 -11.03 -27.99
N LYS C 235 24.17 -10.87 -27.63
CA LYS C 235 24.99 -11.90 -27.01
C LYS C 235 24.35 -12.55 -25.78
N GLU C 236 23.48 -11.81 -25.09
CA GLU C 236 22.83 -12.32 -23.90
C GLU C 236 21.47 -12.94 -24.23
N GLY C 237 21.23 -13.23 -25.51
CA GLY C 237 19.93 -13.81 -25.92
C GLY C 237 18.70 -12.95 -25.66
N TYR C 238 18.75 -11.72 -26.19
CA TYR C 238 17.64 -10.79 -26.15
C TYR C 238 17.54 -10.16 -27.54
N GLU C 239 16.38 -9.60 -27.89
CA GLU C 239 16.16 -8.98 -29.20
C GLU C 239 16.02 -7.45 -29.19
N THR C 240 16.56 -6.84 -30.23
CA THR C 240 16.79 -5.41 -30.30
C THR C 240 15.90 -4.63 -31.30
N LEU C 241 15.03 -3.76 -30.78
CA LEU C 241 14.34 -2.73 -31.60
C LEU C 241 14.80 -1.31 -31.23
N VAL C 242 15.75 -0.77 -32.00
CA VAL C 242 16.28 0.58 -31.85
C VAL C 242 15.37 1.66 -32.43
N PHE C 243 14.78 2.52 -31.60
CA PHE C 243 13.96 3.66 -32.07
C PHE C 243 14.68 4.99 -32.01
N HIS C 244 14.57 5.76 -33.07
CA HIS C 244 15.21 7.09 -33.12
C HIS C 244 14.27 8.01 -32.36
N ALA C 245 14.80 8.87 -31.47
CA ALA C 245 13.97 9.66 -30.53
C ALA C 245 13.30 10.89 -31.15
N THR C 246 12.44 10.62 -32.12
CA THR C 246 11.93 11.55 -33.09
C THR C 246 10.54 12.03 -32.66
N GLY C 247 10.30 12.03 -31.36
CA GLY C 247 8.95 12.26 -30.86
C GLY C 247 8.04 11.09 -31.21
N VAL C 248 7.90 10.79 -32.49
CA VAL C 248 7.11 9.64 -32.94
C VAL C 248 7.80 8.31 -32.59
N GLY C 249 9.14 8.30 -32.59
CA GLY C 249 9.88 7.10 -32.17
C GLY C 249 9.39 6.67 -30.79
N GLY C 250 9.65 7.49 -29.79
CA GLY C 250 9.06 7.29 -28.48
C GLY C 250 7.73 6.58 -28.53
N ARG C 251 6.79 7.14 -29.28
CA ARG C 251 5.40 6.70 -29.24
C ARG C 251 5.23 5.38 -29.97
N ALA C 252 5.96 5.18 -31.06
CA ALA C 252 5.98 3.88 -31.67
C ALA C 252 6.35 2.90 -30.58
N MSE C 253 7.60 2.94 -30.12
CA MSE C 253 8.07 2.02 -29.09
C MSE C 253 7.03 1.89 -28.01
O MSE C 253 6.71 0.77 -27.66
CB MSE C 253 9.40 2.46 -28.50
CG MSE C 253 10.11 1.39 -27.64
SE MSE C 253 11.47 2.31 -26.52
CE MSE C 253 10.19 3.20 -25.33
N GLU C 254 6.46 2.98 -27.53
CA GLU C 254 5.50 2.83 -26.42
C GLU C 254 4.23 2.12 -26.78
N ASP C 255 3.77 2.24 -28.02
CA ASP C 255 2.51 1.60 -28.43
C ASP C 255 2.76 0.15 -28.77
N LEU C 256 3.98 -0.18 -29.16
CA LEU C 256 4.38 -1.59 -29.25
C LEU C 256 4.50 -2.29 -27.90
N VAL C 257 5.01 -1.61 -26.90
CA VAL C 257 5.11 -2.28 -25.60
C VAL C 257 3.69 -2.53 -25.21
N ARG C 258 2.83 -1.52 -25.30
CA ARG C 258 1.41 -1.68 -24.86
C ARG C 258 0.62 -2.74 -25.61
N GLY C 259 1.11 -3.20 -26.75
CA GLY C 259 0.62 -4.43 -27.35
C GLY C 259 1.59 -5.60 -27.26
N GLY C 260 2.34 -5.65 -26.16
CA GLY C 260 3.23 -6.78 -25.83
C GLY C 260 4.27 -7.27 -26.84
N PHE C 261 4.79 -6.41 -27.71
CA PHE C 261 5.89 -6.83 -28.61
C PHE C 261 7.26 -6.44 -28.07
N ILE C 262 7.28 -5.73 -26.95
CA ILE C 262 8.49 -5.23 -26.38
C ILE C 262 8.22 -5.41 -24.92
N GLN C 263 9.03 -6.26 -24.29
CA GLN C 263 8.77 -6.74 -22.92
C GLN C 263 9.36 -5.82 -21.86
N GLY C 264 10.61 -5.38 -22.08
CA GLY C 264 11.23 -4.31 -21.26
C GLY C 264 11.96 -3.33 -22.16
N VAL C 265 12.18 -2.10 -21.67
CA VAL C 265 12.91 -1.10 -22.44
C VAL C 265 14.14 -0.57 -21.71
N LEU C 266 15.25 -0.32 -22.45
CA LEU C 266 16.39 0.53 -22.01
C LEU C 266 16.20 1.90 -22.62
N ASP C 267 15.64 2.87 -21.90
CA ASP C 267 15.27 4.16 -22.51
C ASP C 267 16.48 5.07 -22.35
N ILE C 268 17.51 4.73 -23.10
CA ILE C 268 18.79 5.43 -23.03
C ILE C 268 18.65 6.91 -23.40
N THR C 269 17.86 7.20 -24.43
CA THR C 269 17.81 8.51 -25.09
C THR C 269 16.46 9.15 -24.84
N THR C 270 16.42 10.03 -23.85
CA THR C 270 15.17 10.57 -23.40
C THR C 270 15.10 12.03 -23.74
N THR C 271 15.69 12.38 -24.90
CA THR C 271 15.75 13.76 -25.39
C THR C 271 14.37 14.32 -25.75
N GLU C 272 13.48 13.45 -26.17
CA GLU C 272 12.16 13.89 -26.57
C GLU C 272 11.52 14.64 -25.40
N VAL C 273 12.03 14.40 -24.18
CA VAL C 273 11.54 15.08 -22.98
C VAL C 273 12.21 16.44 -22.82
N ALA C 274 13.14 16.77 -23.71
CA ALA C 274 13.55 18.16 -23.88
C ALA C 274 12.49 18.75 -24.76
N ASP C 275 12.66 18.73 -26.07
CA ASP C 275 11.70 19.34 -26.98
C ASP C 275 10.38 19.63 -26.27
N TYR C 276 9.69 18.60 -25.79
CA TYR C 276 8.44 18.82 -25.09
C TYR C 276 8.41 20.03 -24.14
N VAL C 277 9.26 20.09 -23.12
CA VAL C 277 9.17 21.24 -22.19
C VAL C 277 9.55 22.53 -22.91
N VAL C 278 10.63 22.49 -23.67
CA VAL C 278 11.15 23.70 -24.29
C VAL C 278 10.50 24.02 -25.64
N GLY C 279 9.67 23.11 -26.14
CA GLY C 279 9.02 23.27 -27.46
C GLY C 279 9.93 23.09 -28.67
N GLY C 280 10.35 21.86 -28.95
CA GLY C 280 11.09 21.55 -30.18
C GLY C 280 10.20 20.84 -31.19
N VAL C 281 10.72 20.59 -32.40
CA VAL C 281 9.92 19.98 -33.47
C VAL C 281 9.82 18.41 -33.43
N MSE C 282 10.48 17.79 -32.44
CA MSE C 282 10.46 16.31 -32.26
C MSE C 282 10.18 15.96 -30.82
O MSE C 282 10.96 15.28 -30.15
CB MSE C 282 11.81 15.68 -32.57
CG MSE C 282 12.36 15.90 -33.96
SE MSE C 282 14.13 15.05 -33.84
CE MSE C 282 14.32 14.63 -35.77
N ALA C 283 9.05 16.41 -30.31
CA ALA C 283 8.80 16.33 -28.91
C ALA C 283 7.89 15.17 -28.62
N CYS C 284 8.02 14.63 -27.42
CA CYS C 284 7.06 13.69 -26.93
C CYS C 284 5.80 14.49 -26.55
N ASP C 285 4.91 13.87 -25.79
CA ASP C 285 3.76 14.53 -25.20
C ASP C 285 3.62 14.13 -23.74
N SER C 286 2.68 14.78 -23.06
CA SER C 286 2.58 14.65 -21.62
C SER C 286 2.46 13.20 -21.12
N SER C 287 2.11 12.27 -22.02
CA SER C 287 1.91 10.85 -21.68
C SER C 287 3.14 9.98 -21.68
N ARG C 288 4.30 10.53 -22.07
CA ARG C 288 5.54 9.75 -22.15
C ARG C 288 5.71 8.87 -20.89
N PHE C 289 6.02 7.60 -21.08
CA PHE C 289 6.38 6.64 -20.01
C PHE C 289 5.22 5.83 -19.48
N ASP C 290 4.09 6.51 -19.27
CA ASP C 290 2.89 5.91 -18.66
C ASP C 290 2.60 4.51 -19.19
N ALA C 291 2.68 4.29 -20.51
CA ALA C 291 2.45 2.95 -21.04
C ALA C 291 3.48 1.94 -20.55
N ILE C 292 4.70 2.40 -20.18
CA ILE C 292 5.76 1.49 -19.77
C ILE C 292 5.50 1.06 -18.34
N LEU C 293 5.29 2.06 -17.50
CA LEU C 293 4.95 1.83 -16.12
C LEU C 293 3.70 0.95 -16.03
N GLU C 294 2.65 1.33 -16.74
CA GLU C 294 1.39 0.61 -16.65
C GLU C 294 1.51 -0.88 -17.01
N LYS C 295 2.30 -1.23 -18.02
CA LYS C 295 2.57 -2.64 -18.28
C LYS C 295 3.63 -3.19 -17.30
N LYS C 296 4.09 -2.35 -16.37
CA LYS C 296 4.94 -2.80 -15.26
C LYS C 296 6.06 -3.73 -15.79
N ILE C 297 6.85 -3.17 -16.70
CA ILE C 297 7.93 -3.92 -17.36
C ILE C 297 9.33 -3.37 -16.98
N PRO C 298 10.38 -4.23 -17.02
CA PRO C 298 11.73 -3.78 -16.75
C PRO C 298 12.08 -2.52 -17.54
N LEU C 299 12.33 -1.42 -16.85
CA LEU C 299 12.66 -0.14 -17.48
C LEU C 299 13.96 0.37 -16.92
N VAL C 300 15.04 0.33 -17.70
CA VAL C 300 16.24 1.04 -17.29
C VAL C 300 16.22 2.34 -18.04
N LEU C 301 16.48 3.46 -17.40
CA LEU C 301 16.24 4.78 -18.01
C LEU C 301 17.50 5.60 -17.85
N SER C 302 17.78 6.49 -18.80
CA SER C 302 18.91 7.38 -18.64
C SER C 302 18.62 8.70 -19.32
N VAL C 303 19.64 9.54 -19.50
CA VAL C 303 19.39 10.95 -19.71
C VAL C 303 20.03 11.42 -20.97
N GLY C 304 20.18 10.50 -21.94
CA GLY C 304 20.89 10.78 -23.16
C GLY C 304 20.23 11.90 -23.88
N ALA C 305 21.03 12.84 -24.37
CA ALA C 305 20.58 13.87 -25.31
C ALA C 305 19.60 14.85 -24.69
N LEU C 306 19.59 14.88 -23.36
CA LEU C 306 18.89 15.94 -22.64
C LEU C 306 19.58 17.26 -22.91
N ASP C 307 20.92 17.27 -22.87
CA ASP C 307 21.71 18.40 -23.33
C ASP C 307 21.45 18.70 -24.83
N MSE C 308 20.24 19.17 -25.14
CA MSE C 308 19.91 19.72 -26.45
C MSE C 308 18.46 19.56 -26.71
O MSE C 308 17.87 18.54 -26.34
CB MSE C 308 20.60 19.12 -27.68
CG MSE C 308 20.42 17.61 -27.87
SE MSE C 308 21.88 16.82 -28.95
CE MSE C 308 23.14 16.49 -27.45
N VAL C 309 17.88 20.58 -27.35
CA VAL C 309 16.50 20.61 -27.85
C VAL C 309 16.65 20.70 -29.34
N ASN C 310 15.63 20.29 -30.10
CA ASN C 310 15.79 20.10 -31.55
C ASN C 310 14.91 21.07 -32.36
N PHE C 311 15.50 22.22 -32.69
CA PHE C 311 14.84 23.27 -33.50
C PHE C 311 14.99 23.01 -35.02
N GLY C 312 15.85 23.79 -35.69
CA GLY C 312 16.01 23.75 -37.15
C GLY C 312 15.15 24.75 -37.91
N PRO C 313 15.77 25.63 -38.74
CA PRO C 313 17.17 25.99 -38.96
C PRO C 313 17.44 27.50 -38.79
N LYS C 314 17.03 28.29 -39.79
CA LYS C 314 17.04 29.77 -39.74
C LYS C 314 15.62 30.32 -39.97
N THR C 315 14.86 29.73 -40.90
CA THR C 315 13.44 30.06 -41.16
C THR C 315 12.55 29.64 -39.97
N THR C 316 11.64 30.55 -39.58
CA THR C 316 10.88 30.52 -38.30
C THR C 316 11.46 29.51 -37.28
N ILE C 317 12.53 29.94 -36.61
CA ILE C 317 13.29 29.10 -35.69
C ILE C 317 13.17 29.67 -34.29
N PRO C 318 11.92 30.01 -33.87
CA PRO C 318 11.57 30.90 -32.77
C PRO C 318 12.71 31.68 -32.00
N PRO C 319 12.51 33.00 -31.72
CA PRO C 319 13.61 33.91 -31.29
C PRO C 319 14.45 33.50 -30.05
N GLU C 320 14.41 34.26 -28.95
CA GLU C 320 15.22 34.02 -27.74
C GLU C 320 15.84 32.62 -27.67
N LYS C 325 22.60 29.35 -27.85
CA LYS C 325 23.54 28.59 -28.67
C LYS C 325 22.84 27.89 -29.86
N ILE C 326 23.64 27.18 -30.66
CA ILE C 326 23.12 26.34 -31.75
C ILE C 326 24.26 25.42 -32.25
N HIS C 327 24.02 24.65 -33.33
CA HIS C 327 25.05 23.84 -33.96
C HIS C 327 24.47 23.23 -35.21
N GLU C 328 24.05 24.05 -36.18
CA GLU C 328 23.34 23.50 -37.36
C GLU C 328 24.06 22.23 -37.78
N HIS C 329 23.34 21.13 -37.85
CA HIS C 329 23.97 19.88 -38.20
C HIS C 329 23.77 19.53 -39.64
N ASN C 330 22.60 19.89 -40.21
CA ASN C 330 22.25 19.55 -41.60
C ASN C 330 20.87 20.10 -42.00
N GLU C 331 20.81 20.96 -43.01
CA GLU C 331 19.53 21.37 -43.64
C GLU C 331 18.63 22.19 -42.72
N GLN C 332 17.90 21.49 -41.85
CA GLN C 332 16.76 22.08 -41.13
C GLN C 332 16.79 21.67 -39.65
N VAL C 333 17.84 22.08 -38.95
CA VAL C 333 18.17 21.47 -37.66
C VAL C 333 19.25 22.23 -36.92
N SER C 334 19.05 22.42 -35.62
CA SER C 334 20.00 23.16 -34.77
C SER C 334 19.76 22.97 -33.26
N LEU C 335 20.80 22.52 -32.57
CA LEU C 335 20.65 21.97 -31.25
C LEU C 335 21.08 22.98 -30.16
N MSE C 336 20.14 23.47 -29.36
CA MSE C 336 20.41 24.54 -28.40
C MSE C 336 20.71 23.98 -27.06
O MSE C 336 19.81 23.50 -26.39
CB MSE C 336 19.20 25.46 -28.25
CG MSE C 336 19.40 26.60 -27.21
SE MSE C 336 17.86 26.92 -25.99
CE MSE C 336 18.83 27.93 -24.59
N ARG C 337 21.95 24.04 -26.62
CA ARG C 337 22.27 23.37 -25.36
C ARG C 337 21.25 23.80 -24.35
N THR C 338 20.63 22.82 -23.71
CA THR C 338 19.69 23.11 -22.66
C THR C 338 20.50 23.78 -21.56
N THR C 339 19.87 24.60 -20.73
CA THR C 339 20.55 25.28 -19.63
C THR C 339 20.46 24.45 -18.35
N VAL C 340 21.18 24.86 -17.30
CA VAL C 340 21.08 24.19 -15.97
C VAL C 340 19.66 24.31 -15.46
N GLY C 341 19.04 25.45 -15.79
CA GLY C 341 17.68 25.72 -15.37
C GLY C 341 16.74 24.77 -16.04
N GLU C 342 16.74 24.81 -17.38
CA GLU C 342 15.88 23.95 -18.20
C GLU C 342 16.00 22.47 -17.75
N ASN C 343 17.23 22.00 -17.62
CA ASN C 343 17.45 20.64 -17.18
C ASN C 343 16.63 20.26 -15.96
N LYS C 344 16.53 21.19 -15.01
CA LYS C 344 15.86 20.94 -13.73
C LYS C 344 14.40 20.49 -13.93
N LYS C 345 13.77 21.01 -14.99
CA LYS C 345 12.40 20.64 -15.35
C LYS C 345 12.30 19.20 -15.89
N PHE C 346 13.20 18.88 -16.82
CA PHE C 346 13.33 17.51 -17.33
C PHE C 346 13.30 16.51 -16.19
N ALA C 347 14.10 16.78 -15.17
CA ALA C 347 14.08 15.99 -13.93
C ALA C 347 12.65 15.85 -13.42
N ALA C 348 11.96 16.99 -13.29
CA ALA C 348 10.56 17.04 -12.80
C ALA C 348 9.67 16.09 -13.55
N PHE C 349 9.64 16.29 -14.87
CA PHE C 349 8.85 15.44 -15.74
C PHE C 349 9.18 13.97 -15.60
N ILE C 350 10.46 13.63 -15.69
CA ILE C 350 10.84 12.22 -15.70
C ILE C 350 10.55 11.65 -14.31
N ALA C 351 10.93 12.46 -13.31
CA ALA C 351 10.64 12.25 -11.89
C ALA C 351 9.15 11.99 -11.60
N GLU C 352 8.31 12.99 -11.89
CA GLU C 352 6.86 12.90 -11.66
C GLU C 352 6.33 11.59 -12.17
N LYS C 353 6.73 11.27 -13.38
CA LYS C 353 6.24 10.10 -14.04
C LYS C 353 6.77 8.87 -13.33
N LEU C 354 8.03 8.91 -12.92
CA LEU C 354 8.68 7.71 -12.37
C LEU C 354 8.07 7.35 -11.02
N ASN C 355 7.86 8.41 -10.23
CA ASN C 355 7.16 8.30 -8.94
C ASN C 355 5.71 7.76 -8.99
N LYS C 356 5.23 7.30 -10.15
CA LYS C 356 3.98 6.57 -10.23
C LYS C 356 4.27 5.12 -10.53
N ALA C 357 5.45 4.65 -10.14
CA ALA C 357 6.00 3.40 -10.65
C ALA C 357 5.51 2.20 -9.85
N SER C 358 5.03 1.15 -10.49
CA SER C 358 4.64 -0.04 -9.70
C SER C 358 5.35 -1.33 -10.07
N SER C 359 6.42 -1.22 -10.85
CA SER C 359 7.32 -2.33 -11.04
C SER C 359 8.74 -1.84 -10.77
N SER C 360 9.71 -2.73 -11.03
CA SER C 360 11.13 -2.43 -10.82
C SER C 360 11.65 -1.60 -12.01
N VAL C 361 12.33 -0.50 -11.66
CA VAL C 361 12.86 0.46 -12.61
C VAL C 361 14.21 0.97 -12.09
N CYS C 362 15.22 1.09 -12.97
CA CYS C 362 16.47 1.73 -12.57
C CYS C 362 16.81 2.86 -13.45
N VAL C 363 17.20 3.95 -12.85
CA VAL C 363 17.78 5.04 -13.56
C VAL C 363 19.31 4.88 -13.43
N CYS C 364 20.04 5.21 -14.52
CA CYS C 364 21.50 5.08 -14.56
C CYS C 364 22.00 6.36 -15.10
N LEU C 365 22.80 7.07 -14.30
CA LEU C 365 23.26 8.41 -14.66
C LEU C 365 24.78 8.46 -14.98
N PRO C 366 25.15 9.14 -16.07
CA PRO C 366 26.54 9.20 -16.45
C PRO C 366 27.23 10.49 -16.01
N GLU C 367 27.83 10.50 -14.81
CA GLU C 367 28.34 11.76 -14.22
C GLU C 367 28.96 12.72 -15.25
N LYS C 368 29.93 12.22 -16.01
CA LYS C 368 30.77 13.09 -16.85
C LYS C 368 29.99 13.80 -17.96
N GLY C 369 28.89 13.22 -18.42
CA GLY C 369 28.07 13.87 -19.43
C GLY C 369 27.12 12.91 -20.11
N VAL C 370 26.22 13.47 -20.94
CA VAL C 370 25.05 12.74 -21.44
C VAL C 370 24.97 12.76 -22.95
N SER C 371 26.13 12.88 -23.57
CA SER C 371 26.21 12.97 -25.05
C SER C 371 27.65 13.15 -25.54
N ALA C 372 27.85 12.85 -26.84
CA ALA C 372 29.05 13.28 -27.58
C ALA C 372 29.32 14.75 -27.28
N LEU C 373 28.31 15.58 -27.49
CA LEU C 373 28.43 17.02 -27.25
C LEU C 373 28.55 17.43 -25.77
N ASP C 374 28.13 16.58 -24.85
CA ASP C 374 28.27 16.91 -23.43
C ASP C 374 29.40 16.07 -22.81
N ALA C 375 30.59 16.22 -23.39
CA ALA C 375 31.81 15.61 -22.86
C ALA C 375 32.89 16.67 -22.59
N PRO C 376 33.86 16.34 -21.72
CA PRO C 376 35.09 17.12 -21.66
C PRO C 376 35.67 17.32 -23.07
N GLY C 377 35.72 18.58 -23.50
CA GLY C 377 36.41 18.95 -24.75
C GLY C 377 35.48 19.16 -25.90
N LYS C 378 34.18 19.20 -25.61
CA LYS C 378 33.17 19.12 -26.64
C LYS C 378 32.16 20.25 -26.52
N ASP C 379 31.61 20.65 -27.68
CA ASP C 379 30.68 21.80 -27.85
C ASP C 379 29.81 22.18 -26.61
N PHE C 380 29.01 21.24 -26.10
CA PHE C 380 27.98 21.56 -25.11
C PHE C 380 28.27 20.99 -23.74
N TYR C 381 29.54 21.00 -23.33
CA TYR C 381 29.90 20.53 -22.00
C TYR C 381 29.17 21.37 -20.93
N ASP C 382 29.29 21.00 -19.66
CA ASP C 382 28.74 21.79 -18.54
C ASP C 382 28.37 20.86 -17.38
N PRO C 383 29.38 20.23 -16.74
CA PRO C 383 29.14 19.24 -15.68
C PRO C 383 28.31 19.71 -14.48
N GLU C 384 27.99 20.99 -14.44
CA GLU C 384 27.08 21.51 -13.43
C GLU C 384 25.69 21.12 -13.91
N ALA C 385 25.32 21.53 -15.13
CA ALA C 385 24.03 21.20 -15.71
C ALA C 385 23.78 19.74 -15.42
N THR C 386 24.71 18.90 -15.87
CA THR C 386 24.54 17.48 -15.72
C THR C 386 24.43 17.05 -14.22
N SER C 387 25.25 17.63 -13.32
CA SER C 387 25.19 17.27 -11.88
C SER C 387 23.93 17.83 -11.19
N CYS C 388 23.48 18.97 -11.69
CA CYS C 388 22.18 19.53 -11.34
C CYS C 388 21.15 18.44 -11.64
N LEU C 389 21.01 18.16 -12.94
CA LEU C 389 20.20 17.03 -13.44
C LEU C 389 20.32 15.84 -12.51
N THR C 390 21.56 15.39 -12.33
CA THR C 390 21.84 14.19 -11.56
C THR C 390 21.27 14.28 -10.17
N ARG C 391 21.51 15.40 -9.47
CA ARG C 391 21.04 15.52 -8.10
C ARG C 391 19.52 15.64 -8.12
N GLU C 392 19.03 16.66 -8.81
CA GLU C 392 17.60 16.85 -8.98
C GLU C 392 16.89 15.50 -9.06
N LEU C 393 17.41 14.63 -9.93
CA LEU C 393 16.81 13.33 -10.16
C LEU C 393 16.85 12.40 -8.96
N GLN C 394 18.02 12.24 -8.37
CA GLN C 394 18.13 11.32 -7.23
C GLN C 394 17.37 11.93 -6.06
N MSE C 395 17.42 13.26 -5.94
CA MSE C 395 16.63 13.97 -4.93
C MSE C 395 15.18 13.68 -5.21
O MSE C 395 14.52 13.00 -4.41
CB MSE C 395 16.93 15.47 -4.86
CG MSE C 395 17.78 15.83 -3.63
SE MSE C 395 16.64 16.31 -2.08
CE MSE C 395 17.94 15.94 -0.64
N LEU C 396 14.67 14.13 -6.36
CA LEU C 396 13.27 13.86 -6.72
C LEU C 396 12.88 12.38 -6.74
N LEU C 397 13.88 11.49 -6.72
CA LEU C 397 13.64 10.05 -6.65
C LEU C 397 14.13 9.43 -5.33
N GLU C 398 14.80 10.27 -4.53
CA GLU C 398 15.32 9.87 -3.21
C GLU C 398 14.28 8.99 -2.51
N ASN C 399 13.07 9.56 -2.34
CA ASN C 399 12.00 8.89 -1.66
C ASN C 399 11.48 7.70 -2.41
N ASN C 400 11.48 7.80 -3.72
CA ASN C 400 10.99 6.66 -4.50
C ASN C 400 11.77 5.40 -4.20
N GLU C 401 11.07 4.43 -3.64
CA GLU C 401 11.68 3.17 -3.29
C GLU C 401 11.71 2.30 -4.53
N ARG C 402 10.75 2.50 -5.42
CA ARG C 402 10.54 1.65 -6.59
C ARG C 402 11.66 1.79 -7.68
N CYS C 403 12.35 2.92 -7.62
CA CYS C 403 13.32 3.28 -8.61
C CYS C 403 14.70 3.56 -7.95
N GLN C 404 15.60 2.60 -8.17
CA GLN C 404 17.01 2.79 -7.88
C GLN C 404 17.62 3.85 -8.74
N VAL C 405 18.56 4.58 -8.18
CA VAL C 405 19.36 5.47 -8.99
C VAL C 405 20.84 5.21 -8.72
N LYS C 406 21.59 4.98 -9.81
CA LYS C 406 23.02 4.70 -9.75
C LYS C 406 23.65 5.84 -10.43
N VAL C 407 24.58 6.48 -9.75
CA VAL C 407 25.45 7.42 -10.44
C VAL C 407 26.78 6.76 -10.77
N LEU C 408 27.25 7.01 -11.97
CA LEU C 408 28.31 6.23 -12.52
C LEU C 408 29.32 7.22 -12.98
N PRO C 409 30.56 7.08 -12.48
CA PRO C 409 31.62 8.02 -12.79
C PRO C 409 32.13 7.67 -14.19
N TYR C 410 31.29 7.97 -15.18
CA TYR C 410 31.55 7.67 -16.58
C TYR C 410 30.85 8.66 -17.44
N HIS C 411 31.06 8.50 -18.74
CA HIS C 411 30.38 9.28 -19.73
C HIS C 411 29.54 8.33 -20.52
N ILE C 412 28.48 8.85 -21.15
CA ILE C 412 27.38 8.01 -21.60
C ILE C 412 27.92 7.01 -22.61
N ASN C 413 28.84 7.47 -23.45
CA ASN C 413 29.38 6.69 -24.56
C ASN C 413 30.54 5.70 -24.25
N ASP C 414 30.99 5.65 -22.98
CA ASP C 414 32.03 4.70 -22.54
C ASP C 414 31.51 3.26 -22.50
N ALA C 415 32.23 2.33 -23.11
CA ALA C 415 31.77 0.94 -23.17
C ALA C 415 31.53 0.40 -21.77
N GLU C 416 32.15 1.02 -20.76
CA GLU C 416 31.88 0.66 -19.35
C GLU C 416 30.48 1.10 -18.89
N PHE C 417 30.07 2.31 -19.26
CA PHE C 417 28.67 2.70 -19.07
C PHE C 417 27.71 1.71 -19.70
N ALA C 418 27.74 1.57 -21.01
CA ALA C 418 26.84 0.62 -21.64
C ALA C 418 26.78 -0.71 -20.87
N ASN C 419 27.88 -1.23 -20.38
CA ASN C 419 27.80 -2.49 -19.59
C ASN C 419 26.94 -2.31 -18.36
N ALA C 420 27.26 -1.27 -17.58
CA ALA C 420 26.42 -0.82 -16.48
C ALA C 420 24.92 -0.96 -16.85
N LEU C 421 24.49 -0.18 -17.87
CA LEU C 421 23.15 -0.25 -18.43
C LEU C 421 22.62 -1.66 -18.61
N VAL C 422 23.41 -2.55 -19.21
CA VAL C 422 22.86 -3.86 -19.51
C VAL C 422 22.84 -4.71 -18.25
N ASP C 423 23.76 -4.44 -17.32
CA ASP C 423 23.78 -5.22 -16.06
C ASP C 423 22.55 -4.80 -15.27
N SER C 424 22.45 -3.47 -15.09
CA SER C 424 21.29 -2.86 -14.51
C SER C 424 20.08 -3.57 -15.04
N PHE C 425 20.04 -3.75 -16.35
CA PHE C 425 18.84 -4.29 -16.96
C PHE C 425 18.70 -5.76 -16.68
N LEU C 426 19.79 -6.50 -16.85
CA LEU C 426 19.79 -7.94 -16.62
C LEU C 426 19.42 -8.31 -15.19
N GLU C 427 19.63 -7.39 -14.24
CA GLU C 427 19.26 -7.63 -12.86
C GLU C 427 17.75 -7.63 -12.69
N ILE C 428 17.09 -6.58 -13.20
CA ILE C 428 15.68 -6.37 -12.90
C ILE C 428 14.78 -7.12 -13.88
N SER C 429 15.33 -7.59 -14.98
CA SER C 429 14.66 -8.56 -15.82
C SER C 429 14.64 -9.93 -15.12
N PRO C 430 13.57 -10.71 -15.32
CA PRO C 430 13.66 -12.14 -15.01
C PRO C 430 14.60 -12.84 -15.96
N SER D 8 1.58 -18.19 -68.44
CA SER D 8 1.04 -18.50 -67.09
C SER D 8 1.35 -17.35 -66.10
N PRO D 9 0.49 -17.18 -65.08
CA PRO D 9 0.49 -15.95 -64.27
C PRO D 9 1.68 -15.87 -63.30
N ARG D 10 2.17 -14.66 -63.06
CA ARG D 10 3.39 -14.48 -62.30
C ARG D 10 3.34 -13.17 -61.49
N VAL D 11 3.95 -13.16 -60.30
CA VAL D 11 4.07 -11.99 -59.45
C VAL D 11 5.55 -11.69 -59.23
N PHE D 12 5.87 -10.47 -58.78
CA PHE D 12 7.24 -10.10 -58.41
C PHE D 12 7.38 -9.54 -56.99
N CYS D 13 8.24 -10.12 -56.15
CA CYS D 13 8.67 -9.46 -54.89
C CYS D 13 9.98 -8.76 -55.12
N ILE D 14 10.09 -7.53 -54.63
CA ILE D 14 11.23 -6.71 -54.94
C ILE D 14 11.80 -5.95 -53.77
N GLY D 15 13.10 -5.72 -53.87
CA GLY D 15 13.83 -5.18 -52.75
C GLY D 15 15.29 -5.03 -53.09
N THR D 16 15.98 -4.44 -52.13
CA THR D 16 17.41 -4.38 -52.20
C THR D 16 17.82 -5.69 -51.54
N ALA D 17 18.14 -6.62 -52.44
CA ALA D 17 18.68 -7.96 -52.08
C ALA D 17 19.76 -7.86 -51.02
N ASP D 18 20.84 -7.17 -51.41
CA ASP D 18 22.04 -6.95 -50.59
C ASP D 18 21.80 -6.69 -49.08
N THR D 19 20.73 -5.98 -48.73
CA THR D 19 20.62 -5.42 -47.41
C THR D 19 19.39 -5.84 -46.60
N LYS D 20 18.41 -6.39 -47.31
CA LYS D 20 17.12 -6.71 -46.70
C LYS D 20 16.81 -8.12 -47.11
N PHE D 21 17.84 -8.97 -47.12
CA PHE D 21 17.72 -10.29 -47.75
C PHE D 21 16.78 -11.20 -47.01
N ASP D 22 16.97 -11.33 -45.71
CA ASP D 22 16.05 -12.07 -44.90
C ASP D 22 14.58 -11.67 -45.19
N GLU D 23 14.30 -10.36 -45.11
CA GLU D 23 12.95 -9.79 -45.30
C GLU D 23 12.39 -10.10 -46.66
N LEU D 24 13.11 -9.69 -47.68
CA LEU D 24 12.69 -9.91 -49.07
C LEU D 24 12.24 -11.38 -49.23
N ARG D 25 13.11 -12.29 -48.80
CA ARG D 25 12.89 -13.73 -48.93
C ARG D 25 11.74 -14.24 -48.03
N PHE D 26 11.72 -13.87 -46.75
CA PHE D 26 10.58 -14.23 -45.88
C PHE D 26 9.25 -13.77 -46.47
N LEU D 27 9.22 -12.56 -47.01
CA LEU D 27 8.03 -12.08 -47.64
C LEU D 27 7.73 -12.92 -48.84
N SER D 28 8.72 -13.20 -49.68
CA SER D 28 8.40 -13.96 -50.88
C SER D 28 7.90 -15.33 -50.46
N GLU D 29 8.37 -15.83 -49.32
CA GLU D 29 7.99 -17.16 -48.87
C GLU D 29 6.53 -17.16 -48.56
N HIS D 30 6.14 -16.15 -47.80
CA HIS D 30 4.79 -16.01 -47.35
C HIS D 30 3.81 -15.66 -48.46
N VAL D 31 4.29 -14.95 -49.47
CA VAL D 31 3.47 -14.71 -50.62
C VAL D 31 3.18 -15.97 -51.41
N ARG D 32 4.05 -16.95 -51.32
CA ARG D 32 3.89 -18.20 -52.10
C ARG D 32 3.02 -19.14 -51.35
N SER D 33 3.25 -19.21 -50.06
CA SER D 33 2.43 -19.99 -49.20
C SER D 33 0.97 -19.51 -49.33
N SER D 34 0.78 -18.20 -49.21
CA SER D 34 -0.56 -17.58 -49.29
C SER D 34 -1.16 -17.74 -50.68
N LEU D 35 -0.43 -17.38 -51.72
CA LEU D 35 -0.93 -17.66 -53.06
C LEU D 35 -1.51 -19.04 -53.02
N ASN D 36 -0.66 -20.07 -52.84
CA ASN D 36 -1.07 -21.52 -52.83
C ASN D 36 -2.27 -21.87 -51.96
N SER D 37 -2.20 -21.53 -50.67
CA SER D 37 -3.26 -21.82 -49.70
C SER D 37 -4.61 -21.26 -50.11
N PHE D 38 -4.61 -20.08 -50.72
CA PHE D 38 -5.85 -19.33 -51.04
C PHE D 38 -6.42 -19.79 -52.38
N SER D 39 -5.54 -20.05 -53.33
CA SER D 39 -5.94 -20.50 -54.66
C SER D 39 -6.62 -21.85 -54.57
N ASN D 40 -7.42 -22.16 -55.59
CA ASN D 40 -8.01 -23.49 -55.73
C ASN D 40 -8.30 -23.79 -57.20
N LYS D 41 -7.70 -24.84 -57.78
CA LYS D 41 -6.55 -25.58 -57.24
C LYS D 41 -5.45 -25.54 -58.27
N PHE D 44 -3.73 -23.85 -61.22
CA PHE D 44 -2.77 -23.17 -62.10
C PHE D 44 -1.84 -22.31 -61.26
N LYS D 45 -0.73 -22.91 -60.80
CA LYS D 45 0.21 -22.26 -59.88
C LYS D 45 0.57 -20.87 -60.38
N VAL D 46 0.91 -19.98 -59.45
CA VAL D 46 1.25 -18.61 -59.77
C VAL D 46 2.69 -18.40 -59.32
N GLY D 47 3.56 -17.98 -60.23
CA GLY D 47 4.99 -17.95 -59.95
C GLY D 47 5.48 -16.71 -59.21
N VAL D 48 6.29 -16.89 -58.16
CA VAL D 48 6.88 -15.75 -57.48
C VAL D 48 8.34 -15.54 -57.86
N THR D 49 8.60 -14.63 -58.78
CA THR D 49 9.98 -14.23 -59.01
C THR D 49 10.42 -13.27 -57.91
N VAL D 50 11.70 -13.27 -57.58
CA VAL D 50 12.24 -12.25 -56.73
C VAL D 50 13.17 -11.41 -57.60
N VAL D 51 12.93 -10.10 -57.67
CA VAL D 51 13.77 -9.13 -58.41
C VAL D 51 14.65 -8.39 -57.44
N ASP D 52 15.90 -8.14 -57.83
CA ASP D 52 16.80 -7.32 -56.99
C ASP D 52 17.09 -6.00 -57.67
N VAL D 53 16.94 -4.91 -56.90
CA VAL D 53 17.07 -3.57 -57.44
C VAL D 53 18.20 -2.82 -56.76
N SER D 54 18.92 -3.50 -55.87
CA SER D 54 20.16 -3.00 -55.23
C SER D 54 21.06 -2.31 -56.23
N THR D 55 21.73 -1.26 -55.76
CA THR D 55 22.57 -0.43 -56.63
C THR D 55 24.06 -0.72 -56.49
N SER D 56 24.47 -1.12 -55.29
CA SER D 56 25.86 -1.52 -54.96
C SER D 56 26.59 -2.28 -56.08
N TRP D 57 27.87 -2.54 -55.84
CA TRP D 57 28.57 -3.64 -56.54
C TRP D 57 28.12 -5.00 -55.98
N LYS D 58 27.88 -5.04 -54.66
CA LYS D 58 27.48 -6.26 -53.93
C LYS D 58 26.58 -7.14 -54.77
N GLU D 59 26.95 -8.41 -54.91
CA GLU D 59 26.18 -9.31 -55.72
C GLU D 59 25.37 -10.28 -54.87
N THR D 60 24.07 -10.38 -55.18
CA THR D 60 23.24 -11.44 -54.64
C THR D 60 22.72 -12.17 -55.90
N ASN D 61 22.74 -13.51 -55.91
CA ASN D 61 22.46 -14.25 -57.16
C ASN D 61 21.36 -15.31 -57.17
N SER D 62 20.84 -15.61 -55.98
CA SER D 62 19.71 -16.50 -55.84
C SER D 62 18.94 -16.13 -54.56
N CYS D 63 17.65 -16.47 -54.53
CA CYS D 63 16.86 -16.33 -53.33
C CYS D 63 16.32 -17.71 -52.96
N ALA D 64 16.30 -18.02 -51.67
CA ALA D 64 15.88 -19.34 -51.20
C ALA D 64 15.76 -20.33 -52.38
N ASP D 65 14.64 -20.39 -53.08
CA ASP D 65 14.61 -21.22 -54.29
C ASP D 65 13.83 -20.63 -55.46
N PHE D 66 13.64 -19.31 -55.45
CA PHE D 66 12.70 -18.70 -56.35
C PHE D 66 13.33 -18.40 -57.67
N ASP D 67 12.54 -18.38 -58.75
CA ASP D 67 13.00 -17.77 -60.00
C ASP D 67 13.46 -16.43 -59.55
N PHE D 68 14.36 -15.82 -60.28
CA PHE D 68 15.14 -14.71 -59.71
C PHE D 68 15.85 -13.90 -60.79
N VAL D 69 15.75 -12.59 -60.69
CA VAL D 69 16.58 -11.75 -61.50
C VAL D 69 17.46 -10.90 -60.60
N PRO D 70 18.64 -10.53 -61.10
CA PRO D 70 19.50 -9.64 -60.33
C PRO D 70 19.68 -8.25 -60.99
N SER D 71 20.25 -7.35 -60.20
CA SER D 71 20.52 -5.99 -60.62
C SER D 71 20.92 -5.85 -62.10
N LYS D 72 21.87 -6.68 -62.56
CA LYS D 72 22.35 -6.61 -63.95
C LYS D 72 21.22 -6.70 -65.00
N ASP D 73 20.36 -7.70 -64.84
CA ASP D 73 19.31 -7.93 -65.83
C ASP D 73 18.27 -6.79 -65.80
N VAL D 74 17.95 -6.28 -64.61
CA VAL D 74 17.09 -5.09 -64.47
C VAL D 74 17.64 -3.92 -65.31
N LEU D 75 18.94 -3.66 -65.18
CA LEU D 75 19.55 -2.58 -65.94
C LEU D 75 19.61 -2.97 -67.42
N SER D 76 20.06 -4.19 -67.73
CA SER D 76 20.20 -4.67 -69.13
C SER D 76 19.13 -4.17 -70.06
N CYS D 77 17.90 -4.06 -69.57
CA CYS D 77 16.83 -3.42 -70.33
C CYS D 77 16.89 -1.91 -70.13
N HIS D 78 17.47 -1.23 -71.13
CA HIS D 78 17.47 0.23 -71.31
C HIS D 78 18.04 1.02 -70.15
N THR D 79 19.18 1.72 -70.30
CA THR D 79 20.03 1.76 -71.51
C THR D 79 21.48 1.41 -71.12
N ILE D 91 25.04 11.25 -56.76
CA ILE D 91 25.29 10.15 -57.66
C ILE D 91 24.43 9.00 -57.27
N ARG D 92 24.49 8.70 -55.97
CA ARG D 92 23.48 7.86 -55.33
C ARG D 92 22.07 8.33 -55.73
N GLY D 93 21.93 9.65 -55.97
CA GLY D 93 20.79 10.17 -56.71
C GLY D 93 20.66 9.39 -58.01
N LEU D 94 21.37 9.84 -59.05
CA LEU D 94 21.38 9.25 -60.42
C LEU D 94 21.17 7.72 -60.43
N ALA D 95 21.84 7.02 -59.52
CA ALA D 95 21.70 5.57 -59.47
C ALA D 95 20.23 5.25 -59.27
N ILE D 96 19.67 5.67 -58.13
CA ILE D 96 18.25 5.43 -57.85
C ILE D 96 17.35 5.73 -59.04
N ALA D 97 17.51 6.93 -59.59
CA ALA D 97 16.85 7.29 -60.86
C ALA D 97 16.96 6.21 -61.92
N ILE D 98 18.17 5.72 -62.17
CA ILE D 98 18.39 4.80 -63.27
C ILE D 98 17.76 3.42 -63.02
N MSE D 99 17.83 2.98 -61.76
CA MSE D 99 17.24 1.69 -61.41
C MSE D 99 15.74 1.77 -61.56
O MSE D 99 15.11 0.86 -62.11
CB MSE D 99 17.63 1.38 -59.96
CG MSE D 99 17.40 -0.07 -59.51
SE MSE D 99 17.71 -1.47 -60.87
CE MSE D 99 19.07 -2.47 -59.85
N SER D 100 15.13 2.87 -61.10
CA SER D 100 13.70 2.96 -61.20
C SER D 100 13.28 2.93 -62.64
N LYS D 101 13.83 3.83 -63.46
CA LYS D 101 13.60 3.80 -64.91
C LYS D 101 13.88 2.40 -65.47
N ALA D 102 14.93 1.76 -64.95
CA ALA D 102 15.25 0.40 -65.38
C ALA D 102 14.06 -0.53 -65.07
N LEU D 103 13.76 -0.65 -63.76
CA LEU D 103 12.59 -1.37 -63.21
C LEU D 103 11.23 -1.06 -63.83
N GLU D 104 10.98 0.20 -64.18
CA GLU D 104 9.76 0.51 -64.89
C GLU D 104 9.73 -0.31 -66.17
N THR D 105 10.84 -0.27 -66.89
CA THR D 105 10.90 -0.93 -68.17
C THR D 105 10.77 -2.43 -68.00
N PHE D 106 11.53 -2.99 -67.06
CA PHE D 106 11.46 -4.42 -66.88
C PHE D 106 10.00 -4.85 -66.79
N LEU D 107 9.24 -4.08 -66.02
CA LEU D 107 7.86 -4.42 -65.70
C LEU D 107 6.86 -4.16 -66.83
N SER D 108 7.20 -3.23 -67.73
CA SER D 108 6.40 -3.03 -68.94
C SER D 108 6.46 -4.25 -69.83
N ILE D 109 7.69 -4.72 -70.09
CA ILE D 109 7.88 -5.87 -70.99
C ILE D 109 7.16 -7.03 -70.37
N ALA D 110 7.28 -7.14 -69.04
CA ALA D 110 6.60 -8.17 -68.27
C ALA D 110 5.11 -8.19 -68.55
N ASN D 111 4.48 -7.01 -68.44
CA ASN D 111 3.06 -6.88 -68.69
C ASN D 111 2.75 -7.18 -70.17
N ASP D 112 3.71 -6.93 -71.06
CA ASP D 112 3.58 -7.28 -72.49
C ASP D 112 3.46 -8.78 -72.73
N GLU D 113 4.28 -9.58 -72.07
CA GLU D 113 4.10 -11.05 -72.06
C GLU D 113 2.70 -11.47 -71.58
N GLN D 114 2.08 -10.63 -70.74
CA GLN D 114 0.66 -10.72 -70.33
C GLN D 114 0.37 -11.74 -69.24
N ASN D 115 1.36 -11.94 -68.39
CA ASN D 115 1.22 -12.81 -67.26
C ASN D 115 1.58 -12.10 -65.96
N LEU D 116 1.83 -10.79 -66.02
CA LEU D 116 2.06 -10.02 -64.82
C LEU D 116 0.72 -10.07 -64.09
N ALA D 117 0.73 -10.43 -62.82
CA ALA D 117 -0.50 -10.62 -62.08
C ALA D 117 -0.45 -9.92 -60.73
N GLY D 118 0.59 -9.13 -60.50
CA GLY D 118 0.78 -8.45 -59.25
C GLY D 118 2.26 -8.08 -59.11
N VAL D 119 2.53 -7.12 -58.22
CA VAL D 119 3.89 -6.78 -57.82
C VAL D 119 3.84 -6.33 -56.36
N ILE D 120 4.87 -6.72 -55.59
CA ILE D 120 5.02 -6.24 -54.23
C ILE D 120 6.49 -5.94 -54.08
N GLY D 121 6.79 -5.05 -53.14
CA GLY D 121 8.12 -4.55 -52.90
C GLY D 121 8.19 -4.16 -51.45
N LEU D 122 9.39 -4.07 -50.93
CA LEU D 122 9.52 -3.41 -49.64
C LEU D 122 10.64 -2.40 -49.76
N GLY D 123 10.64 -1.44 -48.85
CA GLY D 123 11.57 -0.32 -48.97
C GLY D 123 11.41 0.64 -47.84
N GLY D 124 12.42 1.49 -47.70
CA GLY D 124 12.28 2.70 -46.93
C GLY D 124 12.38 3.81 -47.94
N SER D 125 12.54 5.05 -47.48
CA SER D 125 12.67 6.18 -48.40
C SER D 125 13.03 5.72 -49.79
N GLY D 126 14.32 5.62 -50.06
CA GLY D 126 14.80 5.45 -51.44
C GLY D 126 14.06 4.29 -52.11
N GLY D 127 13.91 3.21 -51.36
CA GLY D 127 13.22 2.05 -51.86
C GLY D 127 11.80 2.42 -52.25
N THR D 128 11.08 2.99 -51.26
CA THR D 128 9.69 3.39 -51.48
C THR D 128 9.59 4.23 -52.76
N SER D 129 10.34 5.31 -52.80
CA SER D 129 10.47 6.16 -54.00
C SER D 129 10.86 5.44 -55.29
N LEU D 130 11.74 4.45 -55.18
CA LEU D 130 12.22 3.74 -56.35
C LEU D 130 11.11 2.84 -56.88
N LEU D 131 10.61 1.97 -56.02
CA LEU D 131 9.54 1.04 -56.36
C LEU D 131 8.27 1.82 -56.77
N SER D 132 7.98 2.91 -56.05
CA SER D 132 6.73 3.68 -56.28
C SER D 132 6.59 4.04 -57.70
N SER D 133 7.63 4.73 -58.14
CA SER D 133 7.68 5.24 -59.46
C SER D 133 7.58 4.12 -60.47
N ALA D 134 8.13 2.95 -60.19
CA ALA D 134 8.01 1.86 -61.17
C ALA D 134 6.55 1.35 -61.22
N PHE D 135 5.95 1.19 -60.05
CA PHE D 135 4.68 0.52 -59.95
C PHE D 135 3.57 1.38 -60.53
N ARG D 136 3.59 2.69 -60.31
CA ARG D 136 2.42 3.45 -60.78
C ARG D 136 2.33 3.61 -62.31
N SER D 137 3.39 3.30 -63.02
CA SER D 137 3.29 3.14 -64.47
C SER D 137 2.61 1.82 -64.89
N LEU D 138 2.31 0.94 -63.96
CA LEU D 138 1.55 -0.24 -64.31
C LEU D 138 0.07 0.13 -64.18
N PRO D 139 -0.77 -0.49 -65.01
CA PRO D 139 -2.20 -0.21 -65.14
C PRO D 139 -2.93 -0.31 -63.85
N ILE D 140 -3.85 0.64 -63.62
CA ILE D 140 -4.76 0.57 -62.47
C ILE D 140 -5.35 -0.82 -62.44
N GLY D 141 -5.37 -1.44 -61.28
CA GLY D 141 -6.15 -2.64 -61.08
C GLY D 141 -5.25 -3.79 -60.88
N ILE D 142 -4.14 -3.79 -61.60
CA ILE D 142 -3.10 -4.74 -61.24
C ILE D 142 -2.64 -4.45 -59.81
N PRO D 143 -2.72 -5.44 -58.91
CA PRO D 143 -2.26 -5.21 -57.53
C PRO D 143 -0.84 -4.68 -57.43
N LYS D 144 -0.67 -3.68 -56.55
CA LYS D 144 0.59 -2.93 -56.39
C LYS D 144 0.78 -2.59 -54.94
N VAL D 145 1.75 -3.22 -54.29
CA VAL D 145 1.95 -3.05 -52.84
C VAL D 145 3.43 -2.84 -52.46
N ILE D 146 3.67 -1.92 -51.54
CA ILE D 146 4.96 -1.71 -50.99
C ILE D 146 4.80 -1.60 -49.50
N ILE D 147 5.42 -2.52 -48.76
CA ILE D 147 5.58 -2.32 -47.31
C ILE D 147 6.66 -1.22 -47.11
N SER D 148 6.34 -0.11 -46.46
CA SER D 148 7.20 1.04 -46.48
C SER D 148 7.41 1.69 -45.14
N THR D 149 8.59 2.25 -45.01
CA THR D 149 9.03 2.94 -43.80
C THR D 149 8.43 4.34 -43.77
N VAL D 150 7.95 4.81 -44.92
CA VAL D 150 7.39 6.14 -45.03
C VAL D 150 5.91 6.21 -45.51
N ALA D 151 5.13 5.19 -45.19
CA ALA D 151 3.68 5.20 -45.42
C ALA D 151 2.90 6.10 -44.49
N SER D 152 3.46 6.50 -43.37
CA SER D 152 2.72 7.32 -42.43
C SER D 152 3.30 8.71 -42.33
N GLY D 153 3.28 9.40 -43.46
CA GLY D 153 3.69 10.79 -43.55
C GLY D 153 3.09 11.45 -44.79
N GLN D 154 3.84 11.51 -45.89
CA GLN D 154 3.40 12.29 -46.99
C GLN D 154 3.62 11.50 -48.24
N THR D 155 2.54 11.02 -48.82
CA THR D 155 2.66 9.95 -49.78
C THR D 155 2.31 10.30 -51.21
N GLU D 156 1.95 11.56 -51.45
CA GLU D 156 1.41 12.01 -52.73
C GLU D 156 2.36 11.64 -53.84
N SER D 157 3.63 11.93 -53.65
CA SER D 157 4.62 11.75 -54.72
C SER D 157 4.98 10.30 -54.94
N TYR D 158 4.53 9.41 -54.05
CA TYR D 158 4.67 7.96 -54.26
C TYR D 158 3.44 7.38 -54.98
N ILE D 159 2.25 7.61 -54.45
CA ILE D 159 1.04 7.03 -54.98
C ILE D 159 0.59 7.78 -56.23
N GLY D 160 0.59 9.10 -56.14
CA GLY D 160 0.12 9.94 -57.23
C GLY D 160 -1.36 9.72 -57.44
N THR D 161 -1.73 9.49 -58.70
CA THR D 161 -3.13 9.26 -59.03
C THR D 161 -3.48 7.78 -59.00
N SER D 162 -2.52 6.92 -58.65
CA SER D 162 -2.60 5.47 -58.91
C SER D 162 -3.33 4.71 -57.82
N ASP D 163 -3.43 3.38 -57.99
CA ASP D 163 -3.98 2.55 -56.93
C ASP D 163 -2.92 1.87 -56.10
N LEU D 164 -1.80 2.54 -55.89
CA LEU D 164 -0.65 1.96 -55.19
C LEU D 164 -0.86 1.95 -53.71
N VAL D 165 -0.73 0.78 -53.12
CA VAL D 165 -0.93 0.67 -51.67
C VAL D 165 0.40 0.62 -50.89
N LEU D 166 0.50 1.46 -49.88
CA LEU D 166 1.64 1.50 -49.04
C LEU D 166 1.25 0.89 -47.73
N PHE D 167 1.96 -0.16 -47.30
CA PHE D 167 1.70 -0.74 -45.94
C PHE D 167 2.69 -0.20 -44.94
N PRO D 168 2.18 0.30 -43.80
CA PRO D 168 3.15 0.81 -42.85
C PRO D 168 3.93 -0.34 -42.29
N SER D 169 5.25 -0.29 -42.48
CA SER D 169 6.19 -1.19 -41.85
C SER D 169 6.13 -1.15 -40.31
N VAL D 170 5.67 -0.06 -39.71
CA VAL D 170 5.44 -0.03 -38.24
C VAL D 170 6.70 0.16 -37.40
N VAL D 171 7.78 -0.47 -37.84
CA VAL D 171 9.12 -0.26 -37.31
C VAL D 171 9.92 -0.41 -38.57
N ASP D 172 11.23 -0.35 -38.46
CA ASP D 172 12.06 -0.46 -39.64
C ASP D 172 12.19 -1.85 -40.19
N ILE D 173 12.70 -1.89 -41.41
CA ILE D 173 13.15 -3.09 -42.07
C ILE D 173 14.61 -3.32 -41.60
N CYS D 174 14.77 -3.81 -40.38
CA CYS D 174 16.07 -4.26 -39.92
C CYS D 174 15.94 -5.69 -39.37
N GLY D 175 15.86 -6.64 -40.29
CA GLY D 175 15.61 -8.03 -39.92
C GLY D 175 14.19 -8.43 -39.54
N ILE D 176 13.93 -9.73 -39.65
CA ILE D 176 12.73 -10.40 -39.13
C ILE D 176 12.63 -10.23 -37.61
N ASN D 177 11.40 -10.20 -37.06
CA ASN D 177 11.16 -10.17 -35.61
C ASN D 177 9.70 -10.09 -35.23
N ASN D 178 9.43 -10.37 -33.97
CA ASN D 178 8.25 -9.91 -33.31
C ASN D 178 7.22 -9.23 -34.24
N VAL D 179 7.60 -8.05 -34.73
CA VAL D 179 6.69 -7.09 -35.31
C VAL D 179 6.76 -7.10 -36.84
N SER D 180 7.95 -7.21 -37.42
CA SER D 180 8.07 -7.31 -38.87
C SER D 180 7.55 -8.65 -39.45
N LYS D 181 7.57 -9.69 -38.64
CA LYS D 181 6.95 -10.94 -39.01
C LYS D 181 5.46 -10.65 -39.22
N VAL D 182 4.81 -10.12 -38.20
CA VAL D 182 3.42 -9.82 -38.34
C VAL D 182 3.18 -8.90 -39.56
N VAL D 183 3.83 -7.75 -39.63
CA VAL D 183 3.59 -6.79 -40.71
C VAL D 183 3.86 -7.34 -42.12
N LEU D 184 4.85 -8.20 -42.27
CA LEU D 184 5.19 -8.74 -43.59
C LEU D 184 4.26 -9.89 -43.88
N SER D 185 3.77 -10.52 -42.82
CA SER D 185 2.75 -11.59 -42.96
C SER D 185 1.43 -11.01 -43.55
N ASN D 186 0.85 -10.06 -42.81
CA ASN D 186 -0.27 -9.33 -43.29
C ASN D 186 -0.01 -8.77 -44.67
N ALA D 187 1.16 -8.22 -44.97
CA ALA D 187 1.36 -7.73 -46.35
C ALA D 187 1.28 -8.82 -47.38
N GLY D 188 1.77 -9.99 -47.08
CA GLY D 188 1.93 -10.97 -48.14
C GLY D 188 0.61 -11.62 -48.43
N ALA D 189 -0.13 -11.81 -47.34
CA ALA D 189 -1.45 -12.40 -47.40
C ALA D 189 -2.40 -11.43 -48.17
N ALA D 190 -2.34 -10.14 -47.79
CA ALA D 190 -3.05 -9.08 -48.47
C ALA D 190 -2.67 -9.16 -49.92
N PHE D 191 -1.40 -9.05 -50.25
CA PHE D 191 -1.01 -9.15 -51.68
C PHE D 191 -1.52 -10.43 -52.36
N ALA D 192 -1.50 -11.55 -51.64
CA ALA D 192 -1.91 -12.81 -52.22
C ALA D 192 -3.38 -12.73 -52.58
N GLY D 193 -4.19 -12.33 -51.60
CA GLY D 193 -5.62 -12.09 -51.82
C GLY D 193 -5.86 -11.34 -53.14
N MSE D 194 -5.32 -10.16 -53.23
CA MSE D 194 -5.63 -9.35 -54.36
C MSE D 194 -5.37 -10.21 -55.55
O MSE D 194 -6.19 -10.31 -56.46
CB MSE D 194 -4.88 -8.03 -54.39
CG MSE D 194 -5.02 -7.30 -53.05
SE MSE D 194 -3.76 -5.78 -53.09
CE MSE D 194 -4.45 -5.07 -54.80
N VAL D 195 -4.23 -10.91 -55.55
CA VAL D 195 -3.78 -11.49 -56.78
C VAL D 195 -4.62 -12.68 -57.19
N ILE D 196 -4.90 -13.58 -56.27
CA ILE D 196 -5.85 -14.65 -56.53
C ILE D 196 -7.27 -14.13 -56.93
N GLY D 197 -7.88 -13.28 -56.11
CA GLY D 197 -9.19 -12.73 -56.44
C GLY D 197 -9.27 -12.29 -57.89
N ARG D 198 -8.30 -11.50 -58.30
CA ARG D 198 -8.33 -11.00 -59.65
C ARG D 198 -8.22 -12.16 -60.65
N LEU D 199 -7.35 -13.10 -60.36
CA LEU D 199 -7.10 -14.22 -61.26
C LEU D 199 -8.28 -15.20 -61.32
N GLU D 200 -8.97 -15.45 -60.21
CA GLU D 200 -10.18 -16.27 -60.19
C GLU D 200 -11.42 -15.48 -60.62
N SER D 201 -11.34 -14.67 -61.68
CA SER D 201 -12.52 -13.87 -62.07
C SER D 201 -12.45 -13.32 -63.50
N LYS D 211 -21.18 -1.12 -68.71
CA LYS D 211 -21.69 0.24 -68.90
C LYS D 211 -20.59 1.13 -69.44
N PHE D 212 -20.91 1.84 -70.54
CA PHE D 212 -20.05 2.89 -71.12
C PHE D 212 -20.00 4.09 -70.15
N THR D 213 -18.79 4.56 -69.88
CA THR D 213 -18.63 5.56 -68.84
C THR D 213 -17.78 6.67 -69.41
N VAL D 214 -18.25 7.90 -69.18
CA VAL D 214 -17.64 9.08 -69.76
C VAL D 214 -16.99 9.92 -68.68
N GLY D 215 -15.90 10.58 -69.00
CA GLY D 215 -15.26 11.53 -68.07
C GLY D 215 -15.42 12.99 -68.46
N VAL D 216 -15.54 13.85 -67.45
CA VAL D 216 -15.93 15.23 -67.66
C VAL D 216 -15.10 16.10 -66.73
N THR D 217 -14.43 17.12 -67.23
CA THR D 217 -13.64 17.96 -66.39
C THR D 217 -14.49 19.17 -66.00
N MSE D 218 -14.33 19.64 -64.74
CA MSE D 218 -15.26 20.58 -64.09
C MSE D 218 -14.55 21.62 -63.26
O MSE D 218 -13.40 21.45 -62.87
CB MSE D 218 -16.23 19.80 -63.22
CG MSE D 218 -17.18 20.61 -62.32
SE MSE D 218 -16.45 21.15 -60.53
CE MSE D 218 -16.30 19.30 -59.82
N PHE D 219 -15.23 22.73 -63.01
CA PHE D 219 -14.77 23.78 -62.10
C PHE D 219 -16.07 24.34 -61.54
N GLY D 220 -16.02 25.04 -60.42
CA GLY D 220 -17.19 25.77 -59.89
C GLY D 220 -17.82 26.64 -60.97
N VAL D 221 -17.00 27.50 -61.59
CA VAL D 221 -17.49 28.43 -62.64
C VAL D 221 -18.02 27.79 -63.96
N THR D 222 -18.01 26.47 -64.05
CA THR D 222 -18.64 25.83 -65.18
C THR D 222 -19.70 24.84 -64.78
N THR D 223 -20.01 24.79 -63.49
CA THR D 223 -20.86 23.71 -62.96
C THR D 223 -22.29 23.64 -63.51
N PRO D 224 -22.86 24.79 -63.94
CA PRO D 224 -24.13 24.65 -64.68
C PRO D 224 -23.96 23.70 -65.87
N CYS D 225 -22.97 24.00 -66.72
CA CYS D 225 -22.64 23.16 -67.84
C CYS D 225 -22.37 21.71 -67.47
N VAL D 226 -21.43 21.46 -66.55
CA VAL D 226 -21.18 20.05 -66.30
C VAL D 226 -22.39 19.40 -65.66
N ASN D 227 -23.06 20.11 -64.73
CA ASN D 227 -24.24 19.52 -64.05
C ASN D 227 -25.26 19.13 -65.12
N ALA D 228 -25.45 20.03 -66.06
CA ALA D 228 -26.34 19.76 -67.18
C ALA D 228 -25.87 18.58 -68.02
N VAL D 229 -24.63 18.57 -68.58
CA VAL D 229 -24.25 17.43 -69.46
C VAL D 229 -24.29 16.16 -68.63
N LYS D 230 -23.76 16.20 -67.40
CA LYS D 230 -23.86 15.03 -66.50
C LYS D 230 -25.28 14.45 -66.50
N GLU D 231 -26.27 15.29 -66.21
CA GLU D 231 -27.66 14.86 -66.10
C GLU D 231 -28.17 14.16 -67.32
N ARG D 232 -27.95 14.76 -68.47
CA ARG D 232 -28.44 14.19 -69.72
C ARG D 232 -27.73 12.85 -70.05
N LEU D 233 -26.39 12.85 -69.94
CA LEU D 233 -25.60 11.61 -70.12
C LEU D 233 -26.16 10.46 -69.31
N VAL D 234 -26.51 10.70 -68.05
CA VAL D 234 -27.17 9.64 -67.31
C VAL D 234 -28.45 9.24 -68.03
N LYS D 235 -29.31 10.20 -68.30
CA LYS D 235 -30.59 9.87 -68.93
C LYS D 235 -30.41 9.08 -70.23
N GLU D 236 -29.34 9.36 -70.96
CA GLU D 236 -28.99 8.65 -72.20
C GLU D 236 -28.30 7.26 -72.02
N GLY D 237 -28.30 6.72 -70.79
CA GLY D 237 -27.70 5.39 -70.50
C GLY D 237 -26.18 5.28 -70.26
N TYR D 238 -25.49 6.43 -70.21
CA TYR D 238 -24.05 6.48 -69.96
C TYR D 238 -23.81 6.66 -68.47
N GLU D 239 -22.57 6.41 -68.06
CA GLU D 239 -22.10 6.70 -66.73
C GLU D 239 -21.00 7.78 -66.74
N THR D 240 -21.05 8.69 -65.78
CA THR D 240 -20.12 9.81 -65.78
C THR D 240 -19.25 9.84 -64.52
N LEU D 241 -18.03 10.31 -64.71
CA LEU D 241 -17.05 10.52 -63.65
C LEU D 241 -16.57 11.92 -63.82
N VAL D 242 -16.98 12.75 -62.89
CA VAL D 242 -16.58 14.13 -62.91
C VAL D 242 -15.28 14.41 -62.20
N PHE D 243 -14.31 14.95 -62.91
CA PHE D 243 -13.02 15.34 -62.32
C PHE D 243 -12.93 16.82 -62.18
N HIS D 244 -12.46 17.29 -61.03
CA HIS D 244 -12.21 18.72 -60.76
C HIS D 244 -10.91 19.06 -61.41
N ALA D 245 -10.86 20.14 -62.18
CA ALA D 245 -9.72 20.48 -63.04
C ALA D 245 -8.49 20.99 -62.27
N THR D 246 -7.98 20.16 -61.39
CA THR D 246 -6.98 20.59 -60.44
C THR D 246 -5.54 20.48 -60.93
N GLY D 247 -5.34 19.85 -62.07
CA GLY D 247 -4.02 19.33 -62.42
C GLY D 247 -4.06 17.86 -62.09
N VAL D 248 -4.08 17.53 -60.80
CA VAL D 248 -4.17 16.13 -60.41
C VAL D 248 -5.38 15.53 -61.14
N GLY D 249 -6.48 16.27 -61.22
CA GLY D 249 -7.72 15.79 -61.89
C GLY D 249 -7.60 15.45 -63.39
N GLY D 250 -6.95 16.31 -64.14
CA GLY D 250 -6.76 16.00 -65.53
C GLY D 250 -6.07 14.66 -65.65
N ARG D 251 -4.86 14.60 -65.09
CA ARG D 251 -4.06 13.38 -65.06
C ARG D 251 -4.84 12.14 -64.56
N ALA D 252 -5.60 12.30 -63.46
CA ALA D 252 -6.34 11.19 -62.92
C ALA D 252 -7.33 10.65 -63.94
N MSE D 253 -7.91 11.56 -64.72
CA MSE D 253 -8.75 11.19 -65.83
C MSE D 253 -7.93 10.68 -66.96
O MSE D 253 -8.23 9.63 -67.53
CB MSE D 253 -9.58 12.39 -66.28
CG MSE D 253 -10.72 11.97 -67.20
SE MSE D 253 -11.52 13.54 -68.03
CE MSE D 253 -9.91 14.32 -68.82
N GLU D 254 -6.87 11.37 -67.30
CA GLU D 254 -6.01 10.85 -68.37
C GLU D 254 -5.63 9.39 -68.12
N ASP D 255 -5.17 9.05 -66.90
CA ASP D 255 -4.60 7.72 -66.61
C ASP D 255 -5.66 6.60 -66.53
N LEU D 256 -6.84 6.90 -66.01
CA LEU D 256 -7.95 5.97 -66.18
C LEU D 256 -8.40 5.85 -67.66
N VAL D 257 -8.11 6.81 -68.54
CA VAL D 257 -8.48 6.53 -69.93
C VAL D 257 -7.46 5.58 -70.45
N ARG D 258 -6.18 5.88 -70.21
CA ARG D 258 -5.11 5.02 -70.75
C ARG D 258 -5.12 3.60 -70.21
N GLY D 259 -5.71 3.37 -69.05
CA GLY D 259 -5.96 2.00 -68.61
C GLY D 259 -7.34 1.48 -68.92
N GLY D 260 -7.98 2.08 -69.93
CA GLY D 260 -9.30 1.65 -70.44
C GLY D 260 -10.52 1.66 -69.51
N PHE D 261 -10.62 2.58 -68.55
CA PHE D 261 -11.83 2.66 -67.67
C PHE D 261 -12.87 3.71 -68.09
N ILE D 262 -12.42 4.74 -68.78
CA ILE D 262 -13.26 5.75 -69.36
C ILE D 262 -13.15 5.60 -70.89
N GLN D 263 -14.32 5.46 -71.53
CA GLN D 263 -14.43 5.17 -72.94
C GLN D 263 -14.69 6.41 -73.80
N GLY D 264 -14.72 7.60 -73.20
CA GLY D 264 -14.95 8.86 -73.95
C GLY D 264 -14.91 10.03 -72.99
N VAL D 265 -14.37 11.18 -73.40
CA VAL D 265 -14.33 12.34 -72.51
C VAL D 265 -15.00 13.61 -73.11
N LEU D 266 -15.86 14.25 -72.32
CA LEU D 266 -16.36 15.56 -72.60
C LEU D 266 -15.48 16.52 -71.85
N ASP D 267 -14.33 16.92 -72.37
CA ASP D 267 -13.35 17.76 -71.61
C ASP D 267 -13.93 19.10 -71.75
N ILE D 268 -14.78 19.48 -70.83
CA ILE D 268 -15.48 20.76 -70.94
C ILE D 268 -14.55 21.86 -70.47
N THR D 269 -13.82 21.62 -69.37
CA THR D 269 -13.16 22.66 -68.60
C THR D 269 -11.68 22.47 -68.72
N THR D 270 -11.08 23.18 -69.65
CA THR D 270 -9.64 23.03 -69.91
C THR D 270 -8.79 24.17 -69.30
N THR D 271 -9.21 24.64 -68.11
CA THR D 271 -8.50 25.69 -67.39
C THR D 271 -7.02 25.36 -67.14
N GLU D 272 -6.71 24.07 -67.05
CA GLU D 272 -5.36 23.63 -66.68
C GLU D 272 -4.39 24.07 -67.75
N VAL D 273 -4.81 23.94 -69.01
CA VAL D 273 -4.03 24.42 -70.13
C VAL D 273 -3.69 25.89 -69.92
N ALA D 274 -4.58 26.66 -69.29
CA ALA D 274 -4.20 28.01 -68.89
C ALA D 274 -3.14 27.89 -67.82
N ASP D 275 -3.51 27.62 -66.58
CA ASP D 275 -2.50 27.49 -65.51
C ASP D 275 -1.09 27.07 -65.92
N TYR D 276 -0.96 26.16 -66.87
CA TYR D 276 0.35 25.75 -67.39
C TYR D 276 1.02 26.97 -68.03
N VAL D 277 0.81 27.15 -69.33
CA VAL D 277 1.19 28.34 -70.09
C VAL D 277 1.71 29.56 -69.32
N VAL D 278 0.92 30.07 -68.38
CA VAL D 278 1.31 31.25 -67.61
C VAL D 278 2.10 30.82 -66.42
N GLY D 279 1.60 29.78 -65.73
CA GLY D 279 2.22 29.26 -64.49
C GLY D 279 1.36 29.52 -63.25
N GLY D 280 0.36 28.67 -63.01
CA GLY D 280 -0.46 28.69 -61.78
C GLY D 280 -0.38 27.41 -60.92
N VAL D 281 -0.93 27.50 -59.71
CA VAL D 281 -0.96 26.38 -58.73
C VAL D 281 -1.82 25.12 -59.11
N MSE D 282 -2.47 25.15 -60.27
CA MSE D 282 -3.25 24.00 -60.75
C MSE D 282 -2.98 23.74 -62.23
O MSE D 282 -3.93 23.62 -63.02
CB MSE D 282 -4.74 24.25 -60.47
CG MSE D 282 -5.05 24.48 -59.00
SE MSE D 282 -7.02 24.48 -58.74
CE MSE D 282 -7.12 23.12 -57.31
N ALA D 283 -1.72 23.64 -62.64
CA ALA D 283 -1.41 23.45 -64.06
C ALA D 283 -1.53 22.03 -64.51
N CYS D 284 -1.65 21.86 -65.83
CA CYS D 284 -1.38 20.58 -66.44
C CYS D 284 0.11 20.46 -66.81
N ASP D 285 0.50 19.30 -67.31
CA ASP D 285 1.84 19.13 -67.80
C ASP D 285 1.88 19.11 -69.32
N SER D 286 3.09 19.13 -69.89
CA SER D 286 3.27 19.23 -71.34
C SER D 286 2.48 18.18 -72.12
N SER D 287 1.96 17.17 -71.42
CA SER D 287 1.39 15.99 -72.06
C SER D 287 -0.13 15.93 -72.13
N ARG D 288 -0.82 17.00 -71.68
CA ARG D 288 -2.30 17.04 -71.76
C ARG D 288 -2.89 16.60 -73.10
N PHE D 289 -3.87 15.73 -73.06
CA PHE D 289 -4.59 15.29 -74.23
C PHE D 289 -3.94 14.05 -74.79
N ASP D 290 -2.61 14.10 -74.97
CA ASP D 290 -1.88 13.00 -75.67
C ASP D 290 -2.50 11.66 -75.37
N ALA D 291 -2.68 11.39 -74.07
CA ALA D 291 -3.36 10.19 -73.59
C ALA D 291 -4.65 9.86 -74.33
N ILE D 292 -5.49 10.87 -74.58
CA ILE D 292 -6.86 10.62 -75.08
C ILE D 292 -6.77 10.30 -76.57
N LEU D 293 -5.97 11.08 -77.26
CA LEU D 293 -5.76 10.87 -78.68
C LEU D 293 -5.09 9.50 -79.01
N GLU D 294 -4.07 9.12 -78.25
CA GLU D 294 -3.55 7.76 -78.36
C GLU D 294 -4.61 6.68 -78.18
N LYS D 295 -5.50 6.80 -77.21
CA LYS D 295 -6.51 5.74 -77.02
C LYS D 295 -7.61 5.76 -78.07
N LYS D 296 -7.61 6.79 -78.92
CA LYS D 296 -8.58 6.86 -80.01
C LYS D 296 -10.01 6.81 -79.46
N ILE D 297 -10.25 7.51 -78.36
CA ILE D 297 -11.63 7.66 -77.85
C ILE D 297 -12.32 9.00 -78.25
N PRO D 298 -13.64 8.91 -78.49
CA PRO D 298 -14.44 10.07 -78.79
C PRO D 298 -14.22 11.14 -77.74
N LEU D 299 -13.65 12.25 -78.23
CA LEU D 299 -13.35 13.44 -77.45
C LEU D 299 -14.32 14.55 -77.92
N VAL D 300 -15.11 15.15 -77.02
CA VAL D 300 -15.64 16.51 -77.22
C VAL D 300 -14.89 17.45 -76.27
N LEU D 301 -14.42 18.58 -76.74
CA LEU D 301 -13.55 19.38 -75.89
C LEU D 301 -14.02 20.78 -76.01
N SER D 302 -13.89 21.52 -74.91
CA SER D 302 -14.30 22.89 -74.90
C SER D 302 -13.30 23.73 -74.10
N VAL D 303 -13.69 24.95 -73.73
CA VAL D 303 -12.71 25.89 -73.27
C VAL D 303 -13.16 26.55 -71.96
N GLY D 304 -13.83 25.77 -71.12
CA GLY D 304 -14.14 26.20 -69.76
C GLY D 304 -13.00 26.91 -68.99
N ALA D 305 -13.30 28.06 -68.41
CA ALA D 305 -12.35 28.76 -67.54
C ALA D 305 -10.94 28.94 -68.10
N LEU D 306 -10.82 29.03 -69.41
CA LEU D 306 -9.57 29.48 -70.05
C LEU D 306 -9.38 30.96 -69.76
N ASP D 307 -10.45 31.55 -69.25
CA ASP D 307 -10.47 32.94 -68.80
C ASP D 307 -9.84 33.08 -67.45
N MSE D 308 -9.27 32.03 -66.86
CA MSE D 308 -8.65 32.23 -65.54
C MSE D 308 -7.43 31.40 -65.41
O MSE D 308 -7.25 30.43 -66.13
CB MSE D 308 -9.59 31.98 -64.35
CG MSE D 308 -10.36 30.68 -64.39
SE MSE D 308 -11.82 30.78 -63.08
CE MSE D 308 -13.06 31.92 -64.09
N VAL D 309 -6.57 31.85 -64.50
CA VAL D 309 -5.41 31.13 -64.02
C VAL D 309 -5.45 31.18 -62.49
N ASN D 310 -4.83 30.23 -61.80
CA ASN D 310 -5.09 30.04 -60.38
C ASN D 310 -3.82 30.26 -59.58
N PHE D 311 -3.96 30.88 -58.39
CA PHE D 311 -2.88 31.07 -57.40
C PHE D 311 -3.50 31.12 -56.00
N GLY D 312 -2.80 31.74 -55.07
CA GLY D 312 -3.46 32.39 -53.92
C GLY D 312 -2.78 32.11 -52.62
N PRO D 313 -3.05 32.95 -51.61
CA PRO D 313 -3.78 34.22 -51.69
C PRO D 313 -3.03 35.32 -52.48
N LYS D 314 -3.58 36.54 -52.49
CA LYS D 314 -3.04 37.69 -53.28
C LYS D 314 -1.58 37.92 -52.92
N THR D 315 -1.36 38.07 -51.62
CA THR D 315 -0.03 38.18 -51.02
C THR D 315 1.03 37.31 -51.72
N THR D 316 0.67 36.08 -52.05
CA THR D 316 1.62 35.06 -52.53
C THR D 316 1.58 34.82 -54.05
N ILE D 317 1.41 35.89 -54.83
CA ILE D 317 1.35 35.78 -56.29
C ILE D 317 2.74 36.04 -56.87
N PRO D 318 2.97 35.73 -58.15
CA PRO D 318 4.21 36.27 -58.73
C PRO D 318 4.11 37.79 -58.88
N PRO D 319 5.22 38.51 -58.63
CA PRO D 319 5.25 39.96 -58.87
C PRO D 319 4.94 40.38 -60.31
N GLU D 320 5.49 39.65 -61.30
CA GLU D 320 5.41 39.98 -62.74
C GLU D 320 4.05 40.42 -63.29
N PHE D 321 3.02 40.42 -62.44
CA PHE D 321 1.73 41.04 -62.73
C PHE D 321 1.08 41.44 -61.42
N GLN D 322 1.62 42.45 -60.74
CA GLN D 322 1.05 42.91 -59.46
C GLN D 322 -0.23 43.74 -59.65
N GLN D 323 -0.56 44.07 -60.90
CA GLN D 323 -1.91 44.45 -61.26
C GLN D 323 -2.52 43.26 -62.00
N ARG D 324 -3.10 43.48 -63.18
CA ARG D 324 -3.88 42.44 -63.89
C ARG D 324 -5.16 42.20 -63.09
N LYS D 325 -6.25 41.83 -63.76
CA LYS D 325 -7.55 41.72 -63.09
C LYS D 325 -7.61 40.47 -62.20
N ILE D 326 -7.93 40.66 -60.92
CA ILE D 326 -7.98 39.56 -59.93
C ILE D 326 -9.28 39.55 -59.12
N HIS D 327 -10.07 38.49 -59.30
CA HIS D 327 -11.25 38.23 -58.51
C HIS D 327 -10.78 37.43 -57.34
N GLU D 328 -10.98 37.95 -56.14
CA GLU D 328 -10.67 37.20 -54.93
C GLU D 328 -11.81 36.21 -54.79
N HIS D 329 -11.52 34.92 -54.91
CA HIS D 329 -12.54 33.91 -54.78
C HIS D 329 -12.74 33.62 -53.33
N ASN D 330 -11.64 33.37 -52.65
CA ASN D 330 -11.68 33.07 -51.24
C ASN D 330 -10.28 33.00 -50.68
N GLU D 331 -10.17 33.34 -49.41
CA GLU D 331 -9.04 32.98 -48.57
C GLU D 331 -7.79 32.57 -49.38
N GLN D 332 -7.67 31.29 -49.75
CA GLN D 332 -6.40 30.74 -50.30
C GLN D 332 -6.36 30.74 -51.82
N VAL D 333 -7.48 31.05 -52.49
CA VAL D 333 -7.54 31.02 -53.96
C VAL D 333 -7.86 32.40 -54.53
N SER D 334 -7.39 32.64 -55.76
CA SER D 334 -7.41 33.99 -56.33
C SER D 334 -7.11 33.98 -57.82
N LEU D 335 -8.12 34.29 -58.62
CA LEU D 335 -8.13 33.95 -60.04
C LEU D 335 -7.73 35.15 -60.90
N MSE D 336 -6.86 34.96 -61.87
CA MSE D 336 -6.41 36.07 -62.74
C MSE D 336 -6.98 35.98 -64.15
O MSE D 336 -6.83 34.95 -64.82
CB MSE D 336 -4.88 36.10 -62.79
CG MSE D 336 -4.30 37.28 -63.57
SE MSE D 336 -2.42 36.92 -64.05
CE MSE D 336 -1.75 36.91 -62.19
N ARG D 337 -7.61 37.05 -64.63
CA ARG D 337 -8.18 37.05 -65.99
C ARG D 337 -7.06 36.86 -67.02
N THR D 338 -7.31 36.05 -68.04
CA THR D 338 -6.30 35.75 -69.06
C THR D 338 -6.31 36.79 -70.22
N THR D 339 -5.11 37.16 -70.70
CA THR D 339 -4.95 38.17 -71.75
C THR D 339 -5.23 37.58 -73.13
N VAL D 340 -5.52 38.46 -74.07
CA VAL D 340 -5.82 38.02 -75.45
C VAL D 340 -4.65 37.24 -76.08
N GLY D 341 -3.43 37.60 -75.69
CA GLY D 341 -2.25 36.89 -76.18
C GLY D 341 -2.24 35.49 -75.60
N GLU D 342 -2.41 35.42 -74.29
CA GLU D 342 -2.41 34.15 -73.57
C GLU D 342 -3.46 33.19 -74.15
N ASN D 343 -4.65 33.70 -74.43
CA ASN D 343 -5.66 32.87 -75.08
C ASN D 343 -5.20 32.40 -76.47
N LYS D 344 -4.43 33.23 -77.18
CA LYS D 344 -3.95 32.86 -78.52
C LYS D 344 -2.85 31.82 -78.43
N LYS D 345 -2.22 31.67 -77.27
CA LYS D 345 -1.27 30.57 -77.02
C LYS D 345 -2.02 29.29 -76.62
N PHE D 346 -2.79 29.36 -75.51
CA PHE D 346 -3.71 28.29 -75.11
C PHE D 346 -4.24 27.59 -76.35
N ALA D 347 -4.68 28.41 -77.31
CA ALA D 347 -5.24 27.90 -78.55
C ALA D 347 -4.22 27.03 -79.21
N ALA D 348 -3.01 27.57 -79.36
CA ALA D 348 -1.87 26.83 -79.97
C ALA D 348 -1.60 25.47 -79.30
N PHE D 349 -1.60 25.46 -77.96
CA PHE D 349 -1.44 24.24 -77.20
C PHE D 349 -2.50 23.21 -77.54
N ILE D 350 -3.77 23.63 -77.54
CA ILE D 350 -4.87 22.69 -77.70
C ILE D 350 -4.91 22.29 -79.15
N ALA D 351 -4.63 23.28 -80.00
CA ALA D 351 -4.54 23.10 -81.47
C ALA D 351 -3.45 22.12 -81.82
N GLU D 352 -2.25 22.45 -81.39
CA GLU D 352 -1.10 21.57 -81.48
C GLU D 352 -1.50 20.13 -81.21
N LYS D 353 -2.05 19.90 -80.03
CA LYS D 353 -2.31 18.53 -79.58
C LYS D 353 -3.38 17.86 -80.41
N LEU D 354 -4.49 18.56 -80.64
CA LEU D 354 -5.64 17.95 -81.33
C LEU D 354 -5.25 17.43 -82.72
N ASN D 355 -4.51 18.28 -83.45
CA ASN D 355 -3.94 17.94 -84.78
C ASN D 355 -3.30 16.53 -84.92
N LYS D 356 -2.88 15.92 -83.80
CA LYS D 356 -2.30 14.58 -83.82
C LYS D 356 -3.34 13.48 -83.80
N ALA D 357 -4.59 13.80 -84.12
CA ALA D 357 -5.68 12.86 -83.86
C ALA D 357 -5.77 11.80 -84.93
N SER D 358 -5.96 10.57 -84.50
CA SER D 358 -6.24 9.47 -85.40
C SER D 358 -7.70 9.08 -85.33
N SER D 359 -8.42 9.63 -84.35
CA SER D 359 -9.83 9.28 -84.17
C SER D 359 -10.68 10.53 -84.19
N SER D 360 -11.99 10.29 -84.19
CA SER D 360 -13.01 11.37 -84.22
C SER D 360 -13.00 12.35 -82.99
N VAL D 361 -13.05 13.65 -83.28
CA VAL D 361 -12.92 14.68 -82.27
C VAL D 361 -13.75 15.91 -82.62
N CYS D 362 -14.64 16.33 -81.71
CA CYS D 362 -15.35 17.60 -81.93
C CYS D 362 -15.11 18.60 -80.85
N VAL D 363 -14.45 19.71 -81.18
CA VAL D 363 -14.53 20.90 -80.36
C VAL D 363 -15.92 21.56 -80.47
N CYS D 364 -16.28 22.29 -79.41
CA CYS D 364 -17.52 23.10 -79.30
C CYS D 364 -17.21 24.30 -78.50
N LEU D 365 -17.39 25.46 -79.12
CA LEU D 365 -16.94 26.70 -78.56
C LEU D 365 -18.15 27.58 -78.36
N PRO D 366 -18.23 28.23 -77.19
CA PRO D 366 -19.33 29.11 -76.88
C PRO D 366 -18.96 30.55 -77.20
N GLU D 367 -19.63 31.14 -78.18
CA GLU D 367 -19.41 32.53 -78.58
C GLU D 367 -19.48 33.56 -77.43
N LYS D 368 -20.47 33.40 -76.56
CA LYS D 368 -20.79 34.42 -75.56
C LYS D 368 -19.99 34.34 -74.26
N GLY D 369 -19.21 33.27 -74.08
CA GLY D 369 -18.34 33.20 -72.91
C GLY D 369 -18.03 31.81 -72.40
N VAL D 370 -16.99 31.74 -71.57
CA VAL D 370 -16.42 30.46 -71.17
C VAL D 370 -16.65 30.02 -69.69
N SER D 371 -17.42 30.80 -68.95
CA SER D 371 -17.42 30.69 -67.51
C SER D 371 -18.49 31.57 -66.83
N ALA D 372 -18.74 31.34 -65.54
CA ALA D 372 -19.60 32.21 -64.73
C ALA D 372 -19.12 33.69 -64.72
N LEU D 373 -17.79 33.87 -64.60
CA LEU D 373 -17.18 35.21 -64.57
C LEU D 373 -16.84 35.80 -65.96
N ASP D 374 -16.93 35.00 -67.02
CA ASP D 374 -16.84 35.53 -68.39
C ASP D 374 -18.27 35.59 -68.95
N ALA D 375 -19.12 36.35 -68.26
CA ALA D 375 -20.50 36.56 -68.67
C ALA D 375 -20.79 38.03 -68.77
N PRO D 376 -21.57 38.42 -69.81
CA PRO D 376 -22.21 39.71 -69.74
C PRO D 376 -22.61 40.00 -68.32
N GLY D 377 -22.06 41.09 -67.79
CA GLY D 377 -22.44 41.60 -66.48
C GLY D 377 -21.44 41.26 -65.41
N LYS D 378 -20.36 40.56 -65.78
CA LYS D 378 -19.55 39.86 -64.80
C LYS D 378 -18.06 40.17 -64.86
N ASP D 379 -17.47 40.28 -63.67
CA ASP D 379 -16.07 40.65 -63.46
C ASP D 379 -15.09 40.44 -64.64
N PHE D 380 -15.07 39.24 -65.21
CA PHE D 380 -14.03 38.87 -66.19
C PHE D 380 -14.49 38.92 -67.64
N TYR D 381 -15.65 39.54 -67.88
CA TYR D 381 -16.18 39.53 -69.22
C TYR D 381 -15.23 40.24 -70.20
N ASP D 382 -14.83 39.55 -71.26
CA ASP D 382 -13.93 40.13 -72.26
C ASP D 382 -14.10 39.34 -73.54
N PRO D 383 -14.94 39.84 -74.45
CA PRO D 383 -15.22 39.09 -75.67
C PRO D 383 -14.16 39.25 -76.78
N GLU D 384 -13.10 40.00 -76.51
CA GLU D 384 -11.96 40.05 -77.43
C GLU D 384 -11.15 38.76 -77.20
N ALA D 385 -10.74 38.57 -75.94
CA ALA D 385 -10.07 37.35 -75.49
C ALA D 385 -10.69 36.10 -76.07
N THR D 386 -12.00 36.01 -75.90
CA THR D 386 -12.69 34.79 -76.23
C THR D 386 -12.89 34.61 -77.75
N SER D 387 -12.93 35.68 -78.55
CA SER D 387 -12.95 35.50 -80.03
C SER D 387 -11.56 35.15 -80.64
N CYS D 388 -10.47 35.63 -80.03
CA CYS D 388 -9.13 35.26 -80.48
C CYS D 388 -9.03 33.76 -80.36
N LEU D 389 -9.31 33.31 -79.15
CA LEU D 389 -9.53 31.90 -78.79
C LEU D 389 -10.30 31.14 -79.87
N THR D 390 -11.50 31.61 -80.16
CA THR D 390 -12.44 30.94 -81.07
C THR D 390 -11.91 30.86 -82.50
N ARG D 391 -11.44 32.01 -83.00
CA ARG D 391 -10.86 32.08 -84.34
C ARG D 391 -9.65 31.19 -84.36
N GLU D 392 -8.75 31.47 -83.43
CA GLU D 392 -7.43 30.89 -83.44
C GLU D 392 -7.55 29.39 -83.48
N LEU D 393 -8.66 28.87 -82.99
CA LEU D 393 -8.88 27.42 -82.99
C LEU D 393 -9.29 26.87 -84.34
N GLN D 394 -10.32 27.47 -84.93
CA GLN D 394 -10.84 27.00 -86.22
C GLN D 394 -9.77 27.21 -87.29
N MSE D 395 -9.07 28.35 -87.17
CA MSE D 395 -7.82 28.55 -87.89
C MSE D 395 -7.03 27.27 -87.87
O MSE D 395 -6.79 26.66 -88.92
CB MSE D 395 -7.06 29.68 -87.18
CG MSE D 395 -5.82 30.16 -87.94
SE MSE D 395 -6.15 31.99 -88.60
CE MSE D 395 -5.78 32.98 -86.93
N LEU D 396 -6.65 26.82 -86.68
CA LEU D 396 -5.65 25.78 -86.53
C LEU D 396 -6.09 24.36 -86.83
N LEU D 397 -7.38 24.09 -86.76
CA LEU D 397 -7.91 22.75 -87.06
C LEU D 397 -8.57 22.75 -88.42
N GLU D 398 -8.54 23.93 -89.07
CA GLU D 398 -9.29 24.22 -90.30
C GLU D 398 -9.19 23.03 -91.21
N ASN D 399 -7.95 22.60 -91.43
CA ASN D 399 -7.72 21.49 -92.33
C ASN D 399 -7.69 20.14 -91.65
N ASN D 400 -8.16 20.08 -90.42
CA ASN D 400 -8.16 18.83 -89.76
C ASN D 400 -9.42 18.07 -90.13
N GLU D 401 -9.25 17.07 -90.98
CA GLU D 401 -10.34 16.18 -91.38
C GLU D 401 -10.85 15.38 -90.16
N ARG D 402 -10.07 15.40 -89.07
CA ARG D 402 -10.36 14.59 -87.88
C ARG D 402 -11.19 15.35 -86.82
N CYS D 403 -11.17 16.68 -86.90
CA CYS D 403 -11.61 17.52 -85.84
C CYS D 403 -12.52 18.63 -86.34
N GLN D 404 -13.82 18.45 -86.08
CA GLN D 404 -14.82 19.48 -86.24
C GLN D 404 -14.73 20.64 -85.26
N VAL D 405 -15.05 21.84 -85.68
CA VAL D 405 -15.28 22.88 -84.70
C VAL D 405 -16.65 23.41 -84.96
N LYS D 406 -17.47 23.44 -83.90
CA LYS D 406 -18.69 24.24 -83.90
C LYS D 406 -18.40 25.51 -83.13
N VAL D 407 -19.03 26.58 -83.56
CA VAL D 407 -18.99 27.79 -82.80
C VAL D 407 -20.43 28.15 -82.51
N LEU D 408 -20.86 27.94 -81.27
CA LEU D 408 -22.27 28.11 -80.94
C LEU D 408 -22.53 29.50 -80.33
N PRO D 409 -23.70 30.08 -80.64
CA PRO D 409 -24.01 31.41 -80.15
C PRO D 409 -24.64 31.31 -78.76
N TYR D 410 -23.85 30.82 -77.80
CA TYR D 410 -24.28 30.73 -76.43
C TYR D 410 -23.17 31.11 -75.52
N HIS D 411 -23.48 31.06 -74.24
CA HIS D 411 -22.51 31.10 -73.18
C HIS D 411 -22.38 29.67 -72.70
N ILE D 412 -21.22 29.34 -72.15
CA ILE D 412 -20.90 27.99 -71.74
C ILE D 412 -21.93 27.43 -70.76
N ASN D 413 -22.49 28.31 -69.93
CA ASN D 413 -23.50 27.86 -68.98
C ASN D 413 -24.98 27.78 -69.40
N ASP D 414 -25.28 28.06 -70.66
CA ASP D 414 -26.64 28.03 -71.12
C ASP D 414 -27.16 26.64 -71.45
N ALA D 415 -28.37 26.34 -71.01
CA ALA D 415 -28.97 25.03 -71.25
C ALA D 415 -28.69 24.56 -72.66
N GLU D 416 -28.81 25.45 -73.64
CA GLU D 416 -28.64 25.05 -75.07
C GLU D 416 -27.18 24.73 -75.44
N PHE D 417 -26.22 25.28 -74.72
CA PHE D 417 -24.84 24.78 -74.86
C PHE D 417 -24.56 23.36 -74.34
N ALA D 418 -25.19 22.94 -73.24
CA ALA D 418 -25.00 21.57 -72.78
C ALA D 418 -25.65 20.60 -73.76
N ASN D 419 -26.76 21.00 -74.35
CA ASN D 419 -27.41 20.10 -75.29
C ASN D 419 -26.52 19.95 -76.52
N ALA D 420 -25.81 21.01 -76.85
CA ALA D 420 -24.84 20.97 -77.90
C ALA D 420 -23.72 19.91 -77.57
N LEU D 421 -22.90 20.21 -76.57
CA LEU D 421 -21.89 19.29 -76.09
C LEU D 421 -22.31 17.81 -76.15
N VAL D 422 -23.43 17.47 -75.52
CA VAL D 422 -23.86 16.08 -75.48
C VAL D 422 -24.26 15.57 -76.88
N ASP D 423 -24.82 16.45 -77.72
CA ASP D 423 -25.31 16.04 -79.05
C ASP D 423 -24.09 15.65 -79.85
N SER D 424 -23.10 16.55 -79.86
CA SER D 424 -21.84 16.32 -80.48
C SER D 424 -21.34 14.96 -80.06
N PHE D 425 -21.49 14.69 -78.76
CA PHE D 425 -20.81 13.52 -78.20
C PHE D 425 -21.52 12.25 -78.59
N LEU D 426 -22.84 12.34 -78.74
CA LEU D 426 -23.65 11.18 -79.15
C LEU D 426 -23.47 10.82 -80.58
N GLU D 427 -23.26 11.80 -81.43
CA GLU D 427 -23.01 11.55 -82.86
C GLU D 427 -21.73 10.72 -83.05
N ILE D 428 -20.68 11.24 -82.43
CA ILE D 428 -19.31 10.84 -82.59
C ILE D 428 -18.95 9.59 -81.83
N SER D 429 -19.83 9.11 -80.97
CA SER D 429 -19.60 7.81 -80.34
C SER D 429 -20.26 6.82 -81.28
N PRO D 430 -20.29 5.53 -80.89
CA PRO D 430 -21.10 4.56 -81.63
C PRO D 430 -22.63 4.79 -81.53
N ASN E 7 42.63 16.07 9.79
CA ASN E 7 43.30 14.86 9.24
C ASN E 7 42.32 13.72 8.88
N SER E 8 42.70 12.96 7.84
CA SER E 8 41.89 11.85 7.34
C SER E 8 41.63 10.82 8.44
N PRO E 9 40.40 10.28 8.51
CA PRO E 9 40.00 9.36 9.58
C PRO E 9 40.57 7.94 9.43
N ARG E 10 40.48 7.14 10.50
CA ARG E 10 41.16 5.83 10.59
C ARG E 10 40.44 4.78 11.45
N VAL E 11 40.38 3.54 11.00
CA VAL E 11 39.88 2.43 11.82
C VAL E 11 40.98 1.41 12.09
N PHE E 12 40.91 0.72 13.23
CA PHE E 12 41.88 -0.32 13.57
C PHE E 12 41.28 -1.73 13.52
N CYS E 13 42.00 -2.68 12.90
CA CYS E 13 41.63 -4.12 12.92
C CYS E 13 42.65 -4.86 13.75
N ILE E 14 42.18 -5.41 14.87
CA ILE E 14 43.07 -5.78 15.94
C ILE E 14 42.95 -7.24 16.26
N GLY E 15 44.08 -7.87 16.52
CA GLY E 15 44.15 -9.32 16.68
C GLY E 15 45.54 -9.82 17.04
N THR E 16 45.63 -11.11 17.26
CA THR E 16 46.94 -11.69 17.48
C THR E 16 47.45 -12.20 16.14
N ALA E 17 48.38 -11.45 15.53
CA ALA E 17 48.91 -11.79 14.17
C ALA E 17 49.60 -13.13 14.20
N ASP E 18 50.30 -13.42 15.30
CA ASP E 18 51.11 -14.65 15.43
C ASP E 18 50.37 -15.86 15.00
N THR E 19 49.08 -15.90 15.30
CA THR E 19 48.31 -17.13 15.22
C THR E 19 47.02 -16.98 14.41
N LYS E 20 46.51 -15.76 14.32
CA LYS E 20 45.32 -15.45 13.54
C LYS E 20 45.63 -14.48 12.37
N PHE E 21 46.68 -14.72 11.59
CA PHE E 21 47.10 -13.79 10.50
C PHE E 21 46.16 -13.89 9.31
N ASP E 22 45.98 -15.07 8.78
CA ASP E 22 45.04 -15.21 7.67
C ASP E 22 43.65 -14.62 7.88
N GLU E 23 43.12 -14.78 9.09
CA GLU E 23 41.81 -14.24 9.45
C GLU E 23 41.92 -12.72 9.60
N LEU E 24 42.96 -12.21 10.23
CA LEU E 24 43.08 -10.79 10.52
C LEU E 24 43.26 -9.98 9.23
N ARG E 25 43.97 -10.60 8.31
CA ARG E 25 44.22 -10.02 6.97
C ARG E 25 42.95 -10.04 6.15
N PHE E 26 42.33 -11.20 6.03
CA PHE E 26 41.08 -11.36 5.33
C PHE E 26 40.06 -10.34 5.80
N LEU E 27 39.84 -10.25 7.11
CA LEU E 27 39.00 -9.24 7.66
C LEU E 27 39.45 -7.83 7.25
N SER E 28 40.66 -7.40 7.55
CA SER E 28 40.98 -6.02 7.25
C SER E 28 40.63 -5.72 5.75
N GLU E 29 41.11 -6.59 4.88
CA GLU E 29 40.75 -6.62 3.48
C GLU E 29 39.29 -6.33 3.23
N HIS E 30 38.44 -7.18 3.78
CA HIS E 30 37.00 -7.04 3.61
C HIS E 30 36.36 -5.87 4.26
N VAL E 31 37.07 -5.19 5.14
CA VAL E 31 36.56 -4.02 5.79
C VAL E 31 36.89 -2.88 4.89
N ARG E 32 38.14 -2.73 4.50
CA ARG E 32 38.54 -1.61 3.62
C ARG E 32 37.79 -1.65 2.30
N SER E 33 37.75 -2.82 1.72
CA SER E 33 36.95 -3.02 0.59
C SER E 33 35.53 -2.41 0.82
N SER E 34 34.86 -2.84 1.91
CA SER E 34 33.50 -2.34 2.26
C SER E 34 33.48 -0.82 2.61
N LEU E 35 34.39 -0.36 3.48
CA LEU E 35 34.47 1.04 3.71
C LEU E 35 34.28 1.76 2.36
N ASN E 36 35.03 1.29 1.36
CA ASN E 36 35.26 2.05 0.14
C ASN E 36 34.01 2.09 -0.69
N SER E 37 33.47 0.91 -0.87
CA SER E 37 32.26 0.70 -1.57
C SER E 37 31.02 1.43 -0.99
N PHE E 38 30.98 1.66 0.33
CA PHE E 38 29.81 2.23 1.03
C PHE E 38 29.98 3.74 1.26
N SER E 39 31.20 4.24 1.15
CA SER E 39 31.43 5.68 1.25
C SER E 39 30.97 6.23 -0.07
N ASN E 40 30.81 7.55 -0.14
CA ASN E 40 30.14 8.19 -1.26
C ASN E 40 30.24 9.69 -1.13
N LYS E 41 31.28 10.32 -1.67
CA LYS E 41 32.50 9.69 -2.20
C LYS E 41 33.66 10.62 -1.82
N SER E 42 33.62 11.11 -0.57
CA SER E 42 34.47 12.21 -0.11
C SER E 42 35.94 11.79 0.01
N SER E 43 36.83 12.48 -0.72
CA SER E 43 38.29 12.19 -0.78
C SER E 43 39.03 12.25 0.59
N PHE E 44 38.26 12.06 1.67
CA PHE E 44 38.77 11.64 2.97
C PHE E 44 38.37 10.16 3.09
N LYS E 45 39.05 9.30 2.34
CA LYS E 45 38.86 7.83 2.39
C LYS E 45 39.33 7.31 3.75
N VAL E 46 38.73 6.23 4.23
CA VAL E 46 39.07 5.79 5.58
C VAL E 46 40.27 4.84 5.60
N GLY E 47 41.30 5.29 6.32
CA GLY E 47 42.43 4.45 6.63
C GLY E 47 42.04 3.28 7.51
N VAL E 48 42.44 2.09 7.07
CA VAL E 48 42.46 0.87 7.88
C VAL E 48 43.89 0.60 8.36
N THR E 49 44.11 0.54 9.67
CA THR E 49 45.39 0.08 10.24
C THR E 49 45.27 -1.32 10.85
N VAL E 50 46.25 -2.19 10.61
CA VAL E 50 46.22 -3.48 11.30
C VAL E 50 47.20 -3.56 12.52
N VAL E 51 46.63 -3.88 13.71
CA VAL E 51 47.39 -3.88 15.00
C VAL E 51 47.48 -5.25 15.72
N ASP E 52 48.73 -5.65 15.95
CA ASP E 52 49.00 -6.95 16.53
C ASP E 52 49.04 -6.80 18.04
N VAL E 53 48.34 -7.70 18.71
CA VAL E 53 48.37 -7.68 20.15
C VAL E 53 48.63 -9.09 20.55
N SER E 54 49.67 -9.66 19.95
CA SER E 54 50.03 -11.03 20.20
C SER E 54 51.05 -11.04 21.33
N THR E 55 51.01 -12.06 22.19
CA THR E 55 51.80 -12.01 23.45
C THR E 55 52.99 -12.97 23.45
N SER E 56 52.93 -13.96 22.55
CA SER E 56 54.11 -14.71 22.15
C SER E 56 55.21 -13.76 21.75
N TRP E 57 56.39 -14.33 21.63
CA TRP E 57 57.56 -13.63 21.12
C TRP E 57 57.63 -13.66 19.59
N LYS E 58 56.67 -14.32 18.92
CA LYS E 58 56.67 -14.37 17.46
C LYS E 58 56.48 -12.98 16.90
N GLU E 59 57.20 -12.64 15.85
CA GLU E 59 57.20 -11.24 15.38
C GLU E 59 56.62 -11.15 13.97
N THR E 60 55.59 -10.32 13.81
CA THR E 60 54.96 -10.08 12.52
C THR E 60 55.11 -8.58 12.26
N ASN E 61 55.68 -8.22 11.10
CA ASN E 61 56.04 -6.81 10.82
C ASN E 61 55.26 -6.16 9.70
N SER E 62 54.41 -6.93 9.05
CA SER E 62 53.60 -6.41 7.99
C SER E 62 52.40 -7.29 7.73
N CYS E 63 51.40 -6.71 7.10
CA CYS E 63 50.25 -7.48 6.63
C CYS E 63 49.81 -6.83 5.31
N ALA E 64 49.74 -7.67 4.27
CA ALA E 64 49.50 -7.26 2.89
C ALA E 64 50.12 -5.88 2.69
N ASP E 65 49.28 -4.88 2.39
CA ASP E 65 49.77 -3.53 2.06
C ASP E 65 49.37 -2.53 3.14
N PHE E 66 48.81 -3.01 4.24
CA PHE E 66 48.20 -2.12 5.23
C PHE E 66 49.22 -1.43 6.08
N ASP E 67 48.92 -0.22 6.49
CA ASP E 67 49.64 0.37 7.60
C ASP E 67 49.48 -0.65 8.72
N PHE E 68 50.56 -0.89 9.46
CA PHE E 68 50.62 -2.03 10.39
C PHE E 68 51.37 -1.64 11.68
N VAL E 69 50.86 -2.04 12.83
CA VAL E 69 51.60 -1.77 14.07
C VAL E 69 51.72 -3.04 14.92
N PRO E 70 52.96 -3.43 15.26
CA PRO E 70 53.26 -4.69 16.00
C PRO E 70 53.15 -4.61 17.55
N SER E 71 53.19 -5.79 18.20
CA SER E 71 53.35 -5.87 19.67
C SER E 71 54.30 -4.82 20.26
N LYS E 72 55.60 -4.94 20.09
CA LYS E 72 56.52 -3.90 20.63
C LYS E 72 55.83 -2.53 20.62
N ASP E 73 55.20 -2.18 19.50
CA ASP E 73 54.64 -0.87 19.32
C ASP E 73 53.48 -0.61 20.29
N VAL E 74 52.57 -1.55 20.44
CA VAL E 74 51.50 -1.36 21.40
C VAL E 74 52.09 -1.30 22.81
N LEU E 75 52.99 -2.22 23.14
CA LEU E 75 53.58 -2.31 24.51
C LEU E 75 54.38 -1.09 24.88
N SER E 76 55.06 -0.50 23.90
CA SER E 76 55.76 0.79 24.07
C SER E 76 54.99 1.87 24.83
N CYS E 77 53.67 1.97 24.64
CA CYS E 77 52.97 3.16 25.15
C CYS E 77 52.29 3.00 26.51
N HIS E 78 52.13 1.78 26.99
CA HIS E 78 51.99 1.60 28.45
C HIS E 78 53.38 1.61 29.06
N THR E 79 53.46 2.07 30.31
CA THR E 79 54.72 2.06 31.09
C THR E 79 54.45 2.28 32.59
N PHE E 88 50.20 -10.28 40.32
CA PHE E 88 50.68 -11.63 39.98
C PHE E 88 49.51 -12.60 39.66
N ALA E 89 49.85 -13.80 39.14
CA ALA E 89 48.87 -14.87 38.84
C ALA E 89 49.54 -16.06 38.15
N ASP E 90 48.87 -16.62 37.14
CA ASP E 90 49.55 -17.38 36.11
C ASP E 90 49.95 -16.40 35.00
N ILE E 91 51.18 -16.54 34.52
CA ILE E 91 51.86 -15.52 33.70
C ILE E 91 51.13 -15.14 32.40
N ARG E 92 50.53 -16.15 31.76
CA ARG E 92 49.65 -15.93 30.62
C ARG E 92 48.70 -14.77 30.97
N GLY E 93 47.90 -14.96 32.01
CA GLY E 93 46.94 -13.95 32.42
C GLY E 93 47.59 -12.59 32.64
N LEU E 94 48.66 -12.56 33.38
CA LEU E 94 49.28 -11.30 33.64
C LEU E 94 49.67 -10.68 32.32
N ALA E 95 50.11 -11.53 31.37
CA ALA E 95 50.49 -11.08 30.04
C ALA E 95 49.29 -10.49 29.27
N ILE E 96 48.15 -11.16 29.30
CA ILE E 96 46.93 -10.57 28.74
C ILE E 96 46.52 -9.23 29.41
N ALA E 97 46.56 -9.20 30.74
CA ALA E 97 46.22 -8.03 31.48
C ALA E 97 46.95 -6.80 31.01
N ILE E 98 48.25 -6.95 30.75
CA ILE E 98 49.10 -5.82 30.36
C ILE E 98 48.92 -5.41 28.91
N MSE E 99 48.89 -6.42 28.03
CA MSE E 99 48.72 -6.21 26.60
C MSE E 99 47.52 -5.35 26.53
O MSE E 99 47.55 -4.27 25.93
CB MSE E 99 48.57 -7.54 25.82
CG MSE E 99 48.52 -7.46 24.29
SE MSE E 99 49.43 -5.89 23.51
CE MSE E 99 50.91 -6.82 22.59
N SER E 100 46.47 -5.80 27.22
CA SER E 100 45.17 -5.13 27.23
C SER E 100 45.21 -3.68 27.75
N LYS E 101 46.00 -3.42 28.78
CA LYS E 101 46.12 -2.05 29.29
C LYS E 101 46.85 -1.19 28.28
N ALA E 102 47.81 -1.79 27.56
CA ALA E 102 48.55 -1.03 26.56
C ALA E 102 47.67 -0.73 25.34
N LEU E 103 46.83 -1.69 24.96
CA LEU E 103 45.94 -1.45 23.85
C LEU E 103 45.14 -0.19 24.16
N GLU E 104 44.52 -0.20 25.35
CA GLU E 104 43.70 0.89 25.83
C GLU E 104 44.40 2.25 25.76
N THR E 105 45.65 2.31 26.18
CA THR E 105 46.39 3.56 26.13
C THR E 105 46.78 3.91 24.68
N PHE E 106 46.86 2.88 23.86
CA PHE E 106 47.23 3.04 22.46
C PHE E 106 46.07 3.60 21.70
N LEU E 107 44.86 3.17 22.06
CA LEU E 107 43.63 3.69 21.42
C LEU E 107 43.38 5.12 21.88
N SER E 108 43.33 5.35 23.18
CA SER E 108 43.23 6.74 23.65
C SER E 108 44.17 7.65 22.85
N ILE E 109 45.44 7.29 22.67
CA ILE E 109 46.33 8.16 21.88
C ILE E 109 45.82 8.37 20.45
N ALA E 110 45.28 7.30 19.84
CA ALA E 110 44.57 7.38 18.55
C ALA E 110 43.45 8.41 18.66
N ASN E 111 42.63 8.25 19.71
CA ASN E 111 41.46 9.08 19.92
C ASN E 111 41.82 10.56 20.15
N ASP E 112 43.01 10.83 20.68
CA ASP E 112 43.41 12.20 20.92
C ASP E 112 43.90 12.90 19.67
N GLU E 113 44.46 12.18 18.71
CA GLU E 113 44.61 12.75 17.36
C GLU E 113 43.24 12.98 16.70
N GLN E 114 42.17 12.50 17.35
CA GLN E 114 40.76 12.77 16.99
C GLN E 114 40.41 12.36 15.56
N ASN E 115 40.83 11.14 15.22
CA ASN E 115 40.57 10.54 13.91
C ASN E 115 40.19 9.07 14.02
N LEU E 116 39.91 8.60 15.24
CA LEU E 116 39.47 7.25 15.43
C LEU E 116 38.04 7.12 14.95
N ALA E 117 37.92 6.80 13.69
CA ALA E 117 36.64 6.37 13.17
C ALA E 117 36.05 5.18 13.85
N GLY E 118 36.88 4.28 14.38
CA GLY E 118 36.36 2.93 14.76
C GLY E 118 37.40 1.87 15.02
N VAL E 119 37.04 0.84 15.79
CA VAL E 119 37.92 -0.29 16.07
C VAL E 119 37.12 -1.56 15.89
N ILE E 120 37.79 -2.62 15.42
CA ILE E 120 37.19 -3.96 15.30
C ILE E 120 38.29 -4.93 15.69
N GLY E 121 37.96 -6.15 16.08
CA GLY E 121 39.03 -7.08 16.52
C GLY E 121 38.55 -8.49 16.54
N LEU E 122 39.46 -9.45 16.69
CA LEU E 122 38.97 -10.84 16.84
C LEU E 122 39.68 -11.57 17.93
N GLY E 123 38.95 -12.54 18.48
CA GLY E 123 39.42 -13.25 19.64
C GLY E 123 38.56 -14.42 20.02
N GLY E 124 39.23 -15.48 20.46
CA GLY E 124 38.64 -16.35 21.45
C GLY E 124 38.75 -15.66 22.80
N SER E 125 38.66 -16.49 23.84
CA SER E 125 38.47 -16.04 25.24
C SER E 125 39.52 -15.07 25.73
N GLY E 126 40.77 -15.48 25.67
CA GLY E 126 41.82 -14.59 26.10
C GLY E 126 41.66 -13.30 25.33
N GLY E 127 41.47 -13.47 24.01
CA GLY E 127 41.42 -12.36 23.07
C GLY E 127 40.22 -11.49 23.28
N THR E 128 39.05 -12.14 23.27
CA THR E 128 37.78 -11.40 23.51
C THR E 128 37.91 -10.61 24.79
N SER E 129 38.47 -11.23 25.81
CA SER E 129 38.68 -10.55 27.08
C SER E 129 39.65 -9.39 26.96
N LEU E 130 40.77 -9.59 26.29
CA LEU E 130 41.78 -8.52 26.09
C LEU E 130 41.25 -7.35 25.24
N LEU E 131 40.69 -7.67 24.07
CA LEU E 131 40.05 -6.68 23.21
C LEU E 131 38.94 -5.86 23.93
N SER E 132 38.06 -6.59 24.62
CA SER E 132 36.94 -6.00 25.37
C SER E 132 37.35 -4.89 26.35
N SER E 133 38.20 -5.24 27.32
CA SER E 133 38.66 -4.23 28.27
C SER E 133 39.05 -2.93 27.61
N ALA E 134 39.80 -2.97 26.51
CA ALA E 134 40.29 -1.72 25.88
C ALA E 134 39.21 -1.06 25.02
N PHE E 135 38.42 -1.88 24.34
CA PHE E 135 37.32 -1.36 23.54
C PHE E 135 36.31 -0.50 24.31
N ARG E 136 35.85 -0.98 25.46
CA ARG E 136 34.82 -0.27 26.24
C ARG E 136 35.30 0.98 27.01
N SER E 137 36.59 1.32 26.96
CA SER E 137 37.04 2.62 27.46
C SER E 137 37.01 3.63 26.33
N LEU E 138 36.28 3.28 25.27
CA LEU E 138 36.07 4.22 24.19
C LEU E 138 34.65 4.77 24.29
N PRO E 139 34.48 6.08 24.12
CA PRO E 139 33.22 6.79 24.13
C PRO E 139 32.14 6.03 23.43
N ILE E 140 30.96 5.95 24.03
CA ILE E 140 29.83 5.33 23.37
C ILE E 140 29.57 5.98 22.01
N GLY E 141 29.19 5.18 21.03
CA GLY E 141 28.94 5.68 19.69
C GLY E 141 30.06 5.50 18.69
N ILE E 142 31.31 5.63 19.14
CA ILE E 142 32.45 5.15 18.35
C ILE E 142 32.30 3.65 18.21
N PRO E 143 32.34 3.13 16.98
CA PRO E 143 31.98 1.72 16.75
C PRO E 143 33.02 0.65 17.22
N LYS E 144 32.52 -0.46 17.77
CA LYS E 144 33.32 -1.46 18.48
C LYS E 144 32.76 -2.82 18.17
N VAL E 145 33.52 -3.63 17.43
CA VAL E 145 33.03 -4.95 17.13
C VAL E 145 34.09 -5.94 17.53
N ILE E 146 33.68 -7.18 17.79
CA ILE E 146 34.59 -8.25 18.13
C ILE E 146 34.00 -9.57 17.61
N ILE E 147 34.73 -10.27 16.76
CA ILE E 147 34.20 -11.60 16.38
C ILE E 147 34.77 -12.49 17.48
N SER E 148 33.93 -13.28 18.13
CA SER E 148 34.31 -13.94 19.37
C SER E 148 33.74 -15.32 19.42
N THR E 149 34.58 -16.26 19.81
CA THR E 149 34.22 -17.66 19.97
C THR E 149 33.40 -17.87 21.24
N VAL E 150 33.42 -16.86 22.11
CA VAL E 150 32.62 -16.84 23.31
C VAL E 150 31.56 -15.75 23.19
N ALA E 151 30.87 -15.69 22.06
CA ALA E 151 29.77 -14.73 21.95
C ALA E 151 28.55 -15.27 22.71
N SER E 152 28.33 -16.59 22.57
CA SER E 152 27.12 -17.27 22.99
C SER E 152 27.39 -17.88 24.33
N GLY E 153 27.60 -17.02 25.32
CA GLY E 153 27.73 -17.46 26.69
C GLY E 153 27.40 -16.36 27.67
N GLN E 154 28.42 -15.90 28.39
CA GLN E 154 28.24 -14.94 29.44
C GLN E 154 29.08 -13.75 29.10
N THR E 155 28.45 -12.59 28.98
CA THR E 155 29.09 -11.50 28.32
C THR E 155 29.18 -10.22 29.11
N GLU E 156 28.65 -10.18 30.34
CA GLU E 156 28.74 -8.96 31.18
C GLU E 156 30.18 -8.52 31.37
N SER E 157 31.07 -9.51 31.54
CA SER E 157 32.52 -9.28 31.71
C SER E 157 33.14 -8.52 30.56
N TYR E 158 32.70 -8.87 29.35
CA TYR E 158 33.21 -8.27 28.13
C TYR E 158 32.50 -6.95 27.84
N ILE E 159 31.18 -7.00 27.74
CA ILE E 159 30.42 -5.78 27.34
C ILE E 159 30.28 -4.80 28.47
N GLY E 160 29.56 -5.25 29.51
CA GLY E 160 29.20 -4.40 30.64
C GLY E 160 28.09 -3.43 30.28
N THR E 161 28.37 -2.14 30.45
CA THR E 161 27.41 -1.07 30.22
C THR E 161 27.76 -0.25 28.98
N SER E 162 28.48 -0.86 28.03
CA SER E 162 28.95 -0.18 26.82
C SER E 162 28.20 -0.65 25.57
N ASP E 163 28.53 0.00 24.44
CA ASP E 163 28.01 -0.37 23.10
C ASP E 163 28.73 -1.51 22.37
N LEU E 164 29.74 -2.13 22.99
CA LEU E 164 30.47 -3.24 22.36
C LEU E 164 29.54 -4.29 21.79
N VAL E 165 29.77 -4.74 20.55
CA VAL E 165 29.01 -5.85 19.96
C VAL E 165 29.94 -7.04 19.84
N LEU E 166 29.35 -8.23 19.95
CA LEU E 166 30.04 -9.46 19.86
C LEU E 166 29.30 -10.25 18.83
N PHE E 167 29.93 -10.44 17.68
CA PHE E 167 29.44 -11.31 16.66
C PHE E 167 29.99 -12.69 16.97
N PRO E 168 29.11 -13.66 16.93
CA PRO E 168 29.40 -15.07 16.95
C PRO E 168 30.25 -15.60 15.82
N SER E 169 31.45 -16.08 16.17
CA SER E 169 32.33 -16.80 15.22
C SER E 169 31.70 -18.05 14.62
N VAL E 170 30.76 -18.64 15.33
CA VAL E 170 30.04 -19.83 14.87
C VAL E 170 30.91 -21.08 14.91
N VAL E 171 32.01 -21.10 14.13
CA VAL E 171 33.10 -22.06 14.33
C VAL E 171 34.25 -21.40 15.07
N ASP E 172 35.21 -22.20 15.48
CA ASP E 172 36.42 -21.67 16.10
C ASP E 172 37.28 -20.97 15.06
N ILE E 173 38.04 -19.97 15.53
CA ILE E 173 38.91 -19.17 14.69
C ILE E 173 40.09 -20.04 14.27
N CYS E 174 39.90 -20.79 13.19
CA CYS E 174 40.98 -21.59 12.59
C CYS E 174 40.95 -21.45 11.04
N GLY E 175 41.77 -20.53 10.54
CA GLY E 175 41.94 -20.30 9.11
C GLY E 175 40.72 -19.72 8.40
N ILE E 176 40.90 -19.33 7.14
CA ILE E 176 39.79 -19.08 6.25
C ILE E 176 39.11 -20.43 6.00
N ASN E 177 37.79 -20.47 5.91
CA ASN E 177 37.03 -21.61 5.40
C ASN E 177 35.66 -21.11 4.95
N ASN E 178 34.83 -21.99 4.39
CA ASN E 178 33.44 -21.65 4.14
C ASN E 178 32.84 -20.75 5.20
N VAL E 179 32.86 -21.24 6.43
CA VAL E 179 32.12 -20.63 7.49
C VAL E 179 32.75 -19.35 7.96
N SER E 180 34.07 -19.32 8.13
CA SER E 180 34.68 -18.09 8.64
C SER E 180 34.67 -16.95 7.60
N LYS E 181 34.65 -17.32 6.32
CA LYS E 181 34.56 -16.36 5.23
C LYS E 181 33.26 -15.53 5.35
N VAL E 182 32.14 -16.20 5.26
CA VAL E 182 30.88 -15.53 5.42
C VAL E 182 30.74 -14.78 6.79
N VAL E 183 30.96 -15.44 7.91
CA VAL E 183 30.87 -14.76 9.21
C VAL E 183 31.74 -13.49 9.36
N LEU E 184 33.00 -13.54 8.91
CA LEU E 184 33.90 -12.34 8.95
C LEU E 184 33.55 -11.32 7.85
N SER E 185 33.01 -11.81 6.75
CA SER E 185 32.48 -10.95 5.73
C SER E 185 31.34 -10.07 6.32
N ASN E 186 30.31 -10.73 6.86
CA ASN E 186 29.21 -10.01 7.49
C ASN E 186 29.78 -9.08 8.52
N ALA E 187 30.74 -9.57 9.29
CA ALA E 187 31.20 -8.80 10.43
C ALA E 187 32.00 -7.57 10.00
N GLY E 188 32.79 -7.72 8.91
CA GLY E 188 33.53 -6.60 8.29
C GLY E 188 32.63 -5.54 7.59
N ALA E 189 31.57 -6.02 6.95
CA ALA E 189 30.50 -5.18 6.41
C ALA E 189 29.81 -4.33 7.52
N ALA E 190 29.19 -5.02 8.49
CA ALA E 190 28.64 -4.37 9.71
C ALA E 190 29.47 -3.22 10.17
N PHE E 191 30.71 -3.49 10.44
CA PHE E 191 31.59 -2.49 10.97
C PHE E 191 31.84 -1.33 9.97
N ALA E 192 31.87 -1.55 8.65
CA ALA E 192 32.08 -0.43 7.68
C ALA E 192 30.81 0.38 7.60
N GLY E 193 29.70 -0.34 7.39
CA GLY E 193 28.35 0.21 7.63
C GLY E 193 28.39 1.23 8.78
N MSE E 194 28.75 0.75 9.99
CA MSE E 194 28.76 1.62 11.17
C MSE E 194 29.69 2.75 10.97
O MSE E 194 29.44 3.90 11.33
CB MSE E 194 29.12 0.86 12.44
CG MSE E 194 28.04 -0.17 12.78
SE MSE E 194 28.70 -1.26 14.28
CE MSE E 194 29.02 0.29 15.46
N VAL E 195 30.82 2.45 10.36
CA VAL E 195 31.83 3.48 10.30
C VAL E 195 31.51 4.61 9.33
N ILE E 196 31.05 4.23 8.12
CA ILE E 196 30.67 5.19 7.09
C ILE E 196 29.41 6.01 7.50
N GLY E 197 28.33 5.32 7.85
CA GLY E 197 27.16 6.00 8.42
C GLY E 197 27.51 7.16 9.35
N ARG E 198 28.29 6.86 10.38
CA ARG E 198 28.61 7.83 11.39
C ARG E 198 29.44 9.01 10.83
N LEU E 199 30.27 8.73 9.84
CA LEU E 199 31.10 9.77 9.28
C LEU E 199 30.24 10.61 8.31
N GLU E 200 29.28 10.00 7.63
CA GLU E 200 28.37 10.72 6.72
C GLU E 200 27.09 11.12 7.46
N SER E 201 27.23 11.98 8.46
CA SER E 201 26.08 12.56 9.17
C SER E 201 26.40 13.89 9.90
N LYS E 211 20.45 19.58 23.06
CA LYS E 211 19.14 19.51 23.71
C LYS E 211 19.26 18.91 25.11
N PHE E 212 19.62 19.79 26.05
CA PHE E 212 19.93 19.49 27.48
C PHE E 212 19.23 18.29 28.15
N THR E 213 20.03 17.41 28.77
CA THR E 213 19.53 16.08 29.17
C THR E 213 19.98 15.57 30.57
N VAL E 214 18.99 15.01 31.30
CA VAL E 214 19.07 14.79 32.76
C VAL E 214 18.72 13.36 33.12
N GLY E 215 19.32 12.87 34.22
CA GLY E 215 19.27 11.44 34.58
C GLY E 215 18.60 11.14 35.90
N VAL E 216 18.17 9.89 36.09
CA VAL E 216 17.29 9.53 37.18
C VAL E 216 17.40 8.07 37.68
N THR E 217 17.63 7.89 38.98
CA THR E 217 17.67 6.54 39.58
C THR E 217 16.27 6.13 40.01
N MSE E 218 15.99 4.83 39.98
CA MSE E 218 14.62 4.33 40.10
C MSE E 218 14.46 2.93 40.58
O MSE E 218 15.27 2.03 40.34
CB MSE E 218 13.94 4.46 38.75
CG MSE E 218 12.41 4.36 38.80
SE MSE E 218 11.89 2.73 37.85
CE MSE E 218 12.55 3.26 36.05
N PHE E 219 13.36 2.73 41.31
CA PHE E 219 12.93 1.43 41.78
C PHE E 219 11.39 1.53 41.72
N GLY E 220 10.70 0.42 41.46
CA GLY E 220 9.24 0.47 41.40
C GLY E 220 8.80 1.46 42.46
N VAL E 221 9.05 1.04 43.70
CA VAL E 221 8.69 1.74 44.95
C VAL E 221 8.77 3.27 44.93
N THR E 222 9.51 3.81 43.97
CA THR E 222 9.70 5.23 43.87
C THR E 222 9.15 5.84 42.56
N THR E 223 8.54 5.00 41.69
CA THR E 223 8.15 5.46 40.33
C THR E 223 7.09 6.55 40.37
N PRO E 224 6.25 6.54 41.43
CA PRO E 224 5.45 7.74 41.48
C PRO E 224 6.36 8.96 41.46
N CYS E 225 7.37 8.96 42.34
CA CYS E 225 8.26 10.11 42.43
C CYS E 225 8.94 10.37 41.09
N VAL E 226 9.38 9.28 40.45
CA VAL E 226 10.17 9.44 39.23
C VAL E 226 9.28 10.01 38.11
N ASN E 227 8.26 9.26 37.73
CA ASN E 227 7.36 9.65 36.64
C ASN E 227 6.94 11.10 36.83
N ALA E 228 6.63 11.46 38.07
CA ALA E 228 6.23 12.80 38.41
C ALA E 228 7.34 13.82 38.06
N VAL E 229 8.59 13.43 38.25
CA VAL E 229 9.74 14.32 37.95
C VAL E 229 10.04 14.37 36.45
N LYS E 230 9.86 13.23 35.77
CA LYS E 230 10.03 13.16 34.32
C LYS E 230 9.02 14.08 33.60
N GLU E 231 7.74 13.88 33.91
CA GLU E 231 6.64 14.67 33.35
C GLU E 231 6.94 16.13 33.44
N ARG E 232 7.25 16.57 34.65
CA ARG E 232 7.54 17.96 34.93
C ARG E 232 8.74 18.46 34.13
N LEU E 233 9.78 17.63 34.00
CA LEU E 233 11.02 18.00 33.28
C LEU E 233 10.82 18.14 31.75
N VAL E 234 10.28 17.10 31.14
CA VAL E 234 10.00 17.12 29.69
C VAL E 234 9.08 18.27 29.29
N LYS E 235 8.19 18.68 30.19
CA LYS E 235 7.39 19.90 30.01
C LYS E 235 8.20 21.17 30.36
N GLU E 236 9.14 21.03 31.29
CA GLU E 236 10.00 22.13 31.75
C GLU E 236 11.19 22.41 30.80
N GLY E 237 11.30 21.62 29.73
CA GLY E 237 12.28 21.85 28.65
C GLY E 237 13.37 20.80 28.50
N TYR E 238 13.42 19.85 29.43
CA TYR E 238 14.53 18.91 29.54
C TYR E 238 14.22 17.52 29.00
N GLU E 239 15.28 16.82 28.62
CA GLU E 239 15.22 15.44 28.15
C GLU E 239 15.59 14.49 29.31
N THR E 240 14.91 13.34 29.42
CA THR E 240 15.02 12.50 30.63
C THR E 240 15.40 11.04 30.39
N LEU E 241 16.61 10.70 30.84
CA LEU E 241 17.04 9.30 30.88
C LEU E 241 16.77 8.73 32.28
N VAL E 242 16.21 7.52 32.31
CA VAL E 242 15.78 6.89 33.53
C VAL E 242 16.45 5.55 33.72
N PHE E 243 17.16 5.35 34.83
CA PHE E 243 17.83 4.07 35.12
C PHE E 243 17.33 3.38 36.37
N HIS E 244 17.08 2.08 36.22
CA HIS E 244 16.69 1.21 37.31
C HIS E 244 17.91 1.04 38.16
N ALA E 245 17.94 1.78 39.25
CA ALA E 245 19.02 1.75 40.26
C ALA E 245 19.35 0.34 40.77
N THR E 246 20.13 -0.41 39.99
CA THR E 246 20.29 -1.86 40.16
C THR E 246 21.71 -2.30 40.56
N GLY E 247 22.62 -1.34 40.69
CA GLY E 247 24.05 -1.67 40.82
C GLY E 247 24.79 -1.36 39.53
N VAL E 248 24.54 -2.15 38.49
CA VAL E 248 24.98 -1.78 37.12
C VAL E 248 24.31 -0.48 36.71
N GLY E 249 23.02 -0.37 37.01
CA GLY E 249 22.22 0.77 36.62
C GLY E 249 22.82 2.09 37.05
N GLY E 250 23.39 2.14 38.26
CA GLY E 250 24.01 3.37 38.75
C GLY E 250 25.21 3.72 37.89
N ARG E 251 26.15 2.79 37.84
CA ARG E 251 27.35 2.88 37.00
C ARG E 251 27.06 3.27 35.56
N ALA E 252 26.03 2.66 34.96
CA ALA E 252 25.61 3.00 33.60
C ALA E 252 25.41 4.51 33.48
N MSE E 253 24.46 5.02 34.24
CA MSE E 253 24.14 6.43 34.20
C MSE E 253 25.38 7.26 34.35
O MSE E 253 25.62 8.18 33.60
CB MSE E 253 23.19 6.75 35.34
CG MSE E 253 22.83 8.24 35.39
SE MSE E 253 21.70 8.57 36.97
CE MSE E 253 23.04 8.13 38.33
N GLU E 254 26.18 6.94 35.36
CA GLU E 254 27.31 7.77 35.68
C GLU E 254 28.23 7.89 34.49
N ASP E 255 28.52 6.76 33.86
CA ASP E 255 29.39 6.77 32.69
C ASP E 255 28.92 7.71 31.61
N LEU E 256 27.62 7.67 31.33
CA LEU E 256 27.03 8.60 30.34
C LEU E 256 27.18 10.07 30.76
N VAL E 257 27.13 10.36 32.06
CA VAL E 257 27.42 11.73 32.52
C VAL E 257 28.88 12.12 32.23
N ARG E 258 29.79 11.12 32.28
CA ARG E 258 31.21 11.33 32.04
C ARG E 258 31.47 11.57 30.56
N GLY E 259 30.83 10.78 29.70
CA GLY E 259 30.90 10.99 28.27
C GLY E 259 30.15 12.21 27.74
N GLY E 260 29.43 12.92 28.62
CA GLY E 260 28.69 14.13 28.27
C GLY E 260 27.31 13.93 27.64
N PHE E 261 26.69 12.78 27.90
CA PHE E 261 25.33 12.48 27.43
C PHE E 261 24.27 12.80 28.49
N ILE E 262 24.73 13.31 29.63
CA ILE E 262 23.88 13.67 30.74
C ILE E 262 24.55 14.87 31.44
N GLN E 263 23.85 16.01 31.44
CA GLN E 263 24.42 17.29 31.89
C GLN E 263 23.84 17.70 33.28
N GLY E 264 23.42 16.69 34.04
CA GLY E 264 22.77 16.86 35.36
C GLY E 264 22.00 15.59 35.77
N VAL E 265 21.97 15.29 37.06
CA VAL E 265 21.16 14.15 37.49
C VAL E 265 20.18 14.54 38.61
N LEU E 266 19.05 13.82 38.62
CA LEU E 266 18.09 13.78 39.72
C LEU E 266 18.17 12.38 40.30
N ASP E 267 19.10 12.19 41.23
CA ASP E 267 19.37 10.86 41.76
C ASP E 267 18.37 10.67 42.88
N ILE E 268 17.23 10.10 42.53
CA ILE E 268 16.12 9.95 43.45
C ILE E 268 16.29 8.72 44.33
N THR E 269 16.87 7.67 43.80
CA THR E 269 16.89 6.38 44.45
C THR E 269 18.33 5.94 44.66
N THR E 270 18.80 6.12 45.88
CA THR E 270 20.19 5.84 46.25
C THR E 270 20.28 4.50 46.99
N THR E 271 19.31 3.60 46.75
CA THR E 271 19.21 2.27 47.41
C THR E 271 20.44 1.42 47.25
N GLU E 272 21.14 1.59 46.11
CA GLU E 272 22.38 0.84 45.80
CA GLU E 272 22.36 0.83 45.81
C GLU E 272 23.41 1.02 46.93
N VAL E 273 23.47 2.24 47.48
CA VAL E 273 24.29 2.54 48.66
C VAL E 273 23.97 1.57 49.80
N ALA E 274 22.71 1.16 49.90
CA ALA E 274 22.23 0.24 50.94
C ALA E 274 22.60 -1.23 50.69
N ASP E 275 22.62 -1.67 49.44
CA ASP E 275 23.11 -3.02 49.13
C ASP E 275 24.65 -3.07 49.12
N TYR E 276 25.31 -1.92 49.15
CA TYR E 276 26.75 -1.86 49.22
C TYR E 276 27.31 -2.00 50.63
N VAL E 277 26.62 -1.47 51.64
CA VAL E 277 27.09 -1.59 53.03
C VAL E 277 26.59 -2.88 53.70
N VAL E 278 25.30 -3.19 53.50
CA VAL E 278 24.69 -4.39 54.13
C VAL E 278 25.14 -5.69 53.46
N GLY E 279 25.18 -5.68 52.13
CA GLY E 279 25.64 -6.83 51.33
C GLY E 279 24.54 -7.45 50.47
N GLY E 280 23.91 -6.61 49.65
CA GLY E 280 22.81 -7.04 48.79
C GLY E 280 23.26 -7.38 47.38
N VAL E 281 22.33 -7.91 46.58
CA VAL E 281 22.64 -8.35 45.22
C VAL E 281 22.51 -7.23 44.17
N MSE E 282 21.99 -6.06 44.56
CA MSE E 282 21.91 -4.89 43.67
C MSE E 282 22.69 -3.72 44.22
O MSE E 282 22.18 -2.57 44.32
CB MSE E 282 20.44 -4.56 43.45
CG MSE E 282 19.73 -5.82 43.00
SE MSE E 282 18.08 -5.33 42.07
CE MSE E 282 17.50 -7.16 41.59
N ALA E 283 23.95 -4.04 44.55
CA ALA E 283 24.89 -3.13 45.22
C ALA E 283 25.61 -2.25 44.23
N CYS E 284 26.01 -1.07 44.71
CA CYS E 284 26.92 -0.22 43.96
C CYS E 284 28.35 -0.62 44.34
N ASP E 285 29.32 0.17 43.88
CA ASP E 285 30.71 0.05 44.32
C ASP E 285 31.20 1.37 44.90
N SER E 286 32.38 1.33 45.53
CA SER E 286 32.93 2.44 46.32
C SER E 286 33.03 3.81 45.61
N SER E 287 32.86 3.82 44.28
CA SER E 287 33.03 5.04 43.49
C SER E 287 31.72 5.81 43.19
N ARG E 288 30.60 5.41 43.81
CA ARG E 288 29.33 6.06 43.51
C ARG E 288 29.35 7.56 43.83
N PHE E 289 28.91 8.36 42.86
CA PHE E 289 28.80 9.83 42.92
C PHE E 289 30.04 10.57 42.42
N ASP E 290 31.20 9.91 42.37
CA ASP E 290 32.49 10.56 41.98
C ASP E 290 32.40 11.25 40.63
N ALA E 291 32.03 10.46 39.61
CA ALA E 291 31.94 10.92 38.25
C ALA E 291 31.06 12.16 38.11
N ILE E 292 29.97 12.19 38.88
CA ILE E 292 29.03 13.30 38.82
C ILE E 292 29.75 14.57 39.28
N LEU E 293 30.33 14.47 40.47
CA LEU E 293 30.98 15.60 41.12
C LEU E 293 32.28 16.04 40.39
N GLU E 294 32.98 15.10 39.78
CA GLU E 294 34.13 15.41 38.93
C GLU E 294 33.73 16.21 37.70
N LYS E 295 32.48 16.09 37.28
CA LYS E 295 31.97 16.85 36.14
C LYS E 295 31.40 18.23 36.50
N LYS E 296 31.12 18.48 37.78
CA LYS E 296 30.59 19.78 38.23
C LYS E 296 29.19 20.04 37.70
N ILE E 297 28.54 18.98 37.24
CA ILE E 297 27.19 19.07 36.72
C ILE E 297 26.24 19.22 37.91
N PRO E 298 25.12 19.93 37.75
CA PRO E 298 24.14 20.14 38.83
C PRO E 298 23.42 18.85 39.34
N LEU E 299 23.68 18.48 40.59
CA LEU E 299 23.05 17.29 41.22
C LEU E 299 21.86 17.72 42.09
N VAL E 300 20.80 16.91 42.09
CA VAL E 300 19.80 16.89 43.16
C VAL E 300 19.59 15.43 43.61
N LEU E 301 19.74 15.18 44.90
CA LEU E 301 19.93 13.84 45.41
C LEU E 301 18.83 13.59 46.39
N SER E 302 18.69 12.34 46.82
CA SER E 302 17.70 11.99 47.80
C SER E 302 17.90 10.58 48.29
N VAL E 303 17.00 10.12 49.13
CA VAL E 303 17.29 8.97 49.97
C VAL E 303 16.47 7.74 49.55
N GLY E 304 16.00 7.80 48.30
CA GLY E 304 15.09 6.81 47.75
C GLY E 304 15.48 5.40 48.09
N ALA E 305 14.51 4.65 48.59
CA ALA E 305 14.66 3.23 48.88
C ALA E 305 15.91 2.84 49.71
N LEU E 306 16.49 3.81 50.42
CA LEU E 306 17.46 3.51 51.48
C LEU E 306 16.80 2.65 52.59
N ASP E 307 15.47 2.56 52.55
CA ASP E 307 14.68 1.66 53.39
C ASP E 307 14.61 0.19 52.91
N MSE E 308 15.47 -0.25 51.98
CA MSE E 308 15.46 -1.68 51.58
C MSE E 308 16.72 -2.19 50.95
O MSE E 308 17.45 -1.41 50.34
CB MSE E 308 14.32 -2.02 50.62
CG MSE E 308 14.43 -1.27 49.31
SE MSE E 308 12.78 -1.41 48.24
CE MSE E 308 12.06 0.38 48.65
N VAL E 309 16.95 -3.50 51.10
CA VAL E 309 18.08 -4.23 50.47
C VAL E 309 17.53 -5.51 49.82
N ASN E 310 18.13 -5.91 48.67
CA ASN E 310 17.64 -7.01 47.79
C ASN E 310 18.29 -8.41 47.99
N PHE E 311 17.61 -9.50 47.58
CA PHE E 311 18.11 -10.93 47.70
C PHE E 311 17.38 -12.01 46.82
N GLY E 312 17.79 -13.28 47.00
CA GLY E 312 17.11 -14.46 46.45
C GLY E 312 16.66 -15.48 47.52
N PRO E 313 17.62 -16.03 48.30
CA PRO E 313 17.33 -16.86 49.49
C PRO E 313 17.41 -16.12 50.84
N LYS E 314 18.61 -15.82 51.32
CA LYS E 314 18.81 -15.06 52.57
C LYS E 314 20.12 -14.29 52.52
N GLU E 331 7.21 -8.43 46.65
CA GLU E 331 6.98 -9.47 45.66
C GLU E 331 8.08 -10.53 45.82
N GLN E 332 8.70 -10.98 44.72
CA GLN E 332 9.66 -12.10 44.74
C GLN E 332 10.95 -11.55 45.34
N VAL E 333 12.10 -11.72 44.70
CA VAL E 333 13.32 -10.94 45.03
C VAL E 333 13.28 -10.44 46.49
N SER E 334 13.79 -11.25 47.44
CA SER E 334 13.57 -11.04 48.90
C SER E 334 14.16 -9.74 49.53
N LEU E 335 13.29 -8.77 49.89
CA LEU E 335 13.71 -7.44 50.46
C LEU E 335 13.79 -7.41 52.03
N MSE E 336 14.76 -6.68 52.59
CA MSE E 336 14.94 -6.57 54.06
C MSE E 336 14.90 -5.11 54.48
O MSE E 336 15.59 -4.29 53.90
CB MSE E 336 16.30 -7.15 54.49
CG MSE E 336 16.41 -7.39 56.01
SE MSE E 336 18.10 -6.73 56.82
CE MSE E 336 17.69 -7.13 58.71
N ARG E 337 14.10 -4.78 55.51
CA ARG E 337 14.00 -3.39 56.01
C ARG E 337 15.34 -2.94 56.63
N THR E 338 15.87 -1.81 56.18
CA THR E 338 17.08 -1.22 56.78
C THR E 338 16.83 -0.68 58.21
N THR E 339 17.68 -1.10 59.17
CA THR E 339 17.52 -0.67 60.58
C THR E 339 18.15 0.71 60.85
N VAL E 340 17.80 1.33 61.98
CA VAL E 340 18.10 2.78 62.22
C VAL E 340 19.59 3.18 62.20
N GLY E 341 20.44 2.26 62.67
CA GLY E 341 21.87 2.48 62.71
C GLY E 341 22.50 2.16 61.39
N GLU E 342 21.80 1.40 60.55
CA GLU E 342 22.22 1.19 59.15
C GLU E 342 21.94 2.47 58.34
N ASN E 343 20.71 2.96 58.39
CA ASN E 343 20.36 4.26 57.77
C ASN E 343 21.26 5.43 58.21
N LYS E 344 22.02 5.22 59.27
CA LYS E 344 22.96 6.22 59.82
C LYS E 344 24.28 6.20 59.04
N LYS E 345 24.80 4.99 58.85
CA LYS E 345 26.03 4.78 58.10
C LYS E 345 25.90 5.45 56.73
N PHE E 346 24.75 5.20 56.10
CA PHE E 346 24.50 5.63 54.74
C PHE E 346 24.77 7.13 54.59
N ALA E 347 24.25 7.93 55.51
CA ALA E 347 24.45 9.38 55.41
C ALA E 347 25.95 9.71 55.27
N ALA E 348 26.79 8.88 55.90
CA ALA E 348 28.24 9.05 55.86
C ALA E 348 28.73 8.97 54.43
N PHE E 349 28.50 7.79 53.85
CA PHE E 349 28.87 7.51 52.47
C PHE E 349 28.51 8.65 51.51
N ILE E 350 27.30 9.17 51.68
CA ILE E 350 26.76 10.23 50.82
C ILE E 350 27.32 11.60 51.23
N ALA E 351 27.44 11.85 52.53
CA ALA E 351 28.00 13.12 53.03
C ALA E 351 29.48 13.24 52.67
N GLU E 352 30.26 12.19 52.96
CA GLU E 352 31.67 12.16 52.59
C GLU E 352 31.83 12.54 51.10
N LYS E 353 31.25 11.71 50.23
CA LYS E 353 31.24 11.95 48.78
C LYS E 353 30.76 13.36 48.43
N LEU E 354 29.72 13.83 49.13
CA LEU E 354 29.09 15.13 48.83
C LEU E 354 29.92 16.33 49.26
N ASN E 355 30.57 16.24 50.41
CA ASN E 355 31.44 17.32 50.89
C ASN E 355 32.42 17.74 49.80
N LYS E 356 32.89 16.75 49.03
CA LYS E 356 33.82 16.96 47.91
C LYS E 356 33.27 17.83 46.76
N ALA E 357 32.09 18.41 46.93
CA ALA E 357 31.43 19.15 45.86
C ALA E 357 32.11 20.50 45.69
N SER E 358 32.69 20.71 44.51
CA SER E 358 33.23 22.03 44.15
C SER E 358 32.24 22.83 43.28
N SER E 359 31.06 22.27 43.03
CA SER E 359 29.94 22.98 42.35
C SER E 359 28.57 22.70 43.03
N SER E 360 27.51 23.30 42.49
CA SER E 360 26.19 23.35 43.16
C SER E 360 25.47 22.00 43.27
N VAL E 361 25.55 21.39 44.46
CA VAL E 361 24.73 20.23 44.84
C VAL E 361 23.52 20.72 45.64
N CYS E 362 22.41 19.99 45.51
CA CYS E 362 21.23 20.25 46.31
C CYS E 362 20.62 18.94 46.77
N VAL E 363 20.44 18.79 48.07
CA VAL E 363 19.78 17.61 48.58
C VAL E 363 18.32 17.95 48.91
N CYS E 364 17.46 16.93 48.83
CA CYS E 364 16.03 17.03 49.19
C CYS E 364 15.63 15.76 49.91
N LEU E 365 15.33 15.88 51.20
CA LEU E 365 14.97 14.74 52.03
C LEU E 365 13.47 14.75 52.24
N PRO E 366 12.84 13.58 52.06
CA PRO E 366 11.40 13.44 52.31
C PRO E 366 11.07 12.94 53.74
N GLU E 367 10.80 13.87 54.66
CA GLU E 367 10.55 13.55 56.07
C GLU E 367 9.79 12.25 56.34
N LYS E 368 8.51 12.21 55.96
CA LYS E 368 7.58 11.14 56.40
C LYS E 368 8.07 9.74 56.07
N GLY E 369 8.20 9.44 54.77
CA GLY E 369 8.77 8.17 54.31
C GLY E 369 9.59 8.31 53.04
N VAL E 370 10.38 7.27 52.77
CA VAL E 370 11.33 7.25 51.64
C VAL E 370 11.01 6.16 50.59
N SER E 371 9.72 5.82 50.46
CA SER E 371 9.29 4.70 49.60
C SER E 371 7.77 4.53 49.52
N ALA E 372 7.33 3.76 48.54
CA ALA E 372 5.98 3.20 48.56
C ALA E 372 5.77 2.48 49.89
N LEU E 373 6.67 1.58 50.24
CA LEU E 373 6.58 0.83 51.51
C LEU E 373 6.79 1.69 52.80
N ASP E 374 7.87 2.46 52.89
CA ASP E 374 8.03 3.43 53.99
C ASP E 374 6.96 4.55 53.85
N ALA E 375 5.72 4.21 54.20
CA ALA E 375 4.56 5.14 54.11
C ALA E 375 3.40 4.73 55.07
N PRO E 376 2.62 5.72 55.57
CA PRO E 376 1.51 5.46 56.52
C PRO E 376 0.54 4.34 56.11
N GLY E 377 0.66 3.19 56.77
CA GLY E 377 -0.20 2.03 56.52
C GLY E 377 0.57 0.87 55.92
N LYS E 378 1.71 1.18 55.33
CA LYS E 378 2.45 0.22 54.52
C LYS E 378 3.63 -0.38 55.28
N ASP E 379 3.98 -1.62 54.89
CA ASP E 379 4.86 -2.54 55.64
C ASP E 379 6.19 -1.95 56.20
N PHE E 380 7.11 -1.59 55.30
CA PHE E 380 8.49 -1.18 55.67
C PHE E 380 8.53 0.25 56.25
N TYR E 381 7.60 0.49 57.20
CA TYR E 381 7.40 1.79 57.83
C TYR E 381 8.18 1.89 59.14
N ASP E 382 8.68 3.09 59.43
CA ASP E 382 9.59 3.36 60.54
C ASP E 382 10.16 4.79 60.43
N PRO E 383 9.53 5.77 61.13
CA PRO E 383 10.03 7.15 61.02
C PRO E 383 11.19 7.51 61.98
N GLU E 384 11.72 6.51 62.69
CA GLU E 384 12.93 6.64 63.52
C GLU E 384 14.18 6.52 62.63
N ALA E 385 14.19 5.48 61.80
CA ALA E 385 15.16 5.33 60.72
C ALA E 385 15.19 6.57 59.81
N THR E 386 14.00 7.10 59.51
CA THR E 386 13.83 8.17 58.52
C THR E 386 14.29 9.57 59.01
N SER E 387 14.15 9.82 60.30
CA SER E 387 14.57 11.10 60.89
C SER E 387 16.07 11.07 61.22
N CYS E 388 16.51 10.01 61.91
CA CYS E 388 17.94 9.75 62.10
C CYS E 388 18.69 10.07 60.83
N LEU E 389 18.24 9.41 59.77
CA LEU E 389 18.79 9.57 58.43
C LEU E 389 18.77 11.05 58.03
N THR E 390 17.62 11.72 58.21
CA THR E 390 17.48 13.11 57.77
C THR E 390 18.44 14.05 58.50
N ARG E 391 18.43 13.95 59.84
CA ARG E 391 19.34 14.73 60.68
C ARG E 391 20.78 14.43 60.30
N GLU E 392 21.19 13.17 60.46
CA GLU E 392 22.53 12.70 60.08
C GLU E 392 23.06 13.47 58.85
N LEU E 393 22.25 13.47 57.81
CA LEU E 393 22.54 14.19 56.56
C LEU E 393 22.76 15.67 56.80
N GLN E 394 21.76 16.34 57.36
CA GLN E 394 21.77 17.80 57.48
C GLN E 394 22.98 18.39 58.26
N MSE E 395 23.44 17.70 59.32
CA MSE E 395 24.61 18.12 60.11
C MSE E 395 25.89 17.86 59.33
O MSE E 395 26.76 18.74 59.27
CB MSE E 395 24.70 17.49 61.53
CG MSE E 395 24.80 15.95 61.66
SE MSE E 395 25.26 15.33 63.50
CE MSE E 395 23.57 14.40 63.95
N LEU E 396 25.99 16.68 58.71
CA LEU E 396 27.17 16.27 57.96
C LEU E 396 27.36 17.07 56.66
N LEU E 397 26.44 18.01 56.38
CA LEU E 397 26.45 18.76 55.14
C LEU E 397 26.35 20.26 55.42
N CYS E 403 26.71 23.03 48.26
CA CYS E 403 25.62 22.09 48.58
C CYS E 403 24.38 22.85 49.06
N GLN E 404 23.27 22.12 49.22
CA GLN E 404 22.12 22.60 49.98
C GLN E 404 21.24 21.43 50.43
N VAL E 405 20.93 21.38 51.71
CA VAL E 405 19.98 20.42 52.24
C VAL E 405 18.58 21.06 52.30
N LYS E 406 17.56 20.35 51.81
CA LYS E 406 16.16 20.75 51.98
C LYS E 406 15.39 19.60 52.57
N VAL E 407 15.14 19.66 53.88
CA VAL E 407 14.24 18.71 54.52
C VAL E 407 12.80 19.20 54.30
N LEU E 408 11.99 18.35 53.67
CA LEU E 408 10.66 18.72 53.23
C LEU E 408 9.61 17.87 53.95
N PRO E 409 8.44 18.48 54.25
CA PRO E 409 7.41 17.84 55.06
C PRO E 409 6.48 16.97 54.21
N TYR E 410 7.06 16.02 53.48
CA TYR E 410 6.28 15.15 52.60
C TYR E 410 6.77 13.73 52.68
N HIS E 411 6.19 12.90 51.84
CA HIS E 411 6.67 11.55 51.60
C HIS E 411 7.24 11.52 50.19
N ILE E 412 8.00 10.48 49.88
CA ILE E 412 8.71 10.39 48.63
C ILE E 412 7.77 10.37 47.41
N ASN E 413 6.81 9.43 47.40
CA ASN E 413 5.84 9.33 46.31
C ASN E 413 4.69 10.36 46.33
N ASP E 414 4.74 11.34 47.23
CA ASP E 414 3.77 12.43 47.24
C ASP E 414 4.18 13.39 46.13
N ALA E 415 3.37 13.51 45.08
CA ALA E 415 3.74 14.31 43.90
C ALA E 415 4.06 15.79 44.16
N GLU E 416 3.82 16.29 45.37
CA GLU E 416 4.32 17.63 45.77
C GLU E 416 5.82 17.62 46.10
N PHE E 417 6.33 16.46 46.51
CA PHE E 417 7.76 16.26 46.69
C PHE E 417 8.46 16.28 45.33
N ALA E 418 7.93 15.49 44.40
CA ALA E 418 8.42 15.46 43.02
C ALA E 418 8.62 16.87 42.44
N ASN E 419 7.61 17.72 42.60
CA ASN E 419 7.70 19.09 42.11
C ASN E 419 8.84 19.83 42.78
N ALA E 420 9.05 19.52 44.06
CA ALA E 420 10.12 20.11 44.88
C ALA E 420 11.49 19.75 44.31
N LEU E 421 11.65 18.47 44.02
CA LEU E 421 12.85 17.94 43.37
C LEU E 421 13.18 18.75 42.12
N VAL E 422 12.17 18.98 41.27
CA VAL E 422 12.38 19.73 40.03
C VAL E 422 12.64 21.23 40.26
N ASP E 423 12.03 21.80 41.30
CA ASP E 423 12.18 23.23 41.63
C ASP E 423 13.62 23.53 42.05
N SER E 424 14.18 22.64 42.87
CA SER E 424 15.56 22.79 43.34
C SER E 424 16.50 22.68 42.17
N PHE E 425 16.20 21.74 41.26
CA PHE E 425 17.05 21.47 40.11
C PHE E 425 17.14 22.68 39.18
N LEU E 426 15.98 23.31 38.94
CA LEU E 426 15.93 24.47 38.06
C LEU E 426 16.70 25.66 38.65
N GLU E 427 16.80 25.72 39.98
CA GLU E 427 17.61 26.74 40.69
C GLU E 427 19.13 26.60 40.43
N ILE E 428 19.67 25.40 40.64
CA ILE E 428 21.10 25.11 40.40
C ILE E 428 21.50 25.30 38.93
N SER E 429 20.74 24.66 38.02
CA SER E 429 21.05 24.68 36.59
C SER E 429 20.85 26.09 36.01
N PRO E 430 21.46 26.37 34.84
CA PRO E 430 21.36 27.72 34.24
C PRO E 430 19.93 28.26 34.14
N ASN F 7 10.35 -10.43 -8.22
CA ASN F 7 10.59 -10.14 -6.77
C ASN F 7 12.03 -9.66 -6.54
N SER F 8 12.14 -8.66 -5.68
CA SER F 8 13.40 -8.01 -5.34
C SER F 8 13.69 -8.05 -3.83
N PRO F 9 14.97 -7.95 -3.44
CA PRO F 9 15.37 -8.21 -2.04
C PRO F 9 14.65 -7.39 -0.96
N ARG F 10 14.44 -8.01 0.20
CA ARG F 10 13.65 -7.40 1.27
C ARG F 10 14.21 -7.69 2.65
N VAL F 11 14.35 -6.65 3.47
CA VAL F 11 14.62 -6.84 4.89
C VAL F 11 13.38 -6.58 5.72
N PHE F 12 13.33 -7.15 6.93
CA PHE F 12 12.23 -6.94 7.86
C PHE F 12 12.74 -6.28 9.11
N CYS F 13 12.11 -5.18 9.52
CA CYS F 13 12.30 -4.64 10.89
C CYS F 13 11.16 -5.15 11.70
N ILE F 14 11.43 -5.46 12.95
CA ILE F 14 10.45 -6.13 13.81
C ILE F 14 10.52 -5.62 15.25
N GLY F 15 9.35 -5.40 15.84
CA GLY F 15 9.25 -5.00 17.23
C GLY F 15 7.84 -5.01 17.76
N THR F 16 7.65 -4.30 18.86
CA THR F 16 6.35 -4.05 19.45
C THR F 16 6.07 -2.56 19.26
N ALA F 17 5.23 -2.24 18.28
CA ALA F 17 4.95 -0.84 17.94
C ALA F 17 3.99 -0.24 18.94
N ASP F 18 3.18 -1.07 19.60
CA ASP F 18 2.23 -0.59 20.62
C ASP F 18 2.81 0.48 21.56
N THR F 19 4.00 0.20 22.09
CA THR F 19 4.74 1.11 22.97
C THR F 19 5.99 1.67 22.28
N LYS F 20 6.62 0.88 21.41
CA LYS F 20 7.87 1.26 20.79
C LYS F 20 7.75 1.67 19.31
N PHE F 21 6.69 2.41 18.97
CA PHE F 21 6.43 2.87 17.60
C PHE F 21 7.48 3.87 17.20
N ASP F 22 7.64 4.90 18.01
CA ASP F 22 8.58 5.96 17.64
C ASP F 22 10.05 5.50 17.63
N GLU F 23 10.33 4.30 18.12
CA GLU F 23 11.70 3.75 18.09
C GLU F 23 11.84 2.87 16.88
N LEU F 24 10.98 1.86 16.79
CA LEU F 24 10.90 1.03 15.60
C LEU F 24 11.01 1.89 14.30
N ARG F 25 10.18 2.93 14.21
CA ARG F 25 10.17 3.83 13.06
C ARG F 25 11.53 4.41 12.85
N PHE F 26 12.08 5.06 13.86
CA PHE F 26 13.39 5.71 13.75
C PHE F 26 14.36 4.76 13.04
N LEU F 27 14.35 3.49 13.49
CA LEU F 27 15.19 2.46 12.95
C LEU F 27 14.96 2.25 11.47
N SER F 28 13.76 1.82 11.11
CA SER F 28 13.42 1.66 9.69
C SER F 28 13.79 2.89 8.84
N GLU F 29 13.64 4.09 9.40
CA GLU F 29 14.11 5.24 8.68
C GLU F 29 15.57 5.00 8.45
N HIS F 30 16.32 4.89 9.54
CA HIS F 30 17.77 4.73 9.46
C HIS F 30 18.23 3.58 8.57
N VAL F 31 17.59 2.43 8.67
CA VAL F 31 17.99 1.28 7.88
C VAL F 31 17.78 1.54 6.41
N ARG F 32 16.55 1.90 6.08
CA ARG F 32 16.14 2.20 4.71
C ARG F 32 17.06 3.24 4.15
N SER F 33 17.20 4.32 4.86
CA SER F 33 18.15 5.34 4.44
C SER F 33 19.54 4.75 4.18
N SER F 34 20.02 3.89 5.08
CA SER F 34 21.39 3.42 5.07
C SER F 34 21.59 2.49 3.90
N LEU F 35 20.67 1.52 3.76
CA LEU F 35 20.69 0.65 2.61
C LEU F 35 20.90 1.52 1.34
N ASN F 36 20.02 2.50 1.11
CA ASN F 36 20.13 3.34 -0.07
C ASN F 36 21.45 4.06 -0.13
N SER F 37 21.90 4.57 0.99
CA SER F 37 23.15 5.30 0.96
C SER F 37 24.38 4.40 0.75
N PHE F 38 24.26 3.10 1.02
CA PHE F 38 25.42 2.20 0.98
C PHE F 38 25.45 1.46 -0.31
N SER F 39 24.30 1.22 -0.90
CA SER F 39 24.26 0.49 -2.13
C SER F 39 24.91 1.36 -3.18
N ASN F 40 25.38 0.70 -4.22
CA ASN F 40 26.36 1.28 -5.10
C ASN F 40 26.27 0.61 -6.47
N LYS F 41 26.33 -0.71 -6.52
CA LYS F 41 26.29 -1.41 -7.79
C LYS F 41 25.66 -2.81 -7.80
N SER F 42 24.34 -2.96 -7.85
CA SER F 42 23.35 -2.21 -7.04
C SER F 42 21.91 -2.61 -7.40
N SER F 43 21.23 -1.71 -8.13
CA SER F 43 20.09 -1.99 -9.06
C SER F 43 18.66 -1.97 -8.47
N PHE F 44 18.32 -2.93 -7.63
CA PHE F 44 17.19 -2.75 -6.71
C PHE F 44 17.53 -1.76 -5.60
N LYS F 45 16.50 -1.14 -5.01
CA LYS F 45 16.61 -0.55 -3.67
C LYS F 45 16.07 -1.66 -2.80
N VAL F 46 16.60 -1.81 -1.58
CA VAL F 46 16.09 -2.90 -0.73
C VAL F 46 14.76 -2.50 -0.09
N GLY F 47 13.78 -3.40 -0.12
CA GLY F 47 12.49 -3.15 0.57
C GLY F 47 12.53 -3.28 2.10
N VAL F 48 12.30 -2.19 2.82
CA VAL F 48 12.20 -2.27 4.26
C VAL F 48 10.74 -2.49 4.67
N THR F 49 10.44 -3.66 5.22
CA THR F 49 9.08 -4.01 5.63
C THR F 49 8.87 -4.17 7.14
N VAL F 50 8.63 -3.07 7.87
CA VAL F 50 8.19 -3.14 9.32
C VAL F 50 7.17 -4.27 9.60
N VAL F 51 7.36 -4.98 10.71
CA VAL F 51 6.36 -5.92 11.21
C VAL F 51 6.26 -5.70 12.70
N ASP F 52 5.06 -5.97 13.23
CA ASP F 52 4.77 -5.76 14.65
C ASP F 52 4.52 -7.12 15.31
N VAL F 53 5.22 -7.32 16.43
CA VAL F 53 5.06 -8.47 17.29
C VAL F 53 4.63 -7.98 18.71
N SER F 54 3.73 -7.00 18.70
CA SER F 54 2.99 -6.59 19.89
C SER F 54 2.02 -7.73 20.21
N THR F 55 1.98 -8.13 21.48
CA THR F 55 1.07 -9.20 21.93
C THR F 55 -0.24 -8.64 22.54
N SER F 56 -0.33 -7.30 22.63
CA SER F 56 -1.58 -6.64 22.99
C SER F 56 -2.62 -6.88 21.88
N TRP F 57 -3.88 -6.56 22.18
CA TRP F 57 -4.87 -6.38 21.12
C TRP F 57 -4.77 -4.99 20.61
N LYS F 58 -4.13 -4.09 21.38
CA LYS F 58 -3.83 -2.74 20.93
C LYS F 58 -3.33 -2.92 19.52
N GLU F 59 -3.92 -2.16 18.61
CA GLU F 59 -3.70 -2.41 17.20
C GLU F 59 -3.12 -1.19 16.47
N THR F 60 -2.09 -1.43 15.66
CA THR F 60 -1.61 -0.42 14.71
C THR F 60 -1.46 -1.18 13.41
N ASN F 61 -2.04 -0.64 12.33
CA ASN F 61 -2.15 -1.34 11.03
C ASN F 61 -1.33 -0.71 9.91
N SER F 62 -0.57 0.34 10.22
CA SER F 62 0.21 1.07 9.24
C SER F 62 1.40 1.74 9.94
N CYS F 63 2.49 1.96 9.21
CA CYS F 63 3.64 2.67 9.77
C CYS F 63 4.18 3.65 8.78
N ALA F 64 4.66 4.78 9.33
CA ALA F 64 5.06 5.93 8.53
C ALA F 64 4.59 5.69 7.10
N ASP F 65 5.52 5.49 6.18
CA ASP F 65 5.17 5.20 4.81
C ASP F 65 5.56 3.75 4.49
N PHE F 66 5.96 2.99 5.50
CA PHE F 66 6.53 1.67 5.27
C PHE F 66 5.51 0.65 4.89
N ASP F 67 5.98 -0.35 4.16
CA ASP F 67 5.27 -1.60 4.08
C ASP F 67 5.23 -2.06 5.53
N PHE F 68 4.08 -2.62 5.91
CA PHE F 68 3.76 -2.91 7.31
C PHE F 68 2.98 -4.20 7.40
N VAL F 69 3.07 -4.86 8.54
CA VAL F 69 2.47 -6.16 8.66
C VAL F 69 2.20 -6.45 10.13
N PRO F 70 0.99 -6.07 10.59
CA PRO F 70 0.57 -6.10 11.99
C PRO F 70 0.53 -7.49 12.66
N SER F 71 0.39 -7.47 13.98
CA SER F 71 0.38 -8.67 14.80
C SER F 71 -0.62 -9.73 14.35
N LYS F 72 -1.73 -9.32 13.71
CA LYS F 72 -2.61 -10.33 13.07
C LYS F 72 -1.74 -11.11 12.11
N ASP F 73 -1.22 -10.40 11.13
CA ASP F 73 -0.61 -11.00 9.96
C ASP F 73 0.49 -11.99 10.32
N VAL F 74 1.22 -11.68 11.39
CA VAL F 74 2.24 -12.60 11.89
C VAL F 74 1.58 -13.88 12.41
N LEU F 75 0.45 -13.76 13.12
CA LEU F 75 -0.24 -14.94 13.67
C LEU F 75 -0.94 -15.84 12.63
N SER F 76 -0.99 -15.41 11.36
CA SER F 76 -1.71 -16.13 10.29
C SER F 76 -0.94 -17.29 9.63
N CYS F 77 -0.26 -18.09 10.45
CA CYS F 77 0.70 -19.07 9.95
C CYS F 77 1.12 -20.07 11.03
N LEU F 94 3.24 -17.04 28.17
CA LEU F 94 2.85 -17.91 27.06
C LEU F 94 2.61 -17.08 25.81
N ALA F 95 2.77 -15.76 25.97
CA ALA F 95 2.79 -14.81 24.85
C ALA F 95 4.12 -14.96 24.10
N ILE F 96 5.21 -14.82 24.84
CA ILE F 96 6.55 -15.27 24.43
C ILE F 96 6.47 -16.47 23.48
N ALA F 97 5.90 -17.57 23.99
CA ALA F 97 5.88 -18.84 23.27
C ALA F 97 5.16 -18.73 21.94
N ILE F 98 4.02 -18.06 21.97
CA ILE F 98 3.04 -18.20 20.92
C ILE F 98 3.39 -17.41 19.64
N MSE F 99 3.77 -16.13 19.81
CA MSE F 99 4.22 -15.29 18.69
C MSE F 99 5.42 -15.95 18.07
O MSE F 99 5.36 -16.44 16.94
CB MSE F 99 4.61 -13.86 19.11
CG MSE F 99 3.52 -12.79 18.97
SE MSE F 99 3.39 -11.87 17.22
CE MSE F 99 2.88 -13.43 16.10
N SER F 100 6.52 -15.99 18.83
CA SER F 100 7.82 -16.47 18.33
C SER F 100 7.74 -17.73 17.44
N LYS F 101 6.85 -18.66 17.75
CA LYS F 101 6.67 -19.81 16.87
C LYS F 101 6.05 -19.30 15.58
N ALA F 102 5.21 -18.27 15.70
CA ALA F 102 4.59 -17.64 14.54
C ALA F 102 5.64 -17.06 13.61
N LEU F 103 6.39 -16.12 14.16
CA LEU F 103 7.37 -15.32 13.41
C LEU F 103 8.33 -16.22 12.65
N GLU F 104 8.86 -17.22 13.36
CA GLU F 104 9.58 -18.33 12.78
C GLU F 104 8.93 -18.78 11.50
N THR F 105 7.67 -19.21 11.56
CA THR F 105 6.99 -19.79 10.39
C THR F 105 6.82 -18.76 9.27
N PHE F 106 6.44 -17.54 9.66
CA PHE F 106 6.37 -16.43 8.73
C PHE F 106 7.68 -16.27 7.96
N LEU F 107 8.79 -16.16 8.68
CA LEU F 107 10.10 -15.95 8.07
C LEU F 107 10.50 -17.11 7.16
N SER F 108 10.30 -18.35 7.61
CA SER F 108 10.63 -19.53 6.81
C SER F 108 9.85 -19.51 5.52
N ILE F 109 8.69 -18.87 5.54
CA ILE F 109 7.92 -18.67 4.31
C ILE F 109 8.56 -17.59 3.42
N ALA F 110 9.06 -16.53 4.07
CA ALA F 110 9.57 -15.39 3.34
C ALA F 110 10.89 -15.74 2.70
N ASN F 111 11.73 -16.43 3.46
CA ASN F 111 12.99 -16.84 2.90
C ASN F 111 12.73 -17.64 1.63
N ASP F 112 11.66 -18.43 1.60
CA ASP F 112 11.31 -19.22 0.39
C ASP F 112 11.02 -18.40 -0.86
N GLU F 113 10.46 -17.21 -0.72
CA GLU F 113 10.49 -16.24 -1.83
C GLU F 113 11.91 -15.69 -1.90
N GLN F 114 12.84 -16.58 -2.23
CA GLN F 114 14.29 -16.39 -1.99
C GLN F 114 14.74 -14.97 -2.26
N ASN F 115 14.33 -14.09 -1.34
CA ASN F 115 14.75 -12.71 -1.35
C ASN F 115 14.71 -12.02 0.02
N LEU F 116 14.59 -12.81 1.08
CA LEU F 116 14.89 -12.33 2.41
C LEU F 116 16.39 -12.04 2.46
N ALA F 117 16.76 -10.80 2.76
CA ALA F 117 18.18 -10.39 2.83
C ALA F 117 18.62 -9.87 4.21
N GLY F 118 17.80 -10.10 5.24
CA GLY F 118 18.12 -9.62 6.61
C GLY F 118 16.92 -9.38 7.50
N VAL F 119 17.05 -9.63 8.80
CA VAL F 119 16.03 -9.27 9.79
C VAL F 119 16.61 -8.37 10.89
N ILE F 120 15.81 -7.48 11.45
CA ILE F 120 16.35 -6.71 12.55
C ILE F 120 15.26 -6.44 13.62
N GLY F 121 15.40 -7.09 14.77
CA GLY F 121 14.56 -6.86 15.97
C GLY F 121 15.07 -5.77 16.89
N LEU F 122 14.16 -5.11 17.60
CA LEU F 122 14.56 -4.49 18.86
C LEU F 122 13.76 -5.07 19.99
N GLY F 123 14.23 -4.76 21.20
CA GLY F 123 13.50 -5.12 22.43
C GLY F 123 14.24 -5.90 23.49
N GLY F 124 14.14 -5.42 24.74
CA GLY F 124 14.61 -6.13 25.93
C GLY F 124 13.92 -7.45 26.24
N SER F 125 14.15 -7.91 27.47
CA SER F 125 13.96 -9.33 27.86
C SER F 125 12.94 -10.18 27.12
N GLY F 126 11.67 -9.80 27.18
CA GLY F 126 10.67 -10.59 26.47
C GLY F 126 10.98 -10.69 24.99
N GLY F 127 11.26 -9.54 24.37
CA GLY F 127 11.49 -9.45 22.93
C GLY F 127 12.64 -10.33 22.47
N THR F 128 13.83 -10.01 22.99
CA THR F 128 15.03 -10.78 22.66
C THR F 128 14.72 -12.26 22.59
N SER F 129 14.18 -12.80 23.67
CA SER F 129 13.84 -14.23 23.72
C SER F 129 12.98 -14.64 22.52
N LEU F 130 12.03 -13.77 22.18
CA LEU F 130 11.03 -13.97 21.12
C LEU F 130 11.68 -13.93 19.72
N LEU F 131 12.39 -12.85 19.47
CA LEU F 131 13.10 -12.66 18.21
C LEU F 131 14.17 -13.74 18.01
N SER F 132 15.05 -13.84 19.01
CA SER F 132 16.17 -14.79 18.99
C SER F 132 15.69 -16.12 18.53
N SER F 133 14.82 -16.69 19.35
CA SER F 133 14.20 -17.95 19.05
C SER F 133 13.90 -18.10 17.55
N ALA F 134 13.39 -17.05 16.92
CA ALA F 134 12.89 -17.15 15.55
C ALA F 134 14.00 -16.94 14.56
N PHE F 135 14.73 -15.84 14.73
CA PHE F 135 15.82 -15.51 13.84
C PHE F 135 16.75 -16.75 13.60
N ARG F 136 17.21 -17.42 14.65
CA ARG F 136 18.24 -18.42 14.46
C ARG F 136 17.80 -19.68 13.68
N SER F 137 16.50 -19.86 13.48
CA SER F 137 16.06 -20.86 12.49
C SER F 137 16.50 -20.50 11.06
N LEU F 138 16.85 -19.23 10.83
CA LEU F 138 17.23 -18.80 9.48
C LEU F 138 18.68 -19.16 9.23
N PRO F 139 18.99 -19.65 8.01
CA PRO F 139 20.31 -20.04 7.59
C PRO F 139 21.43 -19.06 7.95
N ILE F 140 22.57 -19.62 8.37
CA ILE F 140 23.77 -18.82 8.63
C ILE F 140 24.12 -18.05 7.34
N GLY F 141 24.50 -16.79 7.48
CA GLY F 141 24.84 -15.96 6.32
C GLY F 141 23.92 -14.76 6.21
N ILE F 142 22.60 -15.03 6.21
CA ILE F 142 21.55 -13.99 6.25
C ILE F 142 21.69 -13.18 7.52
N PRO F 143 21.88 -11.87 7.38
CA PRO F 143 22.11 -11.05 8.54
C PRO F 143 20.98 -11.21 9.54
N LYS F 144 21.28 -11.19 10.84
CA LYS F 144 20.29 -11.36 11.93
C LYS F 144 20.77 -10.47 13.04
N VAL F 145 20.06 -9.41 13.29
CA VAL F 145 20.48 -8.51 14.31
C VAL F 145 19.29 -8.23 15.20
N ILE F 146 19.57 -7.84 16.44
CA ILE F 146 18.58 -7.60 17.46
C ILE F 146 19.12 -6.54 18.38
N ILE F 147 18.43 -5.44 18.55
CA ILE F 147 18.91 -4.53 19.57
C ILE F 147 18.30 -5.10 20.84
N SER F 148 19.01 -4.96 21.97
CA SER F 148 18.58 -5.58 23.23
C SER F 148 19.23 -5.05 24.49
N THR F 149 18.38 -4.86 25.47
CA THR F 149 18.76 -4.51 26.86
C THR F 149 19.48 -5.70 27.55
N VAL F 150 18.90 -6.91 27.49
CA VAL F 150 19.59 -8.14 27.86
C VAL F 150 20.58 -8.62 26.79
N ALA F 151 21.50 -7.76 26.36
CA ALA F 151 22.61 -8.25 25.52
C ALA F 151 23.78 -8.58 26.43
N SER F 152 24.05 -7.69 27.41
CA SER F 152 25.22 -7.76 28.31
C SER F 152 24.99 -8.69 29.47
N GLY F 153 24.33 -9.83 29.27
CA GLY F 153 24.33 -10.91 30.25
C GLY F 153 24.49 -12.32 29.68
N GLN F 154 23.51 -13.15 29.97
CA GLN F 154 23.58 -14.52 29.58
C GLN F 154 22.92 -14.53 28.23
N THR F 155 23.75 -14.69 27.22
CA THR F 155 23.32 -14.59 25.83
C THR F 155 23.19 -15.95 25.18
N GLU F 156 23.53 -17.02 25.91
CA GLU F 156 23.63 -18.34 25.30
C GLU F 156 22.25 -18.82 24.87
N SER F 157 21.24 -18.56 25.69
CA SER F 157 19.84 -18.99 25.41
C SER F 157 19.34 -18.36 24.11
N TYR F 158 19.70 -17.10 23.92
CA TYR F 158 19.34 -16.35 22.74
C TYR F 158 20.15 -16.77 21.47
N ILE F 159 21.48 -16.67 21.55
CA ILE F 159 22.35 -16.80 20.39
C ILE F 159 22.48 -18.25 19.87
N GLY F 160 22.86 -19.13 20.80
CA GLY F 160 22.98 -20.56 20.50
C GLY F 160 24.22 -20.82 19.68
N THR F 161 24.02 -21.66 18.66
CA THR F 161 25.07 -22.00 17.69
C THR F 161 24.85 -21.28 16.35
N SER F 162 24.69 -19.96 16.38
CA SER F 162 24.25 -19.24 15.15
C SER F 162 25.00 -17.92 15.06
N ASP F 163 24.76 -17.16 13.99
CA ASP F 163 25.44 -15.86 13.80
C ASP F 163 24.61 -14.65 14.22
N LEU F 164 23.72 -14.86 15.19
CA LEU F 164 22.90 -13.80 15.71
C LEU F 164 23.71 -12.79 16.50
N VAL F 165 23.64 -11.53 16.10
CA VAL F 165 24.26 -10.45 16.83
C VAL F 165 23.21 -9.76 17.71
N LEU F 166 23.51 -9.59 19.00
CA LEU F 166 22.73 -8.75 19.86
C LEU F 166 23.55 -7.52 20.15
N PHE F 167 22.95 -6.35 19.93
CA PHE F 167 23.57 -5.06 20.21
C PHE F 167 23.07 -4.57 21.54
N PRO F 168 23.99 -4.30 22.46
CA PRO F 168 23.62 -3.71 23.74
C PRO F 168 22.88 -2.38 23.60
N SER F 169 21.75 -2.21 24.29
CA SER F 169 20.97 -0.97 24.19
C SER F 169 21.65 0.15 24.91
N VAL F 170 22.41 -0.21 25.94
CA VAL F 170 23.02 0.76 26.84
C VAL F 170 21.90 1.18 27.80
N VAL F 171 21.24 2.32 27.53
CA VAL F 171 19.94 2.65 28.14
C VAL F 171 18.88 1.69 27.68
N ASP F 172 17.66 1.90 28.14
CA ASP F 172 16.58 1.00 27.78
C ASP F 172 15.89 1.56 26.55
N ILE F 173 15.11 0.72 25.88
CA ILE F 173 14.33 1.12 24.69
C ILE F 173 13.08 1.98 25.02
N CYS F 174 13.27 3.19 25.55
CA CYS F 174 12.15 4.01 26.00
C CYS F 174 12.24 5.44 25.48
N GLY F 175 11.87 5.60 24.21
CA GLY F 175 11.87 6.92 23.58
C GLY F 175 13.18 7.23 22.90
N ILE F 176 13.09 7.92 21.79
CA ILE F 176 14.28 8.36 21.07
C ILE F 176 14.97 9.44 21.85
N ASN F 177 16.25 9.27 22.14
CA ASN F 177 17.00 10.29 22.87
C ASN F 177 18.51 10.27 22.59
N ASN F 178 19.18 11.41 22.82
CA ASN F 178 20.64 11.49 22.96
C ASN F 178 21.42 10.21 22.63
N VAL F 179 21.12 9.19 23.41
CA VAL F 179 21.89 7.97 23.47
C VAL F 179 21.23 6.88 22.63
N SER F 180 19.97 6.56 22.90
CA SER F 180 19.27 5.57 22.10
C SER F 180 19.16 6.04 20.63
N LYS F 181 19.42 7.31 20.37
CA LYS F 181 19.54 7.78 19.00
C LYS F 181 20.74 7.08 18.37
N VAL F 182 21.94 7.46 18.80
CA VAL F 182 23.15 6.94 18.22
C VAL F 182 23.31 5.43 18.37
N VAL F 183 22.46 4.75 19.15
CA VAL F 183 22.57 3.30 19.30
C VAL F 183 21.77 2.60 18.21
N LEU F 184 20.57 3.10 17.94
CA LEU F 184 19.71 2.58 16.87
C LEU F 184 20.30 2.96 15.50
N SER F 185 20.99 4.10 15.46
CA SER F 185 21.75 4.49 14.30
C SER F 185 22.83 3.44 14.00
N ASN F 186 23.85 3.35 14.86
CA ASN F 186 24.92 2.37 14.63
C ASN F 186 24.35 0.96 14.39
N ALA F 187 23.31 0.55 15.09
CA ALA F 187 22.78 -0.79 14.76
C ALA F 187 22.18 -0.79 13.40
N GLY F 188 21.84 0.40 12.88
CA GLY F 188 21.09 0.52 11.63
C GLY F 188 22.05 0.43 10.49
N ALA F 189 23.03 1.30 10.51
CA ALA F 189 24.12 1.26 9.58
C ALA F 189 24.72 -0.16 9.54
N ALA F 190 25.12 -0.67 10.69
CA ALA F 190 25.45 -2.09 10.86
C ALA F 190 24.67 -3.02 9.92
N PHE F 191 23.40 -3.28 10.21
CA PHE F 191 22.62 -4.25 9.47
C PHE F 191 22.53 -3.88 7.96
N ALA F 192 22.45 -2.57 7.69
CA ALA F 192 22.45 -2.07 6.30
C ALA F 192 23.68 -2.63 5.53
N GLY F 193 24.86 -2.16 5.92
CA GLY F 193 26.13 -2.81 5.59
C GLY F 193 26.13 -4.33 5.34
N MSE F 194 25.63 -5.11 6.29
CA MSE F 194 25.70 -6.54 6.14
C MSE F 194 24.88 -6.83 4.93
O MSE F 194 25.32 -7.49 4.01
CB MSE F 194 25.24 -7.39 7.36
CG MSE F 194 25.95 -6.92 8.68
SE MSE F 194 25.28 -7.85 10.30
CE MSE F 194 24.97 -9.62 9.48
N VAL F 195 23.67 -6.32 4.90
CA VAL F 195 22.76 -6.76 3.85
C VAL F 195 23.25 -6.37 2.45
N ILE F 196 23.82 -5.18 2.27
CA ILE F 196 24.30 -4.74 0.97
C ILE F 196 25.49 -5.57 0.54
N GLY F 197 26.53 -5.57 1.39
CA GLY F 197 27.76 -6.27 1.12
C GLY F 197 27.49 -7.67 0.67
N ARG F 198 26.57 -8.33 1.30
CA ARG F 198 26.25 -9.67 0.92
C ARG F 198 25.49 -9.64 -0.39
N LEU F 199 24.57 -8.70 -0.56
CA LEU F 199 23.82 -8.63 -1.81
C LEU F 199 24.81 -8.41 -2.96
N GLU F 200 25.49 -7.28 -2.92
CA GLU F 200 26.56 -6.92 -3.79
C GLU F 200 27.81 -7.86 -3.82
N SER F 201 27.72 -9.14 -3.43
CA SER F 201 28.94 -10.02 -3.46
C SER F 201 28.99 -10.93 -4.69
N PHE F 212 35.90 -26.69 -0.86
CA PHE F 212 35.30 -27.99 -0.54
C PHE F 212 35.69 -28.50 0.88
N THR F 213 34.79 -28.33 1.85
CA THR F 213 35.10 -28.63 3.26
C THR F 213 34.30 -29.82 3.80
N VAL F 214 34.87 -30.47 4.83
CA VAL F 214 34.35 -31.72 5.41
C VAL F 214 34.18 -31.51 6.91
N GLY F 215 33.28 -32.27 7.52
CA GLY F 215 33.01 -32.14 8.95
C GLY F 215 33.36 -33.38 9.75
N VAL F 216 33.90 -33.17 10.94
CA VAL F 216 34.52 -34.24 11.71
C VAL F 216 34.28 -34.04 13.18
N THR F 217 33.74 -35.07 13.82
CA THR F 217 33.54 -35.03 15.25
C THR F 217 34.73 -35.68 15.93
N MSE F 218 35.11 -35.14 17.07
CA MSE F 218 36.28 -35.60 17.80
C MSE F 218 35.98 -35.48 19.26
O MSE F 218 35.07 -34.76 19.64
CB MSE F 218 37.42 -34.67 17.39
CG MSE F 218 38.62 -34.57 18.35
SE MSE F 218 38.35 -33.36 19.91
CE MSE F 218 38.91 -31.68 19.06
N PHE F 219 36.74 -36.20 20.07
CA PHE F 219 36.79 -36.02 21.54
C PHE F 219 38.25 -36.27 21.96
N GLY F 220 38.59 -36.07 23.24
CA GLY F 220 39.97 -36.28 23.72
C GLY F 220 40.47 -37.61 23.21
N VAL F 221 39.91 -38.67 23.78
CA VAL F 221 40.32 -40.04 23.47
C VAL F 221 40.20 -40.48 21.99
N THR F 222 39.87 -39.58 21.06
CA THR F 222 39.82 -39.95 19.62
C THR F 222 40.77 -39.16 18.71
N THR F 223 41.55 -38.27 19.31
CA THR F 223 42.38 -37.36 18.54
C THR F 223 43.33 -38.09 17.56
N PRO F 224 43.98 -39.20 18.01
CA PRO F 224 44.80 -39.96 17.08
C PRO F 224 44.15 -40.12 15.71
N CYS F 225 42.91 -40.58 15.71
CA CYS F 225 42.19 -40.87 14.48
C CYS F 225 41.80 -39.61 13.74
N VAL F 226 41.21 -38.67 14.48
CA VAL F 226 40.71 -37.48 13.80
C VAL F 226 41.88 -36.81 13.07
N ASN F 227 42.95 -36.53 13.84
CA ASN F 227 44.22 -35.96 13.34
C ASN F 227 44.78 -36.74 12.18
N ALA F 228 44.84 -38.05 12.34
CA ALA F 228 45.20 -38.93 11.22
C ALA F 228 44.37 -38.63 9.96
N VAL F 229 43.04 -38.50 10.09
CA VAL F 229 42.18 -38.25 8.93
C VAL F 229 42.18 -36.75 8.52
N LYS F 230 42.28 -35.88 9.51
CA LYS F 230 42.37 -34.45 9.24
C LYS F 230 43.48 -34.20 8.22
N GLU F 231 44.68 -34.67 8.56
CA GLU F 231 45.89 -34.50 7.74
C GLU F 231 45.76 -35.13 6.38
N ARG F 232 45.30 -36.38 6.37
CA ARG F 232 45.12 -37.11 5.13
C ARG F 232 44.21 -36.34 4.19
N LEU F 233 43.03 -35.94 4.71
CA LEU F 233 42.01 -35.21 3.91
C LEU F 233 42.59 -33.94 3.29
N VAL F 234 43.37 -33.19 4.08
CA VAL F 234 44.07 -32.01 3.58
C VAL F 234 45.04 -32.32 2.43
N LYS F 235 45.62 -33.52 2.40
CA LYS F 235 46.51 -33.89 1.28
C LYS F 235 45.69 -34.31 0.08
N GLU F 236 44.53 -34.91 0.34
CA GLU F 236 43.56 -35.19 -0.71
C GLU F 236 42.94 -33.88 -1.29
N GLY F 237 43.25 -32.74 -0.66
CA GLY F 237 42.83 -31.41 -1.14
C GLY F 237 41.68 -30.77 -0.36
N TYR F 238 41.02 -31.56 0.47
CA TYR F 238 39.75 -31.20 1.10
C TYR F 238 40.05 -30.32 2.29
N GLU F 239 39.09 -29.50 2.68
CA GLU F 239 39.25 -28.63 3.81
C GLU F 239 38.48 -29.31 4.91
N THR F 240 38.85 -29.13 6.17
CA THR F 240 38.13 -29.84 7.23
C THR F 240 37.76 -28.93 8.40
N LEU F 241 36.65 -29.28 9.05
CA LEU F 241 36.15 -28.57 10.22
C LEU F 241 35.94 -29.56 11.30
N VAL F 242 36.64 -29.42 12.41
CA VAL F 242 36.59 -30.41 13.49
C VAL F 242 35.70 -29.95 14.65
N PHE F 243 34.71 -30.77 15.03
CA PHE F 243 33.79 -30.41 16.12
C PHE F 243 33.95 -31.31 17.30
N HIS F 244 34.03 -30.69 18.45
CA HIS F 244 34.17 -31.38 19.72
C HIS F 244 32.80 -31.85 20.05
N ALA F 245 32.66 -33.16 20.24
CA ALA F 245 31.37 -33.75 20.53
C ALA F 245 30.83 -33.41 21.95
N THR F 246 30.47 -32.15 22.18
CA THR F 246 29.80 -31.74 23.43
C THR F 246 28.26 -31.75 23.33
N GLY F 247 27.70 -32.36 22.29
CA GLY F 247 26.27 -32.24 22.02
C GLY F 247 26.06 -30.99 21.20
N VAL F 248 26.35 -29.82 21.81
CA VAL F 248 26.33 -28.52 21.12
C VAL F 248 27.06 -28.55 19.78
N GLY F 249 28.29 -29.06 19.77
CA GLY F 249 29.09 -29.15 18.55
C GLY F 249 28.48 -30.07 17.50
N GLY F 250 27.82 -31.12 17.96
CA GLY F 250 27.17 -32.05 17.03
C GLY F 250 26.06 -31.37 16.26
N ARG F 251 25.26 -30.58 16.97
CA ARG F 251 24.18 -29.81 16.36
C ARG F 251 24.77 -28.71 15.49
N ALA F 252 25.67 -27.91 16.08
CA ALA F 252 26.47 -26.92 15.34
C ALA F 252 26.94 -27.44 13.98
N MSE F 253 27.54 -28.63 13.98
CA MSE F 253 27.97 -29.28 12.76
C MSE F 253 26.79 -29.50 11.85
O MSE F 253 26.81 -29.10 10.69
CB MSE F 253 28.61 -30.64 13.02
CG MSE F 253 29.16 -31.21 11.73
SE MSE F 253 30.18 -32.83 12.09
CE MSE F 253 28.71 -34.14 11.98
N GLU F 254 25.76 -30.15 12.37
CA GLU F 254 24.63 -30.56 11.54
C GLU F 254 23.90 -29.37 10.95
N ASP F 255 23.67 -28.35 11.78
CA ASP F 255 23.16 -27.10 11.28
C ASP F 255 23.91 -26.64 10.03
N LEU F 256 25.24 -26.66 10.09
CA LEU F 256 26.07 -26.19 8.98
C LEU F 256 26.02 -27.10 7.77
N VAL F 257 25.67 -28.37 7.98
CA VAL F 257 25.45 -29.26 6.82
C VAL F 257 24.13 -28.89 6.16
N ARG F 258 23.16 -28.41 6.97
CA ARG F 258 21.92 -27.85 6.43
C ARG F 258 22.21 -26.49 5.83
N GLY F 259 22.77 -25.59 6.64
CA GLY F 259 23.29 -24.31 6.14
C GLY F 259 24.23 -24.46 4.95
N GLY F 260 24.46 -25.72 4.53
CA GLY F 260 25.15 -26.03 3.28
C GLY F 260 26.62 -25.67 3.25
N PHE F 261 27.24 -25.47 4.42
CA PHE F 261 28.67 -25.16 4.47
C PHE F 261 29.55 -26.42 4.54
N ILE F 262 28.95 -27.58 4.83
CA ILE F 262 29.67 -28.82 5.07
C ILE F 262 29.21 -29.90 4.11
N GLN F 263 30.00 -30.15 3.06
CA GLN F 263 29.60 -30.98 1.92
C GLN F 263 29.79 -32.51 2.15
N GLY F 264 30.17 -32.93 3.36
CA GLY F 264 30.23 -34.36 3.71
C GLY F 264 30.89 -34.54 5.05
N VAL F 265 30.40 -35.45 5.89
CA VAL F 265 30.97 -35.63 7.23
C VAL F 265 31.59 -37.01 7.46
N LEU F 266 32.57 -37.04 8.36
CA LEU F 266 33.21 -38.26 8.82
C LEU F 266 32.89 -38.33 10.30
N ASP F 267 31.64 -38.66 10.64
CA ASP F 267 31.29 -38.70 12.05
C ASP F 267 32.05 -39.85 12.71
N ILE F 268 33.17 -39.49 13.33
CA ILE F 268 34.11 -40.44 13.91
C ILE F 268 33.86 -40.55 15.40
N THR F 269 33.01 -39.70 15.95
CA THR F 269 32.84 -39.73 17.38
C THR F 269 31.38 -39.56 17.76
N THR F 270 30.76 -40.72 18.00
CA THR F 270 29.33 -40.81 18.23
C THR F 270 29.02 -40.92 19.73
N THR F 271 29.98 -40.58 20.59
CA THR F 271 29.76 -40.54 22.04
C THR F 271 28.57 -39.71 22.49
N GLU F 272 28.09 -38.83 21.63
CA GLU F 272 26.96 -37.98 21.98
C GLU F 272 25.71 -38.86 22.19
N VAL F 273 25.53 -39.82 21.29
CA VAL F 273 24.45 -40.81 21.34
C VAL F 273 24.37 -41.56 22.67
N ALA F 274 25.52 -41.84 23.27
CA ALA F 274 25.56 -42.43 24.61
C ALA F 274 24.91 -41.47 25.58
N ASP F 275 25.55 -40.32 25.82
CA ASP F 275 25.06 -39.37 26.83
C ASP F 275 23.54 -39.09 26.79
N TYR F 276 22.93 -39.29 25.63
CA TYR F 276 21.49 -39.12 25.45
C TYR F 276 20.72 -40.19 26.19
N VAL F 277 20.92 -41.45 25.79
CA VAL F 277 20.20 -42.60 26.35
C VAL F 277 20.40 -42.68 27.87
N VAL F 278 21.61 -42.44 28.33
CA VAL F 278 21.92 -42.52 29.73
C VAL F 278 21.65 -41.18 30.42
N GLY F 279 21.58 -40.11 29.65
CA GLY F 279 21.44 -38.78 30.21
C GLY F 279 22.75 -38.30 30.79
N GLY F 280 23.75 -38.15 29.91
CA GLY F 280 25.05 -37.60 30.26
C GLY F 280 25.05 -36.09 30.12
N VAL F 281 26.06 -35.43 30.70
CA VAL F 281 26.10 -33.96 30.76
C VAL F 281 26.45 -33.26 29.42
N MSE F 282 26.64 -34.02 28.36
CA MSE F 282 26.81 -33.47 27.02
C MSE F 282 26.20 -34.44 26.03
O MSE F 282 26.89 -35.14 25.25
CB MSE F 282 28.24 -33.05 26.72
CG MSE F 282 29.23 -34.17 26.61
SE MSE F 282 31.07 -33.50 26.78
CE MSE F 282 30.74 -31.84 27.80
N ALA F 283 24.88 -34.47 26.09
CA ALA F 283 24.08 -35.38 25.32
C ALA F 283 23.67 -34.73 24.01
N CYS F 284 23.51 -35.54 22.96
CA CYS F 284 22.84 -35.08 21.76
C CYS F 284 21.39 -35.19 22.09
N ASP F 285 20.53 -34.95 21.11
CA ASP F 285 19.11 -35.19 21.30
C ASP F 285 18.52 -35.98 20.13
N SER F 286 17.33 -36.52 20.38
CA SER F 286 16.63 -37.42 19.46
C SER F 286 16.93 -37.24 17.97
N SER F 287 17.13 -36.00 17.54
CA SER F 287 17.26 -35.67 16.12
C SER F 287 18.66 -35.86 15.53
N ARG F 288 19.60 -36.42 16.29
CA ARG F 288 20.95 -36.66 15.76
C ARG F 288 20.99 -37.36 14.39
N PHE F 289 21.89 -36.90 13.50
CA PHE F 289 22.13 -37.49 12.16
C PHE F 289 21.12 -37.08 11.10
N ASP F 290 19.88 -36.85 11.52
CA ASP F 290 18.79 -36.50 10.61
C ASP F 290 19.31 -35.57 9.51
N ALA F 291 19.92 -34.47 9.93
CA ALA F 291 20.31 -33.41 9.02
C ALA F 291 21.21 -33.91 7.89
N ILE F 292 22.16 -34.78 8.26
CA ILE F 292 23.18 -35.31 7.32
C ILE F 292 22.49 -36.08 6.19
N LEU F 293 21.60 -36.97 6.60
CA LEU F 293 20.86 -37.81 5.68
C LEU F 293 20.05 -36.92 4.74
N GLU F 294 19.14 -36.15 5.34
CA GLU F 294 18.28 -35.22 4.61
C GLU F 294 18.99 -34.35 3.56
N LYS F 295 20.29 -34.11 3.70
CA LYS F 295 21.04 -33.39 2.64
C LYS F 295 21.76 -34.33 1.66
N LYS F 296 21.65 -35.64 1.88
CA LYS F 296 22.23 -36.66 1.00
C LYS F 296 23.74 -36.46 0.80
N ILE F 297 24.41 -35.98 1.84
CA ILE F 297 25.86 -35.80 1.80
C ILE F 297 26.52 -37.15 2.05
N PRO F 298 27.69 -37.39 1.42
CA PRO F 298 28.46 -38.59 1.72
C PRO F 298 28.82 -38.69 3.22
N LEU F 299 28.49 -39.80 3.87
CA LEU F 299 28.67 -39.91 5.30
C LEU F 299 29.37 -41.20 5.70
N VAL F 300 30.65 -41.11 6.11
CA VAL F 300 31.35 -42.21 6.81
C VAL F 300 31.19 -42.01 8.32
N LEU F 301 30.81 -43.07 9.03
CA LEU F 301 30.49 -42.95 10.44
C LEU F 301 31.16 -44.07 11.20
N SER F 302 31.39 -43.88 12.49
CA SER F 302 31.97 -44.92 13.34
C SER F 302 31.60 -44.71 14.80
N VAL F 303 32.39 -45.29 15.70
CA VAL F 303 31.90 -45.60 17.03
C VAL F 303 32.81 -45.07 18.12
N GLY F 304 33.45 -43.94 17.84
CA GLY F 304 34.40 -43.37 18.78
C GLY F 304 33.78 -43.02 20.11
N ALA F 305 34.39 -43.45 21.19
CA ALA F 305 33.97 -43.08 22.53
C ALA F 305 32.52 -43.51 22.84
N LEU F 306 32.07 -44.59 22.21
CA LEU F 306 30.79 -45.24 22.59
C LEU F 306 30.96 -46.01 23.87
N ASP F 307 32.23 -46.24 24.21
CA ASP F 307 32.66 -46.77 25.49
C ASP F 307 32.48 -45.85 26.68
N MSE F 308 31.80 -44.71 26.54
CA MSE F 308 31.73 -43.78 27.65
C MSE F 308 30.57 -42.83 27.58
O MSE F 308 30.00 -42.62 26.51
CB MSE F 308 33.04 -42.99 27.73
CG MSE F 308 33.43 -42.44 26.36
SE MSE F 308 35.12 -41.46 26.53
CE MSE F 308 36.32 -42.99 26.86
N VAL F 309 30.22 -42.30 28.75
CA VAL F 309 29.28 -41.19 28.89
C VAL F 309 29.83 -40.24 29.99
N ASN F 310 29.51 -38.95 29.90
CA ASN F 310 30.27 -37.90 30.62
C ASN F 310 29.49 -37.24 31.76
N PHE F 311 30.08 -37.24 32.95
CA PHE F 311 29.52 -36.56 34.14
C PHE F 311 30.59 -35.70 34.83
N ASN F 330 39.53 -36.25 35.28
CA ASN F 330 39.25 -34.85 35.60
C ASN F 330 38.39 -34.70 36.86
N GLU F 331 38.42 -33.50 37.46
CA GLU F 331 37.52 -33.13 38.56
C GLU F 331 36.13 -32.83 38.03
N GLN F 332 36.06 -31.85 37.12
CA GLN F 332 34.79 -31.29 36.64
C GLN F 332 34.03 -32.27 35.75
N VAL F 333 34.74 -33.30 35.27
CA VAL F 333 34.12 -34.39 34.51
C VAL F 333 34.70 -35.75 34.92
N SER F 334 33.97 -36.80 34.57
CA SER F 334 34.37 -38.19 34.85
C SER F 334 33.50 -39.07 33.98
N LEU F 335 34.06 -40.16 33.49
CA LEU F 335 33.38 -41.01 32.50
C LEU F 335 32.94 -42.34 33.13
N MSE F 336 31.97 -43.00 32.50
CA MSE F 336 31.47 -44.31 32.96
C MSE F 336 31.48 -45.23 31.77
O MSE F 336 31.04 -44.85 30.67
CB MSE F 336 30.04 -44.15 33.54
CG MSE F 336 29.38 -45.43 34.07
SE MSE F 336 27.39 -45.37 33.99
CE MSE F 336 27.12 -44.18 35.54
N ARG F 337 31.96 -46.46 31.96
CA ARG F 337 32.02 -47.43 30.86
C ARG F 337 30.60 -47.86 30.52
N THR F 338 30.22 -47.76 29.25
CA THR F 338 28.90 -48.22 28.82
C THR F 338 28.81 -49.71 29.01
N THR F 339 27.69 -50.18 29.55
CA THR F 339 27.44 -51.62 29.74
C THR F 339 27.06 -52.25 28.37
N VAL F 340 27.22 -53.57 28.25
CA VAL F 340 27.26 -54.22 26.92
C VAL F 340 25.91 -54.24 26.17
N GLY F 341 24.82 -54.04 26.92
CA GLY F 341 23.49 -53.88 26.34
C GLY F 341 23.25 -52.44 25.89
N GLU F 342 23.61 -51.49 26.75
CA GLU F 342 23.63 -50.08 26.39
C GLU F 342 24.19 -49.97 24.98
N ASN F 343 25.33 -50.61 24.75
CA ASN F 343 25.96 -50.62 23.42
C ASN F 343 25.06 -51.13 22.29
N LYS F 344 24.30 -52.19 22.56
CA LYS F 344 23.34 -52.73 21.59
C LYS F 344 22.27 -51.68 21.21
N LYS F 345 21.75 -50.96 22.21
CA LYS F 345 20.76 -49.90 21.99
C LYS F 345 21.27 -48.84 21.03
N PHE F 346 22.54 -48.49 21.21
CA PHE F 346 23.24 -47.43 20.45
C PHE F 346 23.23 -47.71 18.95
N ALA F 347 23.39 -48.99 18.61
CA ALA F 347 23.32 -49.42 17.22
C ALA F 347 21.90 -49.26 16.63
N ALA F 348 20.88 -49.40 17.48
CA ALA F 348 19.48 -49.22 17.07
C ALA F 348 19.23 -47.78 16.64
N PHE F 349 19.41 -46.85 17.59
CA PHE F 349 19.38 -45.42 17.29
C PHE F 349 20.01 -45.16 15.92
N ILE F 350 21.25 -45.60 15.77
CA ILE F 350 22.04 -45.34 14.57
C ILE F 350 21.44 -46.02 13.35
N ALA F 351 21.21 -47.34 13.44
CA ALA F 351 20.72 -48.13 12.29
C ALA F 351 19.35 -47.66 11.81
N GLU F 352 18.45 -47.39 12.75
CA GLU F 352 17.16 -46.79 12.43
C GLU F 352 17.38 -45.48 11.66
N LYS F 353 18.23 -44.63 12.22
CA LYS F 353 18.57 -43.33 11.64
C LYS F 353 19.46 -43.47 10.38
N LEU F 354 20.18 -44.59 10.28
CA LEU F 354 21.04 -44.86 9.12
C LEU F 354 20.22 -45.37 7.95
N ASN F 355 19.39 -46.39 8.20
CA ASN F 355 18.60 -47.03 7.14
C ASN F 355 17.93 -45.98 6.22
N LYS F 356 17.54 -44.83 6.79
CA LYS F 356 16.85 -43.77 6.04
C LYS F 356 17.66 -43.07 4.91
N ALA F 357 18.85 -43.57 4.60
CA ALA F 357 19.70 -42.91 3.61
C ALA F 357 19.14 -43.11 2.21
N SER F 358 19.04 -42.01 1.46
CA SER F 358 18.66 -42.03 0.04
C SER F 358 19.88 -41.80 -0.89
N SER F 359 21.07 -41.69 -0.28
CA SER F 359 22.34 -41.60 -1.02
C SER F 359 23.46 -42.29 -0.24
N SER F 360 24.65 -42.32 -0.85
CA SER F 360 25.77 -43.12 -0.37
C SER F 360 26.13 -42.93 1.12
N VAL F 361 26.35 -44.06 1.80
CA VAL F 361 26.78 -44.10 3.20
C VAL F 361 27.61 -45.36 3.46
N CYS F 362 28.52 -45.28 4.42
CA CYS F 362 29.42 -46.38 4.75
C CYS F 362 29.84 -46.32 6.22
N VAL F 363 29.55 -47.34 7.00
CA VAL F 363 30.10 -47.39 8.34
C VAL F 363 31.51 -47.97 8.24
N CYS F 364 32.38 -47.62 9.19
CA CYS F 364 33.68 -48.27 9.40
C CYS F 364 33.78 -48.70 10.87
N LEU F 365 33.97 -50.00 11.11
CA LEU F 365 33.96 -50.58 12.46
C LEU F 365 35.37 -51.01 12.92
N PRO F 366 35.86 -50.40 14.00
CA PRO F 366 37.19 -50.71 14.49
C PRO F 366 37.16 -51.93 15.41
N GLU F 367 37.56 -53.08 14.88
CA GLU F 367 37.43 -54.34 15.59
C GLU F 367 38.06 -54.36 16.98
N LYS F 368 39.29 -53.86 17.11
CA LYS F 368 40.06 -53.98 18.37
C LYS F 368 39.66 -53.04 19.52
N GLY F 369 38.86 -52.03 19.22
CA GLY F 369 38.43 -51.08 20.22
C GLY F 369 38.03 -49.78 19.58
N VAL F 370 37.43 -48.90 20.37
CA VAL F 370 36.81 -47.68 19.85
C VAL F 370 37.27 -46.40 20.57
N SER F 371 38.44 -46.46 21.21
CA SER F 371 38.89 -45.35 22.03
C SER F 371 40.28 -45.57 22.63
N ALA F 372 40.91 -44.49 23.07
CA ALA F 372 42.18 -44.53 23.80
C ALA F 372 42.00 -45.17 25.16
N LEU F 373 40.85 -44.92 25.80
CA LEU F 373 40.44 -45.66 27.02
C LEU F 373 39.88 -47.07 26.72
N ASP F 374 39.30 -47.29 25.53
CA ASP F 374 38.96 -48.67 25.08
C ASP F 374 40.12 -49.31 24.26
N ALA F 375 41.16 -49.70 24.99
CA ALA F 375 42.40 -50.18 24.38
C ALA F 375 43.07 -51.28 25.20
N PRO F 376 43.71 -52.22 24.48
CA PRO F 376 44.72 -53.05 25.10
C PRO F 376 45.56 -52.28 26.12
N GLY F 377 45.39 -52.65 27.39
CA GLY F 377 46.15 -52.10 28.49
C GLY F 377 45.37 -51.07 29.28
N LYS F 378 44.16 -50.75 28.83
CA LYS F 378 43.49 -49.51 29.28
C LYS F 378 42.19 -49.68 30.06
N ASP F 379 42.03 -48.79 31.04
CA ASP F 379 40.92 -48.79 32.01
C ASP F 379 39.58 -49.32 31.51
N PHE F 380 39.20 -48.94 30.29
CA PHE F 380 37.85 -49.19 29.76
C PHE F 380 37.83 -50.25 28.66
N TYR F 381 38.66 -51.29 28.80
CA TYR F 381 38.67 -52.36 27.80
C TYR F 381 37.56 -53.37 28.09
N ASP F 382 36.91 -53.83 27.04
CA ASP F 382 35.76 -54.74 27.13
C ASP F 382 35.36 -55.10 25.69
N PRO F 383 35.99 -56.16 25.14
CA PRO F 383 35.80 -56.53 23.72
C PRO F 383 34.47 -57.25 23.42
N GLU F 384 33.72 -57.63 24.46
CA GLU F 384 32.32 -58.04 24.31
C GLU F 384 31.53 -56.82 23.81
N ALA F 385 31.51 -55.79 24.66
CA ALA F 385 30.86 -54.52 24.38
C ALA F 385 30.88 -54.20 22.90
N THR F 386 32.06 -54.29 22.31
CA THR F 386 32.31 -53.82 20.95
C THR F 386 31.84 -54.79 19.87
N SER F 387 32.02 -56.10 20.10
CA SER F 387 31.61 -57.13 19.12
C SER F 387 30.10 -57.35 19.09
N CYS F 388 29.46 -57.11 20.23
CA CYS F 388 28.00 -56.95 20.27
C CYS F 388 27.66 -55.82 19.31
N LEU F 389 28.28 -54.68 19.59
CA LEU F 389 28.05 -53.44 18.88
C LEU F 389 28.35 -53.56 17.38
N THR F 390 29.51 -54.13 17.04
CA THR F 390 29.96 -54.30 15.64
C THR F 390 28.97 -55.12 14.82
N ARG F 391 28.71 -56.33 15.31
CA ARG F 391 27.77 -57.23 14.67
C ARG F 391 26.38 -56.61 14.67
N GLU F 392 25.90 -56.24 15.86
CA GLU F 392 24.58 -55.62 16.01
C GLU F 392 24.24 -54.77 14.80
N LEU F 393 25.20 -53.95 14.38
CA LEU F 393 25.03 -53.04 13.24
C LEU F 393 25.05 -53.72 11.86
N GLN F 394 26.05 -54.55 11.58
CA GLN F 394 26.15 -55.21 10.26
C GLN F 394 24.98 -56.17 10.02
N MSE F 395 24.37 -56.63 11.12
CA MSE F 395 23.10 -57.35 11.10
C MSE F 395 21.98 -56.39 10.70
O MSE F 395 21.25 -56.64 9.74
CB MSE F 395 22.83 -57.96 12.48
CG MSE F 395 21.53 -58.75 12.67
SE MSE F 395 21.38 -59.34 14.38
CE MSE F 395 19.60 -59.25 14.61
N LEU F 396 21.88 -55.27 11.43
CA LEU F 396 20.82 -54.27 11.22
C LEU F 396 20.92 -53.52 9.88
N LEU F 397 22.09 -53.54 9.25
CA LEU F 397 22.34 -52.76 8.03
C LEU F 397 22.53 -53.64 6.80
N GLU F 398 22.42 -54.95 6.93
CA GLU F 398 22.63 -55.85 5.79
C GLU F 398 21.58 -55.65 4.71
N ASN F 399 20.31 -55.83 5.08
CA ASN F 399 19.17 -55.60 4.18
C ASN F 399 19.00 -54.12 3.83
N ASN F 400 19.60 -53.25 4.64
CA ASN F 400 19.87 -51.88 4.23
C ASN F 400 21.08 -51.85 3.29
N GLU F 401 20.85 -52.17 2.02
CA GLU F 401 21.89 -52.11 0.99
C GLU F 401 22.02 -50.69 0.41
N ARG F 402 21.69 -49.68 1.22
CA ARG F 402 22.03 -48.28 0.91
C ARG F 402 23.26 -47.82 1.72
N CYS F 403 23.95 -48.80 2.32
CA CYS F 403 25.00 -48.56 3.32
C CYS F 403 26.03 -49.71 3.26
N GLN F 404 27.28 -49.38 2.90
CA GLN F 404 28.34 -50.40 2.89
C GLN F 404 29.06 -50.42 4.22
N VAL F 405 28.82 -51.45 5.03
CA VAL F 405 29.44 -51.56 6.34
C VAL F 405 30.77 -52.28 6.19
N LYS F 406 31.75 -51.94 7.05
CA LYS F 406 33.09 -52.57 7.05
C LYS F 406 33.52 -52.87 8.48
N VAL F 407 34.07 -54.06 8.68
CA VAL F 407 34.67 -54.40 9.95
C VAL F 407 36.14 -54.62 9.70
N LEU F 408 36.93 -53.58 9.99
CA LEU F 408 38.38 -53.61 9.78
C LEU F 408 39.08 -54.00 11.09
N PRO F 409 40.12 -54.85 10.99
CA PRO F 409 40.73 -55.58 12.12
C PRO F 409 41.53 -54.74 13.12
N TYR F 410 41.42 -53.41 13.03
CA TYR F 410 42.28 -52.51 13.80
C TYR F 410 41.54 -51.85 14.96
N HIS F 411 42.29 -51.07 15.70
CA HIS F 411 41.76 -50.18 16.69
C HIS F 411 41.55 -48.86 15.98
N ILE F 412 40.74 -47.98 16.58
CA ILE F 412 40.32 -46.71 15.96
C ILE F 412 41.51 -45.75 15.71
N ASN F 413 42.51 -45.83 16.59
CA ASN F 413 43.65 -44.92 16.57
C ASN F 413 44.84 -45.34 15.67
N ASP F 414 44.86 -46.59 15.21
CA ASP F 414 45.82 -47.00 14.20
C ASP F 414 45.66 -46.15 12.95
N ALA F 415 46.79 -45.69 12.40
CA ALA F 415 46.77 -44.85 11.20
C ALA F 415 46.33 -45.60 9.95
N GLU F 416 46.15 -46.92 10.07
CA GLU F 416 45.54 -47.68 8.96
C GLU F 416 44.00 -47.62 9.00
N PHE F 417 43.41 -47.48 10.20
CA PHE F 417 41.96 -47.31 10.32
C PHE F 417 41.52 -45.95 9.84
N ALA F 418 42.29 -44.93 10.24
CA ALA F 418 42.13 -43.59 9.71
C ALA F 418 42.33 -43.56 8.20
N ASN F 419 43.10 -44.49 7.67
CA ASN F 419 43.17 -44.68 6.22
C ASN F 419 41.85 -45.20 5.71
N ALA F 420 41.45 -46.38 6.18
CA ALA F 420 40.14 -46.92 5.86
C ALA F 420 39.14 -45.76 5.75
N LEU F 421 38.82 -45.15 6.90
CA LEU F 421 37.91 -44.02 6.93
C LEU F 421 38.08 -43.20 5.68
N VAL F 422 39.17 -42.46 5.58
CA VAL F 422 39.38 -41.57 4.44
C VAL F 422 39.36 -42.26 3.07
N ASP F 423 39.64 -43.57 3.04
CA ASP F 423 39.54 -44.35 1.81
C ASP F 423 38.05 -44.54 1.47
N SER F 424 37.29 -45.11 2.40
CA SER F 424 35.84 -45.30 2.24
C SER F 424 35.23 -44.05 1.60
N PHE F 425 35.51 -42.93 2.25
CA PHE F 425 34.94 -41.66 1.89
C PHE F 425 35.30 -41.27 0.45
N LEU F 426 36.54 -41.51 0.02
CA LEU F 426 37.02 -40.93 -1.26
C LEU F 426 36.46 -41.61 -2.51
N GLU F 427 36.03 -42.86 -2.36
CA GLU F 427 35.26 -43.56 -3.37
C GLU F 427 33.84 -42.97 -3.47
N ILE F 428 33.29 -42.56 -2.32
CA ILE F 428 31.93 -42.02 -2.23
C ILE F 428 31.80 -40.56 -2.71
N SER F 429 32.69 -39.69 -2.25
CA SER F 429 32.58 -38.27 -2.59
C SER F 429 32.93 -38.01 -4.06
N PRO F 430 32.47 -36.86 -4.60
CA PRO F 430 32.88 -36.43 -5.93
C PRO F 430 34.42 -36.37 -6.12
O1 TLA G . -33.57 24.19 48.92
O11 TLA G . -35.70 24.72 49.10
C1 TLA G . -34.79 23.90 48.86
C2 TLA G . -35.21 22.51 48.46
O2 TLA G . -36.52 22.28 49.00
C3 TLA G . -34.20 21.45 48.92
O3 TLA G . -33.22 22.04 49.78
C4 TLA G . -34.83 20.27 49.59
O4 TLA G . -34.44 19.84 50.70
O41 TLA G . -35.76 19.70 48.99
O1 TLA H . -8.83 -0.41 22.20
O11 TLA H . -9.09 -1.28 24.18
C1 TLA H . -8.48 -0.48 23.42
C2 TLA H . -7.37 0.40 24.00
O2 TLA H . -6.27 0.63 23.10
C3 TLA H . -6.72 -0.23 25.23
O3 TLA H . -5.43 0.39 25.43
C4 TLA H . -7.56 -0.07 26.47
O4 TLA H . -7.85 1.08 26.87
O41 TLA H . -7.98 -1.08 27.09
#